data_6RJ4
#
_entry.id   6RJ4
#
_cell.length_a   188.680
_cell.length_b   188.680
_cell.length_c   188.630
_cell.angle_alpha   90.00
_cell.angle_beta   90.00
_cell.angle_gamma   120.00
#
_symmetry.space_group_name_H-M   'P 64 2 2'
#
loop_
_entity.id
_entity.type
_entity.pdbx_description
1 polymer 'Molybdenum storage protein subunit beta'
2 polymer 'Molybdenum storage protein subunit alpha'
3 non-polymer "ADENOSINE-5'-DIPHOSPHATE"
4 non-polymer 'PHOSPHATE ION'
5 non-polymer 'SODIUM ION'
6 non-polymer "ADENOSINE-5'-TRIPHOSPHATE"
7 non-polymer 'MAGNESIUM ION'
8 water water
#
loop_
_entity_poly.entity_id
_entity_poly.type
_entity_poly.pdbx_seq_one_letter_code
_entity_poly.pdbx_strand_id
1 'polypeptide(L)'
;ANSTAELEELLMQRSLTDPQLQAAAAAAADFRILPDATVIKIGGQSVIDRGRAAVYPLVDEIVAARKNHKLLIGTGAGTR
ARHLYSIAAGLGLPAGVLAQLGSSVADQNAAMLGQLLAKHGIPVVGGAGLSAVPLSLAEVNAVVFSGMPPYKLWMRPAAE
GVIPPYRTDAGCFLLAEQFGCKQMIFVKDEDGLYTANPKTSKDATFIPRISVDEMKAKGLHDSILEFPVLDLLQSAQHVR
EVQVVNGLVPGNLTRALAGEHVGTIITAS
;
B,D,F
2 'polypeptide(L)'
;TDTTNSIKHVISPLARQTLQDRDLTRPVAGKRPIRLLPWLQVVKIGGRVMDRGADAILPLVEELRKLLPEHRLLILTGAG
VRARHVFSVGLDLGLPVGSLAPLAASEAGQNGHILAAMLASEGVSYVEHPTVADQLAIHLSATRAVVGSAFPPYHHHEFP
GSRIPPHRADTGAFLLADAFGAAGLTIVENVDGIYTADPNGPDRGQARFLPETSATDLAKSEGPLPVDRALLDVMATARH
IERVQVVNGLVPGRLTAALRGEHVGTLIRTGVRPA
;
A,C,E
#
loop_
_chem_comp.id
_chem_comp.type
_chem_comp.name
_chem_comp.formula
ADP non-polymer ADENOSINE-5'-DIPHOSPHATE 'C10 H15 N5 O10 P2'
ATP non-polymer ADENOSINE-5'-TRIPHOSPHATE 'C10 H16 N5 O13 P3'
MG non-polymer 'MAGNESIUM ION' 'Mg 2'
NA non-polymer 'SODIUM ION' 'Na 1'
PO4 non-polymer 'PHOSPHATE ION' 'O4 P -3'
#
# COMPACT_ATOMS: atom_id res chain seq x y z
N ALA A 1 -31.63 -12.84 -26.13
CA ALA A 1 -30.74 -11.70 -26.29
C ALA A 1 -31.32 -10.41 -25.70
N ASN A 2 -32.64 -10.23 -25.81
CA ASN A 2 -33.36 -9.15 -25.13
C ASN A 2 -32.81 -7.79 -25.51
N SER A 3 -33.01 -6.77 -24.65
CA SER A 3 -32.66 -5.40 -25.02
C SER A 3 -31.92 -4.69 -23.88
N THR A 4 -31.28 -3.58 -24.25
CA THR A 4 -30.63 -2.70 -23.29
C THR A 4 -31.63 -2.16 -22.26
N ALA A 5 -32.80 -1.69 -22.74
CA ALA A 5 -33.78 -1.12 -21.83
C ALA A 5 -34.34 -2.18 -20.89
N GLU A 6 -34.44 -3.44 -21.36
CA GLU A 6 -35.01 -4.47 -20.50
C GLU A 6 -33.99 -4.97 -19.49
N LEU A 7 -32.74 -5.14 -19.91
CA LEU A 7 -31.68 -5.42 -18.95
C LEU A 7 -31.60 -4.32 -17.90
N GLU A 8 -31.65 -3.06 -18.33
CA GLU A 8 -31.59 -1.94 -17.39
C GLU A 8 -32.75 -2.00 -16.40
N GLU A 9 -33.97 -2.13 -16.91
CA GLU A 9 -35.14 -2.30 -16.05
C GLU A 9 -34.95 -3.43 -15.05
N LEU A 10 -34.52 -4.60 -15.53
CA LEU A 10 -34.34 -5.74 -14.63
C LEU A 10 -33.25 -5.45 -13.59
N LEU A 11 -32.14 -4.86 -14.02
CA LEU A 11 -31.06 -4.57 -13.08
C LEU A 11 -31.50 -3.63 -11.97
N MET A 12 -32.35 -2.65 -12.27
CA MET A 12 -32.75 -1.69 -11.25
C MET A 12 -33.83 -2.24 -10.31
N GLN A 13 -34.62 -3.21 -10.75
CA GLN A 13 -35.83 -3.60 -10.02
C GLN A 13 -35.71 -4.91 -9.27
N ARG A 14 -35.07 -5.92 -9.85
CA ARG A 14 -35.11 -7.27 -9.31
C ARG A 14 -33.88 -7.53 -8.45
N SER A 15 -33.97 -8.60 -7.65
CA SER A 15 -32.77 -9.15 -7.04
C SER A 15 -31.83 -9.67 -8.12
N LEU A 16 -30.53 -9.60 -7.85
CA LEU A 16 -29.56 -10.19 -8.78
C LEU A 16 -29.72 -11.70 -8.88
N THR A 17 -30.45 -12.32 -7.95
CA THR A 17 -30.78 -13.74 -8.02
C THR A 17 -31.96 -14.04 -8.95
N ASP A 18 -32.61 -13.03 -9.50
CA ASP A 18 -33.79 -13.26 -10.31
C ASP A 18 -33.39 -13.95 -11.62
N PRO A 19 -33.97 -15.11 -11.94
CA PRO A 19 -33.57 -15.80 -13.18
C PRO A 19 -33.79 -14.97 -14.43
N GLN A 20 -34.78 -14.08 -14.42
CA GLN A 20 -35.02 -13.22 -15.57
C GLN A 20 -33.88 -12.22 -15.75
N LEU A 21 -33.38 -11.67 -14.64
CA LEU A 21 -32.22 -10.78 -14.73
C LEU A 21 -30.96 -11.56 -15.13
N GLN A 22 -30.77 -12.74 -14.54
CA GLN A 22 -29.62 -13.57 -14.90
C GLN A 22 -29.60 -13.87 -16.40
N ALA A 23 -30.77 -14.22 -16.97
CA ALA A 23 -30.82 -14.55 -18.38
C ALA A 23 -30.53 -13.33 -19.24
N ALA A 24 -31.02 -12.15 -18.83
CA ALA A 24 -30.79 -10.94 -19.61
C ALA A 24 -29.32 -10.53 -19.57
N ALA A 25 -28.67 -10.64 -18.40
CA ALA A 25 -27.25 -10.36 -18.33
C ALA A 25 -26.45 -11.33 -19.19
N ALA A 26 -26.92 -12.58 -19.33
CA ALA A 26 -26.22 -13.56 -20.15
C ALA A 26 -26.20 -13.19 -21.62
N ALA A 27 -27.07 -12.29 -22.05
CA ALA A 27 -27.13 -11.85 -23.43
C ALA A 27 -26.21 -10.67 -23.73
N ALA A 28 -25.59 -10.08 -22.71
CA ALA A 28 -24.70 -8.95 -22.90
C ALA A 28 -23.54 -9.31 -23.83
N ALA A 29 -23.01 -8.29 -24.52
CA ALA A 29 -21.83 -8.50 -25.35
C ALA A 29 -20.67 -9.04 -24.52
N ASP A 30 -19.76 -9.69 -25.23
CA ASP A 30 -18.61 -10.36 -24.60
C ASP A 30 -17.31 -9.78 -25.13
N PHE A 31 -16.64 -8.98 -24.30
CA PHE A 31 -15.36 -8.38 -24.65
C PHE A 31 -14.23 -9.23 -24.09
N ARG A 32 -13.22 -9.49 -24.94
CA ARG A 32 -12.01 -10.19 -24.52
C ARG A 32 -10.92 -9.14 -24.28
N ILE A 33 -10.44 -9.06 -23.03
CA ILE A 33 -9.53 -7.97 -22.65
C ILE A 33 -8.15 -8.15 -23.27
N LEU A 34 -7.59 -9.36 -23.22
CA LEU A 34 -6.28 -9.65 -23.80
C LEU A 34 -6.39 -10.88 -24.71
N PRO A 35 -7.10 -10.75 -25.83
CA PRO A 35 -7.37 -11.93 -26.66
C PRO A 35 -6.13 -12.56 -27.28
N ASP A 36 -5.03 -11.83 -27.40
CA ASP A 36 -3.83 -12.36 -28.05
C ASP A 36 -2.84 -12.94 -27.05
N ALA A 37 -3.16 -12.90 -25.77
CA ALA A 37 -2.26 -13.38 -24.74
C ALA A 37 -2.54 -14.85 -24.41
N THR A 38 -1.51 -15.51 -23.87
CA THR A 38 -1.56 -16.88 -23.43
C THR A 38 -1.15 -16.96 -21.97
N VAL A 39 -1.92 -17.69 -21.15
CA VAL A 39 -1.55 -17.92 -19.76
C VAL A 39 -0.88 -19.26 -19.69
N ILE A 40 0.29 -19.31 -19.06
CA ILE A 40 0.94 -20.58 -18.79
C ILE A 40 1.18 -20.68 -17.30
N LYS A 41 0.98 -21.87 -16.76
CA LYS A 41 1.37 -22.14 -15.38
C LYS A 41 2.67 -22.92 -15.38
N ILE A 42 3.65 -22.42 -14.66
CA ILE A 42 4.88 -23.18 -14.40
C ILE A 42 4.70 -23.89 -13.07
N GLY A 43 4.67 -25.21 -13.10
CA GLY A 43 4.43 -26.01 -11.90
C GLY A 43 5.29 -25.67 -10.71
N GLY A 44 4.69 -25.68 -9.52
CA GLY A 44 5.45 -25.50 -8.30
C GLY A 44 6.20 -26.77 -7.94
N GLN A 45 5.45 -27.77 -7.49
CA GLN A 45 6.04 -29.05 -7.12
C GLN A 45 6.65 -29.73 -8.34
N SER A 46 6.01 -29.61 -9.49
CA SER A 46 6.43 -30.38 -10.67
C SER A 46 7.62 -29.75 -11.38
N VAL A 47 7.84 -28.44 -11.25
CA VAL A 47 8.92 -27.79 -12.00
C VAL A 47 9.84 -26.95 -11.12
N ILE A 48 9.30 -25.91 -10.48
CA ILE A 48 10.19 -24.97 -9.80
C ILE A 48 10.89 -25.64 -8.61
N ASP A 49 10.17 -26.48 -7.86
CA ASP A 49 10.82 -27.24 -6.78
C ASP A 49 11.97 -28.10 -7.28
N ARG A 50 12.03 -28.41 -8.58
CA ARG A 50 13.12 -29.23 -9.09
C ARG A 50 14.40 -28.43 -9.32
N GLY A 51 14.34 -27.10 -9.27
CA GLY A 51 15.55 -26.30 -9.39
C GLY A 51 16.03 -26.13 -10.82
N ARG A 52 17.35 -25.94 -10.95
CA ARG A 52 17.97 -25.46 -12.18
C ARG A 52 17.70 -26.40 -13.36
N ALA A 53 17.81 -27.71 -13.14
CA ALA A 53 17.69 -28.67 -14.25
C ALA A 53 16.33 -28.57 -14.95
N ALA A 54 15.29 -28.22 -14.21
CA ALA A 54 13.95 -28.05 -14.77
C ALA A 54 13.68 -26.61 -15.19
N VAL A 55 14.14 -25.65 -14.38
CA VAL A 55 13.75 -24.27 -14.57
C VAL A 55 14.55 -23.61 -15.69
N TYR A 56 15.86 -23.85 -15.74
CA TYR A 56 16.69 -23.13 -16.71
C TYR A 56 16.30 -23.45 -18.16
N PRO A 57 16.05 -24.70 -18.55
CA PRO A 57 15.60 -24.92 -19.94
C PRO A 57 14.29 -24.22 -20.23
N LEU A 58 13.39 -24.11 -19.24
CA LEU A 58 12.11 -23.47 -19.48
C LEU A 58 12.25 -21.96 -19.56
N VAL A 59 13.19 -21.38 -18.79
CA VAL A 59 13.51 -19.96 -18.97
C VAL A 59 13.91 -19.69 -20.41
N ASP A 60 14.77 -20.55 -20.98
CA ASP A 60 15.18 -20.39 -22.39
C ASP A 60 13.99 -20.43 -23.33
N GLU A 61 13.07 -21.37 -23.13
CA GLU A 61 11.89 -21.44 -24.00
C GLU A 61 11.04 -20.19 -23.88
N ILE A 62 10.89 -19.67 -22.65
CA ILE A 62 10.09 -18.46 -22.43
C ILE A 62 10.74 -17.27 -23.14
N VAL A 63 12.05 -17.12 -23.02
CA VAL A 63 12.74 -16.01 -23.65
C VAL A 63 12.60 -16.09 -25.18
N ALA A 64 12.74 -17.29 -25.72
CA ALA A 64 12.56 -17.45 -27.15
C ALA A 64 11.10 -17.25 -27.54
N ALA A 65 10.18 -17.69 -26.69
CA ALA A 65 8.76 -17.67 -27.05
C ALA A 65 8.20 -16.27 -27.10
N ARG A 66 8.70 -15.37 -26.26
CA ARG A 66 8.02 -14.09 -26.19
C ARG A 66 8.26 -13.23 -27.44
N LYS A 67 9.07 -13.70 -28.36
CA LYS A 67 9.23 -13.03 -29.67
C LYS A 67 8.00 -13.29 -30.55
N ASN A 68 7.25 -14.36 -30.31
CA ASN A 68 6.10 -14.74 -31.10
C ASN A 68 4.79 -14.77 -30.33
N HIS A 69 4.83 -14.67 -29.00
CA HIS A 69 3.63 -14.83 -28.19
C HIS A 69 3.64 -13.80 -27.09
N LYS A 70 2.44 -13.49 -26.58
CA LYS A 70 2.30 -12.65 -25.39
C LYS A 70 1.94 -13.55 -24.22
N LEU A 71 2.80 -13.58 -23.21
CA LEU A 71 2.75 -14.60 -22.16
C LEU A 71 2.42 -13.97 -20.82
N LEU A 72 1.43 -14.54 -20.13
CA LEU A 72 1.24 -14.32 -18.69
C LEU A 72 1.65 -15.61 -17.99
N ILE A 73 2.73 -15.55 -17.21
CA ILE A 73 3.39 -16.74 -16.67
C ILE A 73 3.11 -16.79 -15.17
N GLY A 74 2.26 -17.72 -14.74
CA GLY A 74 1.93 -17.90 -13.34
C GLY A 74 2.70 -19.06 -12.73
N THR A 75 3.01 -18.95 -11.43
CA THR A 75 3.79 -19.94 -10.71
C THR A 75 2.90 -20.75 -9.76
N GLY A 76 3.18 -22.05 -9.67
CA GLY A 76 2.64 -22.87 -8.61
C GLY A 76 3.37 -22.63 -7.30
N ALA A 77 2.93 -23.33 -6.26
CA ALA A 77 3.53 -23.18 -4.94
C ALA A 77 4.38 -24.39 -4.57
N GLY A 78 3.80 -25.58 -4.46
CA GLY A 78 4.62 -26.76 -4.30
C GLY A 78 4.90 -27.19 -2.86
N THR A 79 6.10 -27.74 -2.62
N THR A 79 6.11 -27.73 -2.66
CA THR A 79 6.29 -28.51 -1.39
CA THR A 79 6.43 -28.47 -1.45
C THR A 79 6.32 -27.64 -0.13
C THR A 79 6.25 -27.62 -0.20
N ARG A 80 6.74 -26.38 -0.24
CA ARG A 80 6.69 -25.54 0.96
C ARG A 80 5.25 -25.22 1.34
N ALA A 81 4.35 -25.12 0.35
CA ALA A 81 2.94 -24.92 0.67
C ALA A 81 2.36 -26.17 1.29
N ARG A 82 2.77 -27.35 0.79
N ARG A 82 2.75 -27.34 0.78
CA ARG A 82 2.31 -28.59 1.41
CA ARG A 82 2.32 -28.59 1.42
C ARG A 82 2.75 -28.67 2.87
C ARG A 82 2.73 -28.62 2.88
N HIS A 83 3.95 -28.18 3.17
CA HIS A 83 4.43 -28.19 4.55
C HIS A 83 3.60 -27.25 5.42
N LEU A 84 3.35 -26.01 4.92
CA LEU A 84 2.53 -25.07 5.67
C LEU A 84 1.13 -25.64 5.89
N TYR A 85 0.54 -26.23 4.86
CA TYR A 85 -0.79 -26.81 5.02
C TYR A 85 -0.78 -27.92 6.07
N SER A 86 0.27 -28.75 6.09
CA SER A 86 0.34 -29.81 7.10
CA SER A 86 0.34 -29.81 7.10
C SER A 86 0.38 -29.23 8.51
N ILE A 87 1.27 -28.26 8.75
CA ILE A 87 1.37 -27.64 10.08
C ILE A 87 0.02 -27.02 10.46
N ALA A 88 -0.53 -26.19 9.56
CA ALA A 88 -1.75 -25.45 9.89
C ALA A 88 -2.95 -26.37 10.00
N ALA A 89 -3.07 -27.36 9.10
CA ALA A 89 -4.18 -28.30 9.23
C ALA A 89 -4.11 -29.05 10.56
N GLY A 90 -2.90 -29.43 10.98
CA GLY A 90 -2.75 -30.13 12.24
C GLY A 90 -3.16 -29.30 13.45
N LEU A 91 -3.15 -27.97 13.32
CA LEU A 91 -3.55 -27.06 14.38
C LEU A 91 -5.04 -26.78 14.37
N GLY A 92 -5.79 -27.35 13.44
CA GLY A 92 -7.20 -27.04 13.28
C GLY A 92 -7.50 -25.73 12.60
N LEU A 93 -6.59 -25.19 11.82
CA LEU A 93 -6.91 -23.92 11.19
C LEU A 93 -7.73 -24.15 9.92
N PRO A 94 -8.62 -23.22 9.59
CA PRO A 94 -9.52 -23.41 8.45
C PRO A 94 -8.87 -23.04 7.12
N ALA A 95 -9.58 -23.39 6.05
CA ALA A 95 -9.05 -23.20 4.70
C ALA A 95 -8.71 -21.73 4.43
N GLY A 96 -9.53 -20.81 4.96
CA GLY A 96 -9.26 -19.38 4.77
C GLY A 96 -7.94 -18.93 5.35
N VAL A 97 -7.49 -19.54 6.45
CA VAL A 97 -6.16 -19.25 6.97
C VAL A 97 -5.08 -19.91 6.12
N LEU A 98 -5.26 -21.18 5.76
CA LEU A 98 -4.27 -21.88 4.94
C LEU A 98 -4.05 -21.18 3.60
N ALA A 99 -5.08 -20.54 3.06
CA ALA A 99 -4.97 -19.94 1.73
C ALA A 99 -3.85 -18.90 1.68
N GLN A 100 -3.77 -18.03 2.69
N GLN A 100 -3.76 -18.05 2.71
CA GLN A 100 -2.70 -17.03 2.70
CA GLN A 100 -2.73 -17.02 2.75
C GLN A 100 -1.34 -17.71 2.71
C GLN A 100 -1.34 -17.64 2.82
N LEU A 101 -1.20 -18.79 3.48
CA LEU A 101 0.09 -19.47 3.56
C LEU A 101 0.53 -19.96 2.19
N GLY A 102 -0.39 -20.54 1.42
CA GLY A 102 -0.05 -21.01 0.09
C GLY A 102 0.30 -19.88 -0.86
N SER A 103 -0.38 -18.73 -0.72
N SER A 103 -0.35 -18.72 -0.70
CA SER A 103 -0.08 -17.56 -1.54
CA SER A 103 -0.07 -17.59 -1.58
C SER A 103 1.37 -17.13 -1.41
C SER A 103 1.36 -17.10 -1.41
N SER A 104 1.88 -17.10 -0.17
CA SER A 104 3.24 -16.65 0.04
C SER A 104 4.25 -17.54 -0.69
N VAL A 105 3.96 -18.84 -0.81
CA VAL A 105 4.91 -19.74 -1.46
C VAL A 105 4.88 -19.53 -2.96
N ALA A 106 3.69 -19.33 -3.54
CA ALA A 106 3.64 -18.98 -4.95
C ALA A 106 4.34 -17.65 -5.21
N ASP A 107 4.24 -16.70 -4.25
CA ASP A 107 4.99 -15.45 -4.36
C ASP A 107 6.49 -15.70 -4.43
N GLN A 108 7.00 -16.56 -3.55
CA GLN A 108 8.42 -16.91 -3.57
C GLN A 108 8.84 -17.42 -4.94
N ASN A 109 8.06 -18.35 -5.49
CA ASN A 109 8.42 -18.94 -6.78
C ASN A 109 8.38 -17.91 -7.89
N ALA A 110 7.41 -17.00 -7.84
CA ALA A 110 7.34 -15.95 -8.86
C ALA A 110 8.55 -15.04 -8.76
N ALA A 111 8.99 -14.74 -7.53
CA ALA A 111 10.17 -13.89 -7.39
C ALA A 111 11.41 -14.58 -7.93
N MET A 112 11.55 -15.90 -7.69
CA MET A 112 12.74 -16.60 -8.16
C MET A 112 12.74 -16.67 -9.68
N LEU A 113 11.63 -17.09 -10.28
CA LEU A 113 11.54 -17.14 -11.73
C LEU A 113 11.71 -15.75 -12.32
N GLY A 114 11.08 -14.74 -11.70
CA GLY A 114 11.21 -13.38 -12.21
C GLY A 114 12.63 -12.88 -12.22
N GLN A 115 13.41 -13.21 -11.18
CA GLN A 115 14.79 -12.76 -11.16
C GLN A 115 15.64 -13.41 -12.27
N LEU A 116 15.28 -14.63 -12.68
CA LEU A 116 15.95 -15.24 -13.85
C LEU A 116 15.55 -14.56 -15.16
N LEU A 117 14.40 -13.89 -15.20
CA LEU A 117 13.94 -13.27 -16.43
C LEU A 117 14.14 -11.77 -16.46
N ALA A 118 14.60 -11.16 -15.36
CA ALA A 118 14.64 -9.71 -15.27
C ALA A 118 15.54 -9.09 -16.34
N LYS A 119 16.67 -9.72 -16.66
CA LYS A 119 17.56 -9.13 -17.65
C LYS A 119 16.96 -9.15 -19.05
N HIS A 120 15.87 -9.89 -19.27
CA HIS A 120 15.16 -9.84 -20.53
C HIS A 120 14.02 -8.83 -20.50
N GLY A 121 13.91 -8.05 -19.43
CA GLY A 121 12.90 -7.03 -19.33
C GLY A 121 11.59 -7.49 -18.74
N ILE A 122 11.48 -8.77 -18.38
CA ILE A 122 10.22 -9.36 -17.96
C ILE A 122 10.03 -9.11 -16.48
N PRO A 123 8.94 -8.44 -16.09
CA PRO A 123 8.72 -8.11 -14.67
C PRO A 123 7.87 -9.16 -13.97
N VAL A 124 7.92 -9.12 -12.65
CA VAL A 124 6.93 -9.80 -11.81
C VAL A 124 5.86 -8.79 -11.48
N VAL A 125 4.60 -9.17 -11.67
CA VAL A 125 3.50 -8.24 -11.46
C VAL A 125 2.61 -8.80 -10.37
N GLY A 126 2.05 -7.89 -9.58
CA GLY A 126 1.18 -8.28 -8.50
C GLY A 126 0.23 -7.16 -8.16
N GLY A 127 -0.25 -7.17 -6.93
CA GLY A 127 -1.23 -6.20 -6.50
C GLY A 127 -2.63 -6.58 -6.94
N ALA A 128 -3.65 -6.11 -6.21
CA ALA A 128 -5.02 -6.54 -6.47
C ALA A 128 -5.41 -6.36 -7.94
N GLY A 129 -4.99 -5.25 -8.55
CA GLY A 129 -5.42 -4.92 -9.89
C GLY A 129 -4.54 -5.38 -11.04
N LEU A 130 -3.37 -5.96 -10.77
CA LEU A 130 -2.42 -6.34 -11.81
C LEU A 130 -2.19 -5.18 -12.79
N SER A 131 -1.97 -3.99 -12.22
CA SER A 131 -1.94 -2.77 -13.01
C SER A 131 -0.79 -2.76 -14.01
N ALA A 132 0.29 -3.51 -13.75
CA ALA A 132 1.44 -3.46 -14.63
C ALA A 132 1.33 -4.39 -15.83
N VAL A 133 0.26 -5.18 -15.92
CA VAL A 133 0.17 -6.16 -17.02
C VAL A 133 0.12 -5.50 -18.39
N PRO A 134 -0.77 -4.51 -18.66
CA PRO A 134 -0.90 -4.04 -20.05
C PRO A 134 0.37 -3.44 -20.64
N LEU A 135 1.06 -2.59 -19.89
CA LEU A 135 2.30 -2.02 -20.42
C LEU A 135 3.34 -3.09 -20.63
N SER A 136 3.46 -4.03 -19.69
CA SER A 136 4.50 -5.04 -19.79
C SER A 136 4.25 -5.96 -20.99
N LEU A 137 3.00 -6.41 -21.18
CA LEU A 137 2.69 -7.28 -22.31
C LEU A 137 2.93 -6.59 -23.64
N ALA A 138 2.57 -5.31 -23.73
CA ALA A 138 2.79 -4.58 -24.98
C ALA A 138 4.28 -4.44 -25.27
N GLU A 139 5.09 -4.29 -24.23
CA GLU A 139 6.47 -3.86 -24.42
C GLU A 139 7.48 -5.00 -24.47
N VAL A 140 7.41 -5.96 -23.54
CA VAL A 140 8.32 -7.09 -23.55
C VAL A 140 7.61 -8.43 -23.74
N ASN A 141 6.29 -8.43 -23.97
CA ASN A 141 5.52 -9.60 -24.36
C ASN A 141 5.41 -10.66 -23.27
N ALA A 142 5.77 -10.35 -22.03
CA ALA A 142 5.67 -11.36 -20.98
C ALA A 142 5.63 -10.70 -19.61
N VAL A 143 4.94 -11.34 -18.68
CA VAL A 143 4.91 -10.97 -17.27
C VAL A 143 4.90 -12.25 -16.46
N VAL A 144 5.46 -12.19 -15.27
CA VAL A 144 5.38 -13.27 -14.30
C VAL A 144 4.43 -12.84 -13.19
N PHE A 145 3.56 -13.75 -12.75
CA PHE A 145 2.66 -13.47 -11.65
C PHE A 145 2.56 -14.69 -10.76
N SER A 146 2.15 -14.46 -9.52
CA SER A 146 1.95 -15.54 -8.57
C SER A 146 0.59 -16.19 -8.82
N GLY A 147 0.56 -17.52 -8.85
CA GLY A 147 -0.61 -18.26 -9.28
C GLY A 147 -1.72 -18.49 -8.28
N MET A 148 -1.57 -18.09 -7.01
CA MET A 148 -2.65 -18.31 -6.05
C MET A 148 -3.78 -17.32 -6.27
N PRO A 149 -5.03 -17.74 -6.16
CA PRO A 149 -6.13 -16.77 -6.18
C PRO A 149 -6.08 -15.92 -4.91
N PRO A 150 -6.64 -14.72 -4.95
CA PRO A 150 -6.48 -13.79 -3.82
C PRO A 150 -7.54 -13.94 -2.75
N TYR A 151 -8.14 -15.14 -2.63
CA TYR A 151 -9.33 -15.29 -1.80
C TYR A 151 -9.01 -15.13 -0.32
N LYS A 152 -7.83 -15.57 0.10
CA LYS A 152 -7.33 -15.38 1.48
C LYS A 152 -8.37 -15.95 2.43
N LEU A 153 -8.80 -15.19 3.45
CA LEU A 153 -9.74 -15.69 4.45
C LEU A 153 -11.10 -16.02 3.87
N TRP A 154 -11.44 -15.47 2.69
CA TRP A 154 -12.69 -15.74 2.00
C TRP A 154 -12.60 -16.95 1.06
N MET A 155 -11.51 -17.73 1.14
CA MET A 155 -11.39 -18.98 0.39
C MET A 155 -12.59 -19.88 0.66
N ARG A 156 -13.22 -20.37 -0.41
CA ARG A 156 -14.25 -21.39 -0.24
C ARG A 156 -13.61 -22.70 0.18
N PRO A 157 -14.05 -23.33 1.27
CA PRO A 157 -13.50 -24.62 1.65
C PRO A 157 -14.05 -25.75 0.78
N ALA A 158 -13.30 -26.84 0.76
CA ALA A 158 -13.79 -28.08 0.16
C ALA A 158 -14.85 -28.71 1.06
N ALA A 159 -15.55 -29.70 0.51
CA ALA A 159 -16.57 -30.39 1.30
C ALA A 159 -15.95 -31.13 2.48
N GLU A 160 -14.69 -31.56 2.35
CA GLU A 160 -13.98 -32.28 3.39
C GLU A 160 -12.57 -31.71 3.54
N GLY A 161 -12.14 -31.51 4.79
CA GLY A 161 -10.79 -31.04 5.07
C GLY A 161 -10.63 -29.55 4.91
N VAL A 162 -9.44 -29.07 5.30
CA VAL A 162 -9.16 -27.65 5.34
C VAL A 162 -8.14 -27.24 4.26
N ILE A 163 -7.74 -28.15 3.40
CA ILE A 163 -6.85 -27.76 2.30
C ILE A 163 -7.62 -26.86 1.33
N PRO A 164 -7.09 -25.71 0.96
CA PRO A 164 -7.81 -24.83 0.04
C PRO A 164 -7.99 -25.51 -1.31
N PRO A 165 -9.24 -25.62 -1.78
CA PRO A 165 -9.47 -26.36 -3.03
C PRO A 165 -9.13 -25.56 -4.27
N TYR A 166 -9.10 -24.24 -4.19
CA TYR A 166 -8.72 -23.37 -5.31
C TYR A 166 -7.28 -22.94 -5.06
N ARG A 167 -6.34 -23.51 -5.82
CA ARG A 167 -4.95 -23.15 -5.62
C ARG A 167 -4.38 -22.64 -6.93
N THR A 168 -3.11 -22.94 -7.23
CA THR A 168 -2.48 -22.24 -8.35
C THR A 168 -2.97 -22.70 -9.73
N ASP A 169 -3.49 -23.93 -9.88
CA ASP A 169 -4.18 -24.26 -11.13
C ASP A 169 -5.36 -23.31 -11.34
N ALA A 170 -6.21 -23.17 -10.32
CA ALA A 170 -7.38 -22.32 -10.44
C ALA A 170 -6.99 -20.85 -10.62
N GLY A 171 -5.99 -20.40 -9.87
CA GLY A 171 -5.54 -19.02 -9.99
C GLY A 171 -5.07 -18.68 -11.40
N CYS A 172 -4.31 -19.58 -12.02
CA CYS A 172 -3.87 -19.31 -13.39
C CYS A 172 -5.04 -19.41 -14.35
N PHE A 173 -5.86 -20.46 -14.22
CA PHE A 173 -6.96 -20.64 -15.16
C PHE A 173 -7.91 -19.46 -15.15
N LEU A 174 -8.24 -18.96 -13.95
CA LEU A 174 -9.20 -17.86 -13.85
C LEU A 174 -8.68 -16.58 -14.48
N LEU A 175 -7.36 -16.34 -14.44
CA LEU A 175 -6.84 -15.16 -15.12
C LEU A 175 -6.96 -15.30 -16.64
N ALA A 176 -6.67 -16.50 -17.17
CA ALA A 176 -6.87 -16.72 -18.60
C ALA A 176 -8.32 -16.50 -18.98
N GLU A 177 -9.24 -16.99 -18.13
CA GLU A 177 -10.66 -16.81 -18.40
C GLU A 177 -11.04 -15.35 -18.31
N GLN A 178 -10.61 -14.67 -17.23
CA GLN A 178 -10.98 -13.27 -17.05
C GLN A 178 -10.49 -12.40 -18.19
N PHE A 179 -9.24 -12.59 -18.64
CA PHE A 179 -8.70 -11.75 -19.71
C PHE A 179 -9.08 -12.25 -21.12
N GLY A 180 -9.82 -13.34 -21.22
CA GLY A 180 -10.24 -13.80 -22.54
C GLY A 180 -9.10 -14.28 -23.39
N CYS A 181 -8.07 -14.84 -22.77
CA CYS A 181 -6.86 -15.24 -23.46
C CYS A 181 -7.15 -16.36 -24.45
N LYS A 182 -6.26 -16.48 -25.44
CA LYS A 182 -6.52 -17.48 -26.48
C LYS A 182 -6.20 -18.90 -26.05
N GLN A 183 -5.35 -19.11 -25.05
CA GLN A 183 -5.17 -20.47 -24.55
C GLN A 183 -4.58 -20.44 -23.15
N MET A 184 -4.68 -21.61 -22.50
CA MET A 184 -4.18 -21.86 -21.15
C MET A 184 -3.37 -23.14 -21.20
N ILE A 185 -2.08 -23.05 -20.84
CA ILE A 185 -1.17 -24.19 -20.87
C ILE A 185 -0.64 -24.41 -19.46
N PHE A 186 -0.80 -25.64 -18.94
CA PHE A 186 -0.21 -26.04 -17.66
C PHE A 186 1.08 -26.82 -17.95
N VAL A 187 2.19 -26.34 -17.42
CA VAL A 187 3.49 -26.98 -17.61
C VAL A 187 3.79 -27.81 -16.37
N LYS A 188 3.91 -29.12 -16.54
CA LYS A 188 4.15 -30.03 -15.42
C LYS A 188 5.36 -30.89 -15.75
N ASP A 189 5.46 -32.05 -15.10
CA ASP A 189 6.62 -32.92 -15.20
C ASP A 189 6.25 -34.30 -15.74
N GLU A 190 5.07 -34.42 -16.34
CA GLU A 190 4.63 -35.62 -17.03
C GLU A 190 4.03 -35.22 -18.36
N ASP A 191 3.97 -36.18 -19.30
CA ASP A 191 3.46 -35.87 -20.64
C ASP A 191 2.03 -35.38 -20.63
N GLY A 192 1.27 -35.71 -19.60
CA GLY A 192 -0.12 -35.29 -19.50
C GLY A 192 -0.87 -36.21 -18.56
N LEU A 193 -2.15 -36.39 -18.85
CA LEU A 193 -2.99 -37.24 -18.02
C LEU A 193 -2.75 -38.72 -18.35
N TYR A 194 -2.66 -39.55 -17.32
CA TYR A 194 -2.63 -40.99 -17.48
C TYR A 194 -3.82 -41.60 -16.74
N THR A 195 -4.12 -42.86 -17.06
CA THR A 195 -5.23 -43.55 -16.39
C THR A 195 -4.99 -43.72 -14.89
N ALA A 196 -3.73 -43.64 -14.47
CA ALA A 196 -3.37 -43.60 -13.06
C ALA A 196 -2.10 -42.77 -12.96
N ASN A 197 -1.73 -42.42 -11.73
CA ASN A 197 -0.53 -41.64 -11.48
C ASN A 197 0.67 -42.36 -12.10
N PRO A 198 1.29 -41.80 -13.15
CA PRO A 198 2.39 -42.53 -13.80
C PRO A 198 3.60 -42.71 -12.92
N LYS A 199 3.74 -41.89 -11.86
CA LYS A 199 4.86 -42.07 -10.94
C LYS A 199 4.71 -43.34 -10.11
N THR A 200 3.47 -43.73 -9.81
CA THR A 200 3.23 -44.85 -8.90
C THR A 200 2.51 -46.03 -9.55
N SER A 201 2.20 -45.96 -10.84
CA SER A 201 1.64 -47.09 -11.59
C SER A 201 2.48 -47.31 -12.84
N LYS A 202 3.11 -48.49 -12.94
CA LYS A 202 4.06 -48.72 -14.01
C LYS A 202 3.40 -48.94 -15.37
N ASP A 203 2.11 -49.29 -15.40
CA ASP A 203 1.44 -49.60 -16.67
C ASP A 203 0.26 -48.68 -16.94
N ALA A 204 0.36 -47.44 -16.46
CA ALA A 204 -0.68 -46.45 -16.75
C ALA A 204 -0.70 -46.09 -18.23
N THR A 205 -1.90 -45.85 -18.74
CA THR A 205 -2.14 -45.53 -20.14
C THR A 205 -2.24 -44.01 -20.33
N PHE A 206 -1.45 -43.47 -21.26
CA PHE A 206 -1.49 -42.04 -21.54
C PHE A 206 -2.81 -41.65 -22.22
N ILE A 207 -3.35 -40.50 -21.84
CA ILE A 207 -4.60 -40.00 -22.38
C ILE A 207 -4.34 -38.67 -23.09
N PRO A 208 -4.32 -38.66 -24.43
CA PRO A 208 -4.01 -37.41 -25.14
C PRO A 208 -5.14 -36.39 -25.14
N ARG A 209 -6.38 -36.81 -25.00
CA ARG A 209 -7.52 -35.91 -25.15
C ARG A 209 -8.69 -36.44 -24.35
N ILE A 210 -9.32 -35.58 -23.55
CA ILE A 210 -10.40 -36.04 -22.69
C ILE A 210 -11.31 -34.86 -22.38
N SER A 211 -12.60 -35.15 -22.24
CA SER A 211 -13.57 -34.19 -21.73
C SER A 211 -13.61 -34.23 -20.20
N VAL A 212 -14.11 -33.14 -19.62
CA VAL A 212 -14.31 -33.07 -18.18
C VAL A 212 -15.20 -34.20 -17.70
N ASP A 213 -16.32 -34.44 -18.41
CA ASP A 213 -17.25 -35.46 -17.94
C ASP A 213 -16.63 -36.85 -17.99
N GLU A 214 -15.77 -37.10 -18.98
CA GLU A 214 -15.08 -38.38 -19.04
C GLU A 214 -14.02 -38.49 -17.94
N MET A 215 -13.33 -37.39 -17.63
CA MET A 215 -12.41 -37.41 -16.50
C MET A 215 -13.14 -37.79 -15.22
N LYS A 216 -14.32 -37.19 -15.00
CA LYS A 216 -15.07 -37.52 -13.80
C LYS A 216 -15.54 -38.96 -13.81
N ALA A 217 -15.98 -39.45 -14.98
CA ALA A 217 -16.42 -40.83 -15.07
C ALA A 217 -15.30 -41.80 -14.75
N LYS A 218 -14.05 -41.47 -15.11
CA LYS A 218 -12.91 -42.34 -14.88
C LYS A 218 -12.28 -42.13 -13.50
N GLY A 219 -12.87 -41.29 -12.66
CA GLY A 219 -12.27 -41.02 -11.36
C GLY A 219 -10.99 -40.22 -11.41
N LEU A 220 -10.77 -39.45 -12.48
CA LEU A 220 -9.58 -38.64 -12.67
C LEU A 220 -9.83 -37.16 -12.39
N HIS A 221 -10.92 -36.84 -11.67
CA HIS A 221 -11.30 -35.45 -11.49
C HIS A 221 -10.25 -34.67 -10.70
N ASP A 222 -9.54 -35.33 -9.78
CA ASP A 222 -8.51 -34.69 -8.98
C ASP A 222 -7.15 -35.34 -9.22
N SER A 223 -6.83 -35.60 -10.48
N SER A 223 -6.86 -35.59 -10.49
CA SER A 223 -5.56 -36.24 -10.81
CA SER A 223 -5.62 -36.24 -10.90
C SER A 223 -4.53 -35.22 -11.28
C SER A 223 -4.58 -35.21 -11.28
N ILE A 224 -4.68 -34.71 -12.50
CA ILE A 224 -3.65 -33.84 -13.06
C ILE A 224 -3.90 -32.37 -12.75
N LEU A 225 -5.15 -31.96 -12.56
CA LEU A 225 -5.47 -30.60 -12.11
C LEU A 225 -6.32 -30.63 -10.84
N GLU A 226 -6.23 -29.54 -10.07
CA GLU A 226 -7.16 -29.32 -8.96
C GLU A 226 -8.59 -29.52 -9.45
N PHE A 227 -9.36 -30.34 -8.73
CA PHE A 227 -10.66 -30.75 -9.24
C PHE A 227 -11.63 -29.58 -9.51
N PRO A 228 -11.67 -28.48 -8.75
CA PRO A 228 -12.59 -27.39 -9.13
C PRO A 228 -12.30 -26.80 -10.50
N VAL A 229 -11.06 -26.88 -10.98
CA VAL A 229 -10.74 -26.31 -12.29
C VAL A 229 -11.60 -26.96 -13.38
N LEU A 230 -11.92 -28.25 -13.23
CA LEU A 230 -12.76 -28.90 -14.25
C LEU A 230 -14.16 -28.30 -14.28
N ASP A 231 -14.68 -27.90 -13.12
CA ASP A 231 -15.98 -27.25 -13.09
C ASP A 231 -15.89 -25.80 -13.57
N LEU A 232 -14.80 -25.11 -13.19
CA LEU A 232 -14.56 -23.77 -13.74
C LEU A 232 -14.45 -23.82 -15.26
N LEU A 233 -13.81 -24.86 -15.79
CA LEU A 233 -13.68 -25.00 -17.23
C LEU A 233 -15.06 -25.13 -17.90
N GLN A 234 -15.96 -25.92 -17.31
CA GLN A 234 -17.30 -26.05 -17.88
C GLN A 234 -18.14 -24.79 -17.73
N SER A 235 -17.81 -23.93 -16.76
CA SER A 235 -18.49 -22.64 -16.60
C SER A 235 -17.87 -21.54 -17.44
N ALA A 236 -16.67 -21.78 -17.99
CA ALA A 236 -15.91 -20.68 -18.59
C ALA A 236 -16.60 -20.11 -19.82
N GLN A 237 -16.43 -18.82 -20.00
CA GLN A 237 -16.97 -18.13 -21.21
C GLN A 237 -15.92 -18.08 -22.33
N HIS A 238 -14.63 -18.07 -21.99
CA HIS A 238 -13.59 -17.79 -22.97
C HIS A 238 -12.60 -18.92 -23.19
N VAL A 239 -12.24 -19.65 -22.15
CA VAL A 239 -11.26 -20.71 -22.23
C VAL A 239 -12.02 -22.00 -21.96
N ARG A 240 -12.34 -22.74 -23.03
CA ARG A 240 -13.17 -23.93 -22.95
C ARG A 240 -12.35 -25.21 -23.08
N GLU A 241 -11.04 -25.10 -23.22
CA GLU A 241 -10.14 -26.23 -23.16
C GLU A 241 -8.81 -25.72 -22.62
N VAL A 242 -8.03 -26.66 -22.10
CA VAL A 242 -6.67 -26.38 -21.66
C VAL A 242 -5.77 -27.50 -22.17
N GLN A 243 -4.47 -27.23 -22.20
CA GLN A 243 -3.49 -28.27 -22.52
C GLN A 243 -2.48 -28.39 -21.39
N VAL A 244 -2.19 -29.62 -20.99
CA VAL A 244 -1.17 -29.93 -19.99
C VAL A 244 -0.01 -30.57 -20.71
N VAL A 245 1.21 -30.05 -20.50
CA VAL A 245 2.38 -30.55 -21.22
C VAL A 245 3.53 -30.80 -20.25
N ASN A 246 4.48 -31.62 -20.71
CA ASN A 246 5.65 -31.98 -19.92
C ASN A 246 6.73 -30.90 -20.12
N GLY A 247 6.94 -30.08 -19.11
CA GLY A 247 7.97 -29.04 -19.20
C GLY A 247 9.38 -29.56 -19.09
N LEU A 248 9.57 -30.82 -18.69
CA LEU A 248 10.89 -31.43 -18.66
C LEU A 248 11.35 -31.90 -20.03
N VAL A 249 10.48 -31.86 -21.04
CA VAL A 249 10.84 -32.26 -22.40
C VAL A 249 11.06 -31.00 -23.22
N PRO A 250 12.26 -30.75 -23.73
CA PRO A 250 12.53 -29.51 -24.48
C PRO A 250 11.57 -29.33 -25.66
N GLY A 251 11.05 -28.12 -25.79
CA GLY A 251 10.22 -27.76 -26.92
C GLY A 251 8.72 -27.95 -26.69
N ASN A 252 8.32 -28.71 -25.67
CA ASN A 252 6.89 -28.93 -25.46
C ASN A 252 6.14 -27.64 -25.22
N LEU A 253 6.67 -26.76 -24.36
CA LEU A 253 6.02 -25.47 -24.15
C LEU A 253 5.99 -24.66 -25.43
N THR A 254 7.12 -24.60 -26.13
CA THR A 254 7.22 -23.87 -27.38
C THR A 254 6.19 -24.35 -28.41
N ARG A 255 6.05 -25.67 -28.54
CA ARG A 255 5.11 -26.19 -29.53
C ARG A 255 3.67 -25.96 -29.10
N ALA A 256 3.37 -26.16 -27.81
CA ALA A 256 2.02 -25.92 -27.32
C ALA A 256 1.62 -24.45 -27.52
N LEU A 257 2.56 -23.52 -27.31
CA LEU A 257 2.30 -22.10 -27.56
C LEU A 257 1.90 -21.87 -29.01
N ALA A 258 2.53 -22.58 -29.94
CA ALA A 258 2.17 -22.47 -31.35
C ALA A 258 0.90 -23.23 -31.68
N GLY A 259 0.22 -23.82 -30.70
CA GLY A 259 -1.05 -24.50 -30.95
C GLY A 259 -0.93 -25.96 -31.28
N GLU A 260 0.23 -26.56 -31.11
CA GLU A 260 0.40 -27.98 -31.39
C GLU A 260 -0.04 -28.82 -30.20
N HIS A 261 -0.60 -29.98 -30.50
CA HIS A 261 -1.05 -30.93 -29.47
C HIS A 261 0.13 -31.82 -29.10
N VAL A 262 0.72 -31.59 -27.92
CA VAL A 262 1.93 -32.33 -27.53
C VAL A 262 1.75 -32.99 -26.17
N GLY A 263 0.66 -32.67 -25.49
CA GLY A 263 0.38 -33.30 -24.21
C GLY A 263 -1.04 -33.81 -24.12
N THR A 264 -1.74 -33.49 -23.05
CA THR A 264 -3.17 -33.80 -22.90
C THR A 264 -3.99 -32.54 -23.07
N ILE A 265 -4.97 -32.60 -23.96
CA ILE A 265 -5.97 -31.55 -24.10
C ILE A 265 -7.20 -31.98 -23.33
N ILE A 266 -7.64 -31.13 -22.40
CA ILE A 266 -8.85 -31.34 -21.62
C ILE A 266 -9.87 -30.33 -22.11
N THR A 267 -11.05 -30.82 -22.47
CA THR A 267 -12.10 -29.97 -23.02
C THR A 267 -13.30 -29.95 -22.09
N ALA A 268 -13.99 -28.80 -22.09
CA ALA A 268 -15.17 -28.65 -21.25
C ALA A 268 -16.25 -29.66 -21.62
N SER A 269 -16.45 -29.89 -22.92
CA SER A 269 -17.49 -30.78 -23.41
C SER A 269 -16.91 -31.95 -24.22
N ARG B 32 -13.34 -30.56 13.64
CA ARG B 32 -13.53 -29.38 12.81
C ARG B 32 -12.56 -28.26 13.22
N PRO B 33 -12.45 -27.20 12.39
CA PRO B 33 -11.48 -26.14 12.68
C PRO B 33 -11.74 -25.45 14.00
N ILE B 34 -10.67 -24.93 14.60
CA ILE B 34 -10.83 -24.07 15.77
C ILE B 34 -11.57 -22.81 15.34
N ARG B 35 -12.22 -22.17 16.30
CA ARG B 35 -12.84 -20.87 16.07
C ARG B 35 -11.82 -19.78 16.36
N LEU B 36 -11.61 -18.89 15.39
CA LEU B 36 -10.63 -17.83 15.54
C LEU B 36 -11.12 -16.74 16.48
N LEU B 37 -12.37 -16.30 16.29
CA LEU B 37 -12.98 -15.21 17.07
C LEU B 37 -14.37 -15.65 17.53
N PRO B 38 -14.44 -16.56 18.50
CA PRO B 38 -15.74 -17.15 18.87
C PRO B 38 -16.72 -16.18 19.48
N TRP B 39 -16.23 -15.07 20.05
CA TRP B 39 -17.07 -14.09 20.71
C TRP B 39 -17.57 -13.01 19.76
N LEU B 40 -17.27 -13.12 18.47
CA LEU B 40 -17.61 -12.08 17.51
C LEU B 40 -19.05 -12.24 17.01
N GLN B 41 -19.76 -11.12 16.88
CA GLN B 41 -21.02 -11.07 16.15
C GLN B 41 -20.80 -10.35 14.83
N VAL B 42 -21.24 -10.97 13.73
CA VAL B 42 -21.11 -10.40 12.39
C VAL B 42 -22.50 -9.94 11.93
N VAL B 43 -22.57 -8.69 11.46
CA VAL B 43 -23.82 -8.08 11.04
C VAL B 43 -23.62 -7.57 9.62
N LYS B 44 -24.38 -8.12 8.68
CA LYS B 44 -24.32 -7.69 7.30
C LYS B 44 -25.47 -6.72 7.03
N ILE B 45 -25.14 -5.54 6.52
CA ILE B 45 -26.10 -4.48 6.29
C ILE B 45 -26.36 -4.42 4.81
N GLY B 46 -27.62 -4.62 4.42
CA GLY B 46 -27.95 -4.63 3.02
C GLY B 46 -27.64 -3.30 2.35
N GLY B 47 -27.03 -3.38 1.16
CA GLY B 47 -26.83 -2.19 0.36
C GLY B 47 -28.12 -1.43 0.11
N ARG B 48 -29.23 -2.15 -0.11
CA ARG B 48 -30.49 -1.46 -0.36
C ARG B 48 -31.04 -0.76 0.88
N VAL B 49 -30.68 -1.23 2.08
CA VAL B 49 -31.03 -0.48 3.28
C VAL B 49 -30.32 0.87 3.28
N MET B 50 -29.00 0.85 3.00
CA MET B 50 -28.25 2.10 2.90
C MET B 50 -28.80 3.01 1.83
N ASP B 51 -29.24 2.45 0.69
CA ASP B 51 -29.78 3.25 -0.40
C ASP B 51 -30.96 4.10 0.03
N ARG B 52 -31.64 3.74 1.11
CA ARG B 52 -32.77 4.55 1.54
C ARG B 52 -32.34 5.85 2.19
N GLY B 53 -31.05 6.05 2.43
CA GLY B 53 -30.61 7.31 2.97
C GLY B 53 -30.98 7.47 4.44
N ALA B 54 -31.05 8.75 4.86
CA ALA B 54 -31.16 9.09 6.27
C ALA B 54 -32.36 8.43 6.95
N ASP B 55 -33.50 8.36 6.26
CA ASP B 55 -34.71 7.79 6.85
C ASP B 55 -34.48 6.38 7.41
N ALA B 56 -33.63 5.59 6.76
CA ALA B 56 -33.28 4.27 7.26
C ALA B 56 -31.96 4.24 8.02
N ILE B 57 -30.99 5.06 7.61
CA ILE B 57 -29.65 5.00 8.18
C ILE B 57 -29.63 5.62 9.60
N LEU B 58 -30.33 6.73 9.81
CA LEU B 58 -30.33 7.33 11.14
C LEU B 58 -30.89 6.37 12.20
N PRO B 59 -32.05 5.74 12.03
CA PRO B 59 -32.49 4.78 13.07
C PRO B 59 -31.56 3.60 13.20
N LEU B 60 -30.99 3.12 12.09
CA LEU B 60 -30.04 2.01 12.17
C LEU B 60 -28.80 2.41 12.97
N VAL B 61 -28.31 3.63 12.75
CA VAL B 61 -27.12 4.09 13.47
C VAL B 61 -27.40 4.17 14.97
N GLU B 62 -28.59 4.63 15.36
CA GLU B 62 -28.93 4.70 16.78
C GLU B 62 -29.06 3.31 17.40
N GLU B 63 -29.63 2.37 16.65
CA GLU B 63 -29.71 0.99 17.15
C GLU B 63 -28.31 0.39 17.25
N LEU B 64 -27.45 0.64 16.26
CA LEU B 64 -26.08 0.16 16.33
C LEU B 64 -25.34 0.77 17.51
N ARG B 65 -25.50 2.08 17.72
CA ARG B 65 -24.86 2.75 18.85
C ARG B 65 -25.18 2.06 20.17
N LYS B 66 -26.43 1.67 20.35
CA LYS B 66 -26.85 1.04 21.61
C LYS B 66 -26.36 -0.40 21.72
N LEU B 67 -26.01 -1.02 20.60
CA LEU B 67 -25.47 -2.37 20.61
C LEU B 67 -23.98 -2.42 20.91
N LEU B 68 -23.25 -1.31 20.72
CA LEU B 68 -21.80 -1.36 20.93
C LEU B 68 -21.40 -1.84 22.33
N PRO B 69 -22.06 -1.43 23.42
CA PRO B 69 -21.67 -1.94 24.74
C PRO B 69 -22.14 -3.36 25.03
N GLU B 70 -22.98 -3.95 24.17
CA GLU B 70 -23.47 -5.30 24.38
C GLU B 70 -22.73 -6.37 23.57
N HIS B 71 -22.25 -6.04 22.37
CA HIS B 71 -21.63 -7.03 21.51
C HIS B 71 -20.32 -6.49 20.97
N ARG B 72 -19.42 -7.41 20.61
CA ARG B 72 -18.28 -7.12 19.77
C ARG B 72 -18.74 -7.32 18.33
N LEU B 73 -18.71 -6.27 17.50
CA LEU B 73 -19.39 -6.31 16.22
C LEU B 73 -18.41 -6.16 15.05
N LEU B 74 -18.57 -6.99 14.05
CA LEU B 74 -17.99 -6.77 12.73
C LEU B 74 -19.17 -6.44 11.83
N ILE B 75 -19.25 -5.19 11.39
CA ILE B 75 -20.36 -4.70 10.58
C ILE B 75 -19.92 -4.67 9.13
N LEU B 76 -20.61 -5.41 8.27
CA LEU B 76 -20.22 -5.53 6.88
C LEU B 76 -21.34 -5.03 5.99
N THR B 77 -21.01 -4.11 5.09
CA THR B 77 -22.00 -3.45 4.23
C THR B 77 -22.04 -4.09 2.84
N GLY B 78 -23.26 -4.22 2.33
CA GLY B 78 -23.51 -4.59 0.95
C GLY B 78 -23.40 -3.41 0.01
N ALA B 79 -23.84 -3.63 -1.23
CA ALA B 79 -23.59 -2.67 -2.30
C ALA B 79 -24.83 -1.89 -2.71
N GLY B 80 -25.96 -2.56 -2.95
CA GLY B 80 -27.17 -1.84 -3.32
C GLY B 80 -27.20 -1.40 -4.78
N VAL B 81 -27.96 -0.33 -5.03
CA VAL B 81 -28.37 0.03 -6.38
C VAL B 81 -27.20 0.52 -7.23
N ARG B 82 -26.22 1.20 -6.64
CA ARG B 82 -25.09 1.67 -7.44
C ARG B 82 -24.34 0.51 -8.09
N ALA B 83 -24.32 -0.66 -7.45
CA ALA B 83 -23.73 -1.83 -8.10
C ALA B 83 -24.55 -2.23 -9.33
N ARG B 84 -25.87 -2.09 -9.26
CA ARG B 84 -26.70 -2.37 -10.43
C ARG B 84 -26.38 -1.41 -11.57
N HIS B 85 -26.09 -0.14 -11.24
CA HIS B 85 -25.76 0.81 -12.30
C HIS B 85 -24.41 0.47 -12.94
N VAL B 86 -23.40 0.18 -12.11
CA VAL B 86 -22.10 -0.13 -12.70
C VAL B 86 -22.15 -1.45 -13.49
N PHE B 87 -23.00 -2.41 -13.08
CA PHE B 87 -23.26 -3.57 -13.92
C PHE B 87 -23.89 -3.18 -15.25
N SER B 88 -24.84 -2.23 -15.23
N SER B 88 -24.84 -2.24 -15.24
CA SER B 88 -25.47 -1.81 -16.48
CA SER B 88 -25.47 -1.82 -16.48
C SER B 88 -24.46 -1.25 -17.45
C SER B 88 -24.45 -1.24 -17.45
N VAL B 89 -23.59 -0.35 -16.97
CA VAL B 89 -22.54 0.21 -17.82
C VAL B 89 -21.55 -0.88 -18.21
N GLY B 90 -21.09 -1.66 -17.22
CA GLY B 90 -20.07 -2.67 -17.48
C GLY B 90 -20.53 -3.73 -18.47
N LEU B 91 -21.77 -4.22 -18.32
CA LEU B 91 -22.27 -5.21 -19.27
C LEU B 91 -22.46 -4.60 -20.64
N ASP B 92 -22.93 -3.35 -20.70
CA ASP B 92 -23.06 -2.68 -22.00
C ASP B 92 -21.71 -2.60 -22.71
N LEU B 93 -20.62 -2.42 -21.94
CA LEU B 93 -19.27 -2.42 -22.47
C LEU B 93 -18.74 -3.82 -22.74
N GLY B 94 -19.52 -4.86 -22.43
CA GLY B 94 -19.12 -6.24 -22.65
C GLY B 94 -18.18 -6.81 -21.61
N LEU B 95 -18.02 -6.15 -20.46
CA LEU B 95 -16.98 -6.58 -19.53
C LEU B 95 -17.35 -7.90 -18.85
N PRO B 96 -16.36 -8.74 -18.59
CA PRO B 96 -16.60 -10.07 -17.99
C PRO B 96 -16.84 -9.97 -16.48
N VAL B 97 -17.18 -11.12 -15.90
CA VAL B 97 -17.66 -11.16 -14.52
C VAL B 97 -16.55 -10.76 -13.56
N GLY B 98 -15.30 -11.12 -13.85
CA GLY B 98 -14.15 -10.70 -13.04
C GLY B 98 -13.85 -9.21 -13.14
N SER B 99 -14.42 -8.52 -14.12
CA SER B 99 -14.35 -7.07 -14.16
C SER B 99 -15.45 -6.45 -13.31
N LEU B 100 -16.65 -7.02 -13.37
CA LEU B 100 -17.77 -6.47 -12.63
C LEU B 100 -17.63 -6.67 -11.13
N ALA B 101 -16.99 -7.76 -10.71
CA ALA B 101 -16.94 -8.06 -9.27
C ALA B 101 -16.27 -6.97 -8.45
N PRO B 102 -15.07 -6.48 -8.77
CA PRO B 102 -14.49 -5.41 -7.94
C PRO B 102 -15.22 -4.09 -8.11
N LEU B 103 -15.89 -3.87 -9.24
CA LEU B 103 -16.69 -2.66 -9.41
C LEU B 103 -17.86 -2.64 -8.43
N ALA B 104 -18.51 -3.80 -8.23
CA ALA B 104 -19.56 -3.88 -7.22
C ALA B 104 -18.98 -3.81 -5.80
N ALA B 105 -17.85 -4.48 -5.57
CA ALA B 105 -17.25 -4.45 -4.25
C ALA B 105 -16.95 -3.01 -3.81
N SER B 106 -16.60 -2.15 -4.77
CA SER B 106 -16.32 -0.75 -4.44
CA SER B 106 -16.32 -0.75 -4.45
C SER B 106 -17.55 -0.07 -3.86
N GLU B 107 -18.74 -0.39 -4.36
CA GLU B 107 -19.94 0.25 -3.82
C GLU B 107 -20.21 -0.21 -2.40
N ALA B 108 -19.95 -1.48 -2.11
CA ALA B 108 -20.07 -1.95 -0.73
C ALA B 108 -19.08 -1.24 0.18
N GLY B 109 -17.87 -0.98 -0.34
CA GLY B 109 -16.90 -0.22 0.45
C GLY B 109 -17.36 1.20 0.72
N GLN B 110 -18.04 1.83 -0.25
CA GLN B 110 -18.49 3.21 -0.04
C GLN B 110 -19.60 3.27 1.00
N ASN B 111 -20.52 2.29 0.97
CA ASN B 111 -21.53 2.20 2.03
C ASN B 111 -20.86 2.04 3.38
N GLY B 112 -19.76 1.29 3.43
CA GLY B 112 -19.05 1.11 4.69
C GLY B 112 -18.40 2.38 5.19
N HIS B 113 -17.82 3.17 4.28
CA HIS B 113 -17.26 4.45 4.67
C HIS B 113 -18.33 5.37 5.25
N ILE B 114 -19.50 5.41 4.60
CA ILE B 114 -20.62 6.22 5.07
C ILE B 114 -21.06 5.77 6.46
N LEU B 115 -21.30 4.47 6.62
CA LEU B 115 -21.80 3.97 7.91
C LEU B 115 -20.79 4.19 9.02
N ALA B 116 -19.50 3.93 8.74
CA ALA B 116 -18.47 4.13 9.75
C ALA B 116 -18.37 5.60 10.15
N ALA B 117 -18.50 6.51 9.19
CA ALA B 117 -18.42 7.93 9.51
C ALA B 117 -19.52 8.31 10.49
N MET B 118 -20.73 7.76 10.32
CA MET B 118 -21.83 8.06 11.25
C MET B 118 -21.54 7.55 12.66
N LEU B 119 -20.70 6.53 12.79
CA LEU B 119 -20.37 5.97 14.11
C LEU B 119 -18.96 6.35 14.58
N ALA B 120 -18.28 7.25 13.87
CA ALA B 120 -16.88 7.56 14.18
C ALA B 120 -16.72 8.07 15.61
N SER B 121 -17.69 8.86 16.09
CA SER B 121 -17.60 9.42 17.44
C SER B 121 -17.68 8.33 18.52
N GLU B 122 -18.14 7.15 18.17
CA GLU B 122 -18.14 5.98 19.05
C GLU B 122 -16.87 5.14 18.93
N GLY B 123 -15.88 5.59 18.17
CA GLY B 123 -14.66 4.81 18.00
C GLY B 123 -14.67 3.85 16.83
N VAL B 124 -15.62 3.99 15.92
CA VAL B 124 -15.79 3.02 14.82
C VAL B 124 -15.19 3.60 13.54
N SER B 125 -14.39 2.79 12.84
CA SER B 125 -13.83 3.15 11.55
C SER B 125 -14.05 2.03 10.55
N TYR B 126 -14.01 2.39 9.28
CA TYR B 126 -14.02 1.42 8.20
C TYR B 126 -12.60 0.90 7.99
N VAL B 127 -12.48 -0.41 7.75
CA VAL B 127 -11.17 -1.02 7.53
C VAL B 127 -11.22 -1.80 6.22
N GLU B 128 -10.11 -1.75 5.48
CA GLU B 128 -9.97 -2.39 4.18
C GLU B 128 -9.82 -3.90 4.34
N HIS B 129 -10.00 -4.63 3.25
CA HIS B 129 -10.05 -6.08 3.38
C HIS B 129 -8.77 -6.70 3.94
N PRO B 130 -7.55 -6.22 3.64
CA PRO B 130 -6.38 -6.87 4.26
C PRO B 130 -6.38 -6.73 5.78
N THR B 131 -6.93 -5.64 6.30
CA THR B 131 -7.02 -5.47 7.75
C THR B 131 -8.06 -6.41 8.35
N VAL B 132 -9.20 -6.56 7.69
CA VAL B 132 -10.19 -7.55 8.12
C VAL B 132 -9.58 -8.94 8.16
N ALA B 133 -8.78 -9.28 7.13
CA ALA B 133 -8.27 -10.64 7.02
C ALA B 133 -7.22 -10.94 8.09
N ASP B 134 -6.38 -9.96 8.43
CA ASP B 134 -5.18 -10.25 9.21
C ASP B 134 -5.12 -9.53 10.55
N GLN B 135 -5.78 -8.39 10.72
CA GLN B 135 -5.62 -7.59 11.94
C GLN B 135 -6.93 -7.31 12.65
N LEU B 136 -7.98 -8.11 12.43
CA LEU B 136 -9.26 -7.81 13.07
C LEU B 136 -9.17 -7.94 14.58
N ALA B 137 -8.43 -8.95 15.07
CA ALA B 137 -8.35 -9.20 16.52
C ALA B 137 -7.79 -7.99 17.25
N ILE B 138 -6.72 -7.38 16.72
CA ILE B 138 -6.16 -6.24 17.43
C ILE B 138 -7.11 -5.05 17.37
N HIS B 139 -7.81 -4.85 16.25
CA HIS B 139 -8.69 -3.70 16.15
C HIS B 139 -9.90 -3.84 17.04
N LEU B 140 -10.46 -5.05 17.15
CA LEU B 140 -11.57 -5.29 18.06
C LEU B 140 -11.14 -5.36 19.52
N SER B 141 -9.83 -5.43 19.79
CA SER B 141 -9.37 -5.18 21.14
C SER B 141 -9.32 -3.70 21.44
N ALA B 142 -9.16 -2.87 20.42
CA ALA B 142 -9.07 -1.42 20.58
C ALA B 142 -10.45 -0.77 20.67
N THR B 143 -11.42 -1.30 19.92
CA THR B 143 -12.70 -0.64 19.79
C THR B 143 -13.79 -1.70 19.71
N ARG B 144 -15.03 -1.29 19.97
N ARG B 144 -15.03 -1.29 20.00
CA ARG B 144 -16.13 -2.23 20.10
CA ARG B 144 -16.11 -2.27 20.09
C ARG B 144 -16.65 -2.72 18.76
C ARG B 144 -16.55 -2.78 18.74
N ALA B 145 -16.49 -1.95 17.68
CA ALA B 145 -16.93 -2.38 16.36
C ALA B 145 -16.04 -1.78 15.29
N VAL B 146 -15.94 -2.51 14.18
CA VAL B 146 -15.36 -1.94 12.96
C VAL B 146 -16.30 -2.28 11.80
N VAL B 147 -16.20 -1.48 10.76
CA VAL B 147 -17.01 -1.67 9.55
C VAL B 147 -16.08 -2.11 8.43
N GLY B 148 -16.57 -3.04 7.61
CA GLY B 148 -15.82 -3.44 6.44
C GLY B 148 -16.78 -3.75 5.32
N SER B 149 -16.21 -4.03 4.14
CA SER B 149 -17.00 -4.46 3.00
C SER B 149 -17.46 -5.91 3.15
N ALA B 150 -18.74 -6.15 2.88
CA ALA B 150 -19.23 -7.54 2.89
C ALA B 150 -18.79 -8.30 1.65
N PHE B 151 -18.54 -7.61 0.53
CA PHE B 151 -18.08 -8.30 -0.67
C PHE B 151 -16.70 -8.92 -0.43
N PRO B 152 -16.43 -10.11 -0.96
CA PRO B 152 -15.09 -10.69 -0.83
C PRO B 152 -14.17 -10.14 -1.91
N PRO B 153 -12.85 -10.18 -1.70
CA PRO B 153 -11.90 -9.62 -2.67
C PRO B 153 -11.56 -10.58 -3.80
N TYR B 154 -12.60 -11.16 -4.43
CA TYR B 154 -12.36 -12.11 -5.49
C TYR B 154 -11.80 -11.45 -6.76
N HIS B 155 -12.20 -10.21 -7.06
CA HIS B 155 -11.61 -9.38 -8.15
C HIS B 155 -11.59 -10.19 -9.45
N HIS B 156 -10.44 -10.28 -10.16
CA HIS B 156 -10.33 -11.02 -11.41
C HIS B 156 -10.68 -12.50 -11.26
N HIS B 157 -10.64 -13.03 -10.05
CA HIS B 157 -10.78 -14.46 -9.83
C HIS B 157 -12.19 -14.84 -9.40
N GLU B 158 -13.14 -13.96 -9.64
CA GLU B 158 -14.54 -14.35 -9.53
C GLU B 158 -14.83 -15.50 -10.49
N PHE B 159 -15.74 -16.39 -10.09
CA PHE B 159 -16.03 -17.58 -10.89
C PHE B 159 -16.83 -17.19 -12.14
N PRO B 160 -16.57 -17.83 -13.28
CA PRO B 160 -17.41 -17.61 -14.46
C PRO B 160 -18.69 -18.43 -14.40
N GLY B 161 -19.54 -18.19 -15.38
CA GLY B 161 -20.79 -18.90 -15.49
C GLY B 161 -21.92 -17.90 -15.67
N SER B 162 -22.21 -17.15 -14.62
CA SER B 162 -23.11 -16.02 -14.73
C SER B 162 -22.32 -14.78 -15.13
N ARG B 163 -22.99 -13.85 -15.80
CA ARG B 163 -22.39 -12.55 -16.05
C ARG B 163 -22.50 -11.62 -14.85
N ILE B 164 -23.24 -12.02 -13.83
CA ILE B 164 -23.35 -11.28 -12.56
C ILE B 164 -22.43 -11.95 -11.54
N PRO B 165 -21.53 -11.20 -10.91
CA PRO B 165 -20.66 -11.78 -9.85
C PRO B 165 -21.47 -12.58 -8.85
N PRO B 166 -21.18 -13.88 -8.70
CA PRO B 166 -21.95 -14.69 -7.74
C PRO B 166 -21.63 -14.46 -6.27
N HIS B 167 -20.35 -14.25 -5.93
CA HIS B 167 -19.95 -14.15 -4.52
C HIS B 167 -20.09 -12.69 -4.09
N ARG B 168 -21.28 -12.32 -3.63
CA ARG B 168 -21.55 -10.93 -3.31
C ARG B 168 -21.51 -10.71 -1.80
N ALA B 169 -22.37 -9.83 -1.28
CA ALA B 169 -22.22 -9.36 0.09
C ALA B 169 -22.63 -10.40 1.13
N ASP B 170 -23.79 -11.04 0.95
CA ASP B 170 -24.19 -12.11 1.85
C ASP B 170 -23.14 -13.22 1.87
N THR B 171 -22.66 -13.59 0.69
CA THR B 171 -21.70 -14.69 0.60
C THR B 171 -20.39 -14.33 1.27
N GLY B 172 -19.89 -13.11 1.03
CA GLY B 172 -18.64 -12.71 1.67
C GLY B 172 -18.77 -12.63 3.18
N ALA B 173 -19.86 -12.04 3.67
CA ALA B 173 -20.10 -11.96 5.10
C ALA B 173 -20.13 -13.35 5.74
N PHE B 174 -20.79 -14.31 5.09
CA PHE B 174 -20.89 -15.65 5.69
C PHE B 174 -19.55 -16.37 5.67
N LEU B 175 -18.80 -16.27 4.55
CA LEU B 175 -17.47 -16.86 4.51
C LEU B 175 -16.62 -16.37 5.68
N LEU B 176 -16.66 -15.06 5.95
CA LEU B 176 -15.88 -14.53 7.07
C LEU B 176 -16.40 -15.04 8.39
N ALA B 177 -17.73 -14.96 8.60
CA ALA B 177 -18.28 -15.35 9.90
C ALA B 177 -17.96 -16.80 10.21
N ASP B 178 -18.04 -17.67 9.19
CA ASP B 178 -17.78 -19.09 9.42
C ASP B 178 -16.29 -19.36 9.57
N ALA B 179 -15.45 -18.68 8.77
CA ALA B 179 -14.01 -18.85 8.91
C ALA B 179 -13.56 -18.42 10.30
N PHE B 180 -14.07 -17.29 10.78
CA PHE B 180 -13.78 -16.84 12.16
C PHE B 180 -14.39 -17.75 13.22
N GLY B 181 -15.35 -18.59 12.85
CA GLY B 181 -16.10 -19.31 13.85
C GLY B 181 -16.91 -18.41 14.75
N ALA B 182 -17.43 -17.30 14.19
CA ALA B 182 -18.12 -16.28 14.97
C ALA B 182 -19.38 -16.84 15.61
N ALA B 183 -19.86 -16.12 16.63
CA ALA B 183 -21.05 -16.55 17.35
C ALA B 183 -22.32 -16.43 16.50
N GLY B 184 -22.31 -15.55 15.51
CA GLY B 184 -23.48 -15.40 14.67
C GLY B 184 -23.19 -14.58 13.44
N LEU B 185 -24.11 -14.68 12.48
CA LEU B 185 -24.19 -13.77 11.34
C LEU B 185 -25.64 -13.38 11.20
N THR B 186 -25.92 -12.09 11.23
CA THR B 186 -27.26 -11.55 11.06
C THR B 186 -27.29 -10.68 9.82
N ILE B 187 -28.27 -10.92 8.95
CA ILE B 187 -28.38 -10.24 7.67
C ILE B 187 -29.53 -9.25 7.77
N VAL B 188 -29.22 -7.97 7.55
CA VAL B 188 -30.14 -6.87 7.78
C VAL B 188 -30.66 -6.41 6.42
N GLU B 189 -31.96 -6.65 6.18
CA GLU B 189 -32.57 -6.56 4.86
C GLU B 189 -33.61 -5.45 4.86
N ASN B 190 -34.09 -5.07 3.67
CA ASN B 190 -35.17 -4.10 3.58
C ASN B 190 -36.54 -4.76 3.55
N VAL B 191 -36.63 -6.05 3.89
CA VAL B 191 -37.88 -6.79 3.95
C VAL B 191 -37.85 -7.67 5.19
N ASP B 192 -39.03 -8.23 5.54
CA ASP B 192 -39.17 -8.97 6.78
C ASP B 192 -38.34 -10.26 6.79
N GLY B 193 -38.02 -10.79 5.62
CA GLY B 193 -37.24 -12.02 5.52
C GLY B 193 -37.38 -12.59 4.11
N ILE B 194 -37.32 -13.91 4.02
CA ILE B 194 -37.46 -14.62 2.76
C ILE B 194 -38.92 -14.98 2.54
N TYR B 195 -39.41 -14.73 1.32
CA TYR B 195 -40.75 -15.12 0.88
C TYR B 195 -40.65 -16.12 -0.27
N THR B 196 -41.78 -16.77 -0.58
CA THR B 196 -41.80 -17.77 -1.65
C THR B 196 -41.73 -17.13 -3.04
N ALA B 197 -41.81 -15.82 -3.13
CA ALA B 197 -41.55 -15.07 -4.36
C ALA B 197 -41.13 -13.68 -3.92
N ASP B 198 -40.67 -12.89 -4.88
CA ASP B 198 -40.27 -11.51 -4.57
C ASP B 198 -41.47 -10.76 -4.04
N PRO B 199 -41.45 -10.28 -2.79
CA PRO B 199 -42.60 -9.52 -2.25
C PRO B 199 -42.74 -8.14 -2.86
N ASN B 200 -41.78 -7.69 -3.68
CA ASN B 200 -41.92 -6.45 -4.43
C ASN B 200 -41.95 -6.71 -5.94
N GLY B 201 -42.04 -7.96 -6.36
CA GLY B 201 -41.96 -8.29 -7.77
C GLY B 201 -43.31 -8.53 -8.40
N PRO B 202 -43.31 -8.99 -9.66
CA PRO B 202 -44.59 -9.17 -10.37
C PRO B 202 -45.50 -10.21 -9.72
N ASP B 203 -44.94 -11.16 -8.96
CA ASP B 203 -45.72 -12.21 -8.33
C ASP B 203 -45.93 -11.97 -6.84
N ARG B 204 -45.88 -10.72 -6.39
CA ARG B 204 -45.93 -10.47 -4.95
C ARG B 204 -47.26 -10.89 -4.32
N GLY B 205 -48.32 -11.01 -5.12
CA GLY B 205 -49.58 -11.52 -4.61
C GLY B 205 -49.50 -12.95 -4.11
N GLN B 206 -48.52 -13.72 -4.58
CA GLN B 206 -48.31 -15.09 -4.13
C GLN B 206 -47.28 -15.19 -3.02
N ALA B 207 -46.50 -14.14 -2.78
CA ALA B 207 -45.39 -14.21 -1.84
C ALA B 207 -45.88 -14.57 -0.44
N ARG B 208 -45.40 -15.70 0.07
CA ARG B 208 -45.71 -16.15 1.42
C ARG B 208 -44.45 -16.10 2.27
N PHE B 209 -44.59 -15.60 3.49
CA PHE B 209 -43.44 -15.47 4.37
C PHE B 209 -42.98 -16.84 4.87
N LEU B 210 -41.67 -17.04 4.89
CA LEU B 210 -41.04 -18.25 5.43
C LEU B 210 -40.42 -17.90 6.78
N PRO B 211 -41.03 -18.27 7.90
CA PRO B 211 -40.37 -18.02 9.19
C PRO B 211 -39.05 -18.74 9.33
N GLU B 212 -38.95 -19.95 8.79
CA GLU B 212 -37.78 -20.79 8.94
C GLU B 212 -37.58 -21.63 7.69
N THR B 213 -36.32 -21.77 7.28
CA THR B 213 -36.01 -22.58 6.12
C THR B 213 -34.60 -23.13 6.26
N SER B 214 -34.28 -24.11 5.41
CA SER B 214 -32.93 -24.65 5.37
C SER B 214 -32.27 -24.20 4.08
N ALA B 215 -30.95 -24.06 4.12
CA ALA B 215 -30.21 -23.71 2.91
C ALA B 215 -30.45 -24.73 1.80
N THR B 216 -30.55 -26.02 2.14
CA THR B 216 -30.73 -27.02 1.11
C THR B 216 -32.10 -26.92 0.44
N ASP B 217 -33.14 -26.66 1.22
CA ASP B 217 -34.46 -26.43 0.63
C ASP B 217 -34.45 -25.20 -0.27
N LEU B 218 -33.87 -24.10 0.22
CA LEU B 218 -33.75 -22.90 -0.60
C LEU B 218 -32.97 -23.17 -1.88
N ALA B 219 -31.87 -23.94 -1.79
CA ALA B 219 -31.03 -24.15 -2.96
C ALA B 219 -31.75 -24.93 -4.05
N LYS B 220 -32.69 -25.79 -3.67
CA LYS B 220 -33.43 -26.56 -4.66
C LYS B 220 -34.49 -25.74 -5.38
N SER B 221 -34.90 -24.60 -4.82
CA SER B 221 -35.91 -23.78 -5.47
C SER B 221 -35.32 -22.97 -6.60
N GLU B 222 -36.17 -22.63 -7.56
CA GLU B 222 -35.85 -21.64 -8.58
C GLU B 222 -36.59 -20.35 -8.24
N GLY B 223 -36.04 -19.23 -8.72
CA GLY B 223 -36.66 -17.95 -8.46
C GLY B 223 -35.82 -17.10 -7.54
N PRO B 224 -36.22 -15.83 -7.40
CA PRO B 224 -35.37 -14.88 -6.69
C PRO B 224 -35.42 -15.06 -5.18
N LEU B 225 -34.33 -14.67 -4.53
CA LEU B 225 -34.19 -14.64 -3.08
C LEU B 225 -33.64 -13.28 -2.68
N PRO B 226 -33.77 -12.90 -1.40
CA PRO B 226 -33.11 -11.68 -0.93
C PRO B 226 -31.64 -11.89 -0.56
N VAL B 227 -31.14 -13.12 -0.70
CA VAL B 227 -29.76 -13.46 -0.38
C VAL B 227 -29.13 -14.13 -1.60
N ASP B 228 -27.81 -14.00 -1.73
CA ASP B 228 -27.10 -14.63 -2.85
C ASP B 228 -27.38 -16.12 -2.87
N ARG B 229 -27.51 -16.69 -4.07
N ARG B 229 -27.50 -16.69 -4.07
CA ARG B 229 -27.60 -18.13 -4.16
CA ARG B 229 -27.61 -18.14 -4.12
C ARG B 229 -26.30 -18.79 -3.74
C ARG B 229 -26.29 -18.80 -3.75
N ALA B 230 -25.16 -18.12 -3.99
CA ALA B 230 -23.88 -18.64 -3.54
C ALA B 230 -23.81 -18.76 -2.02
N LEU B 231 -24.59 -17.95 -1.29
CA LEU B 231 -24.65 -18.09 0.17
C LEU B 231 -25.08 -19.51 0.55
N LEU B 232 -26.09 -20.04 -0.16
CA LEU B 232 -26.53 -21.40 0.12
C LEU B 232 -25.43 -22.41 -0.17
N ASP B 233 -24.59 -22.14 -1.18
CA ASP B 233 -23.52 -23.08 -1.51
C ASP B 233 -22.45 -23.08 -0.43
N VAL B 234 -22.07 -21.90 0.08
CA VAL B 234 -21.07 -21.89 1.15
C VAL B 234 -21.67 -22.30 2.49
N MET B 235 -22.99 -22.25 2.64
CA MET B 235 -23.57 -22.84 3.85
C MET B 235 -23.44 -24.34 3.87
N ALA B 236 -23.46 -24.99 2.70
CA ALA B 236 -23.36 -26.44 2.65
C ALA B 236 -21.97 -26.91 3.10
N THR B 237 -20.95 -26.07 2.95
CA THR B 237 -19.61 -26.48 3.37
C THR B 237 -19.20 -25.79 4.67
N ALA B 238 -20.12 -25.14 5.35
CA ALA B 238 -19.79 -24.38 6.55
C ALA B 238 -19.37 -25.32 7.68
N ARG B 239 -18.53 -24.80 8.58
CA ARG B 239 -18.03 -25.62 9.68
C ARG B 239 -18.58 -25.22 11.05
N HIS B 240 -19.10 -24.00 11.20
CA HIS B 240 -19.46 -23.51 12.53
C HIS B 240 -20.86 -22.94 12.58
N ILE B 241 -21.16 -21.98 11.70
CA ILE B 241 -22.42 -21.24 11.78
C ILE B 241 -23.57 -22.19 11.48
N GLU B 242 -24.50 -22.32 12.43
CA GLU B 242 -25.64 -23.23 12.30
C GLU B 242 -26.88 -22.55 11.75
N ARG B 243 -27.03 -21.24 11.97
CA ARG B 243 -28.22 -20.55 11.51
CA ARG B 243 -28.22 -20.54 11.53
C ARG B 243 -27.86 -19.10 11.21
N VAL B 244 -28.57 -18.53 10.25
CA VAL B 244 -28.40 -17.13 9.88
C VAL B 244 -29.80 -16.53 9.82
N GLN B 245 -30.00 -15.40 10.51
CA GLN B 245 -31.32 -14.77 10.49
C GLN B 245 -31.32 -13.55 9.58
N VAL B 246 -32.33 -13.47 8.73
CA VAL B 246 -32.56 -12.32 7.86
C VAL B 246 -33.69 -11.53 8.48
N VAL B 247 -33.42 -10.28 8.86
CA VAL B 247 -34.40 -9.47 9.58
C VAL B 247 -34.52 -8.12 8.88
N ASN B 248 -35.63 -7.45 9.16
CA ASN B 248 -35.94 -6.17 8.53
C ASN B 248 -35.26 -5.04 9.29
N GLY B 249 -34.19 -4.48 8.70
CA GLY B 249 -33.54 -3.33 9.31
C GLY B 249 -34.36 -2.07 9.30
N LEU B 250 -35.45 -2.02 8.52
CA LEU B 250 -36.32 -0.84 8.54
C LEU B 250 -37.26 -0.83 9.74
N VAL B 251 -37.26 -1.87 10.57
CA VAL B 251 -38.09 -1.91 11.77
C VAL B 251 -37.14 -1.80 12.97
N PRO B 252 -37.13 -0.67 13.70
CA PRO B 252 -36.19 -0.54 14.83
C PRO B 252 -36.44 -1.66 15.84
N GLY B 253 -35.35 -2.25 16.32
CA GLY B 253 -35.42 -3.27 17.34
C GLY B 253 -35.19 -4.69 16.85
N ARG B 254 -35.41 -4.95 15.55
CA ARG B 254 -35.29 -6.32 15.07
C ARG B 254 -33.84 -6.80 15.05
N LEU B 255 -32.91 -5.95 14.59
CA LEU B 255 -31.50 -6.30 14.69
C LEU B 255 -31.11 -6.60 16.14
N THR B 256 -31.54 -5.76 17.08
CA THR B 256 -31.22 -5.97 18.48
C THR B 256 -31.76 -7.32 18.97
N ALA B 257 -33.04 -7.60 18.67
CA ALA B 257 -33.64 -8.88 19.07
C ALA B 257 -32.92 -10.05 18.41
N ALA B 258 -32.59 -9.92 17.12
CA ALA B 258 -31.93 -11.01 16.41
C ALA B 258 -30.55 -11.30 16.99
N LEU B 259 -29.83 -10.25 17.41
CA LEU B 259 -28.52 -10.48 18.03
C LEU B 259 -28.63 -11.21 19.35
N ARG B 260 -29.81 -11.20 19.99
CA ARG B 260 -30.03 -12.00 21.18
C ARG B 260 -30.68 -13.35 20.84
N GLY B 261 -30.73 -13.73 19.56
CA GLY B 261 -31.29 -15.00 19.18
C GLY B 261 -32.79 -15.04 19.08
N GLU B 262 -33.49 -13.92 19.25
CA GLU B 262 -34.94 -13.93 19.11
C GLU B 262 -35.33 -14.05 17.64
N HIS B 263 -36.45 -14.73 17.40
CA HIS B 263 -36.92 -15.03 16.05
C HIS B 263 -37.82 -13.89 15.60
N VAL B 264 -37.31 -13.02 14.73
CA VAL B 264 -38.03 -11.82 14.31
C VAL B 264 -37.92 -11.66 12.80
N GLY B 265 -37.44 -12.69 12.12
CA GLY B 265 -37.32 -12.69 10.67
C GLY B 265 -37.30 -14.10 10.12
N THR B 266 -36.51 -14.35 9.09
CA THR B 266 -36.38 -15.69 8.52
C THR B 266 -35.09 -16.31 9.04
N LEU B 267 -35.22 -17.50 9.65
CA LEU B 267 -34.06 -18.28 10.06
C LEU B 267 -33.67 -19.24 8.94
N ILE B 268 -32.40 -19.20 8.54
CA ILE B 268 -31.85 -20.14 7.56
C ILE B 268 -30.96 -21.13 8.29
N ARG B 269 -31.34 -22.40 8.27
CA ARG B 269 -30.48 -23.45 8.82
C ARG B 269 -29.41 -23.79 7.78
N THR B 270 -28.15 -23.75 8.20
CA THR B 270 -27.03 -23.97 7.29
C THR B 270 -26.74 -25.44 7.05
N GLY B 271 -27.22 -26.33 7.90
CA GLY B 271 -26.84 -27.72 7.78
C GLY B 271 -25.62 -28.13 8.59
N VAL B 272 -24.90 -27.18 9.18
CA VAL B 272 -24.00 -27.52 10.27
C VAL B 272 -24.83 -28.10 11.42
N ARG B 273 -24.42 -29.25 11.93
CA ARG B 273 -25.22 -29.74 13.04
C ARG B 273 -24.56 -29.39 14.37
N PRO B 274 -25.35 -29.19 15.43
CA PRO B 274 -24.76 -28.92 16.75
C PRO B 274 -24.34 -30.20 17.45
N ALA B 275 -23.65 -30.03 18.57
CA ALA B 275 -23.30 -31.16 19.41
C ALA B 275 -24.54 -31.61 20.19
N SER C 3 28.57 -30.22 -4.60
CA SER C 3 27.54 -31.24 -4.78
C SER C 3 26.17 -30.74 -4.32
N THR C 4 25.20 -30.80 -5.23
CA THR C 4 23.83 -30.37 -4.91
C THR C 4 23.22 -31.22 -3.81
N ALA C 5 23.43 -32.54 -3.87
CA ALA C 5 22.82 -33.46 -2.91
C ALA C 5 23.38 -33.28 -1.51
N GLU C 6 24.68 -33.02 -1.39
CA GLU C 6 25.27 -32.80 -0.07
C GLU C 6 24.83 -31.47 0.50
N LEU C 7 24.79 -30.42 -0.32
CA LEU C 7 24.25 -29.13 0.12
C LEU C 7 22.82 -29.29 0.61
N GLU C 8 22.00 -30.01 -0.16
CA GLU C 8 20.62 -30.25 0.25
C GLU C 8 20.56 -30.92 1.62
N GLU C 9 21.40 -31.94 1.83
CA GLU C 9 21.40 -32.64 3.11
C GLU C 9 21.87 -31.74 4.25
N LEU C 10 22.92 -30.95 4.01
CA LEU C 10 23.41 -30.04 5.04
C LEU C 10 22.36 -28.98 5.37
N LEU C 11 21.70 -28.44 4.35
CA LEU C 11 20.64 -27.46 4.58
C LEU C 11 19.52 -28.05 5.42
N MET C 12 19.25 -29.34 5.29
CA MET C 12 18.18 -29.94 6.08
C MET C 12 18.61 -30.28 7.49
N GLN C 13 19.87 -30.71 7.68
CA GLN C 13 20.27 -31.37 8.91
C GLN C 13 21.12 -30.53 9.85
N ARG C 14 21.66 -29.40 9.39
CA ARG C 14 22.54 -28.59 10.21
C ARG C 14 21.91 -27.23 10.47
N SER C 15 22.45 -26.52 11.46
CA SER C 15 22.16 -25.10 11.58
C SER C 15 22.84 -24.33 10.45
N LEU C 16 22.19 -23.23 10.01
CA LEU C 16 22.80 -22.37 9.02
C LEU C 16 24.15 -21.81 9.46
N THR C 17 24.45 -21.86 10.77
CA THR C 17 25.76 -21.43 11.27
C THR C 17 26.83 -22.48 11.11
N ASP C 18 26.48 -23.67 10.65
CA ASP C 18 27.48 -24.74 10.57
C ASP C 18 28.51 -24.41 9.49
N PRO C 19 29.81 -24.39 9.83
CA PRO C 19 30.83 -24.11 8.81
C PRO C 19 30.76 -25.01 7.57
N GLN C 20 30.43 -26.30 7.75
CA GLN C 20 30.33 -27.20 6.61
C GLN C 20 29.17 -26.80 5.70
N LEU C 21 28.07 -26.33 6.29
CA LEU C 21 26.97 -25.84 5.48
C LEU C 21 27.37 -24.56 4.74
N GLN C 22 28.01 -23.63 5.46
CA GLN C 22 28.39 -22.36 4.84
C GLN C 22 29.34 -22.58 3.67
N ALA C 23 30.27 -23.54 3.81
CA ALA C 23 31.21 -23.81 2.74
C ALA C 23 30.51 -24.43 1.53
N ALA C 24 29.56 -25.34 1.77
CA ALA C 24 28.86 -25.96 0.65
C ALA C 24 28.00 -24.94 -0.08
N ALA C 25 27.38 -24.01 0.66
CA ALA C 25 26.60 -22.96 0.02
C ALA C 25 27.49 -22.03 -0.81
N ALA C 26 28.72 -21.77 -0.36
CA ALA C 26 29.63 -20.91 -1.13
C ALA C 26 30.01 -21.50 -2.48
N ALA C 27 29.87 -22.81 -2.65
CA ALA C 27 30.20 -23.44 -3.93
C ALA C 27 29.05 -23.42 -4.90
N ALA C 28 27.89 -22.85 -4.51
CA ALA C 28 26.74 -22.77 -5.40
C ALA C 28 27.05 -21.88 -6.61
N ALA C 29 26.29 -22.11 -7.67
CA ALA C 29 26.35 -21.27 -8.87
C ALA C 29 26.01 -19.83 -8.51
N ASP C 30 26.52 -18.91 -9.35
CA ASP C 30 26.42 -17.48 -9.13
C ASP C 30 25.72 -16.83 -10.32
N PHE C 31 24.46 -16.47 -10.15
CA PHE C 31 23.69 -15.86 -11.23
C PHE C 31 23.74 -14.34 -11.08
N ARG C 32 24.00 -13.63 -12.20
CA ARG C 32 23.94 -12.17 -12.21
C ARG C 32 22.61 -11.72 -12.80
N ILE C 33 21.87 -10.93 -12.05
CA ILE C 33 20.49 -10.63 -12.43
C ILE C 33 20.44 -9.55 -13.51
N LEU C 34 21.23 -8.49 -13.36
CA LEU C 34 21.25 -7.40 -14.34
C LEU C 34 22.70 -7.11 -14.73
N PRO C 35 23.36 -8.06 -15.37
CA PRO C 35 24.82 -7.94 -15.59
C PRO C 35 25.22 -6.84 -16.56
N ASP C 36 24.31 -6.33 -17.38
CA ASP C 36 24.64 -5.23 -18.29
C ASP C 36 24.31 -3.86 -17.73
N ALA C 37 23.76 -3.80 -16.52
CA ALA C 37 23.39 -2.53 -15.94
C ALA C 37 24.54 -1.94 -15.13
N THR C 38 24.50 -0.62 -14.97
CA THR C 38 25.41 0.14 -14.12
C THR C 38 24.59 0.87 -13.07
N VAL C 39 25.04 0.80 -11.81
CA VAL C 39 24.48 1.63 -10.75
C VAL C 39 25.32 2.88 -10.61
N ILE C 40 24.67 4.03 -10.62
CA ILE C 40 25.35 5.28 -10.31
C ILE C 40 24.63 5.91 -9.13
N LYS C 41 25.40 6.54 -8.26
CA LYS C 41 24.84 7.38 -7.21
C LYS C 41 25.04 8.83 -7.61
N ILE C 42 23.96 9.60 -7.62
CA ILE C 42 24.03 11.05 -7.73
C ILE C 42 24.08 11.60 -6.32
N GLY C 43 25.18 12.27 -5.97
CA GLY C 43 25.38 12.79 -4.64
C GLY C 43 24.23 13.63 -4.13
N GLY C 44 23.88 13.45 -2.85
CA GLY C 44 22.92 14.33 -2.22
C GLY C 44 23.57 15.64 -1.81
N GLN C 45 24.49 15.58 -0.85
N GLN C 45 24.49 15.55 -0.85
CA GLN C 45 25.19 16.80 -0.46
CA GLN C 45 25.24 16.73 -0.43
C GLN C 45 26.08 17.32 -1.59
C GLN C 45 26.07 17.30 -1.57
N SER C 46 26.73 16.41 -2.34
CA SER C 46 27.70 16.87 -3.33
C SER C 46 27.07 17.35 -4.63
N VAL C 47 25.86 16.91 -4.96
CA VAL C 47 25.30 17.29 -6.26
C VAL C 47 23.92 17.92 -6.15
N ILE C 48 22.93 17.13 -5.74
CA ILE C 48 21.55 17.59 -5.83
C ILE C 48 21.33 18.81 -4.94
N ASP C 49 21.94 18.82 -3.76
CA ASP C 49 21.83 20.01 -2.90
C ASP C 49 22.37 21.27 -3.58
N ARG C 50 23.24 21.12 -4.59
CA ARG C 50 23.75 22.28 -5.31
C ARG C 50 22.77 22.85 -6.32
N GLY C 51 21.64 22.18 -6.56
CA GLY C 51 20.64 22.75 -7.42
C GLY C 51 21.00 22.68 -8.91
N ARG C 52 20.47 23.65 -9.65
CA ARG C 52 20.44 23.59 -11.11
C ARG C 52 21.82 23.50 -11.73
N ALA C 53 22.78 24.29 -11.23
CA ALA C 53 24.10 24.35 -11.86
C ALA C 53 24.80 22.99 -11.84
N ALA C 54 24.51 22.14 -10.86
CA ALA C 54 25.08 20.80 -10.83
C ALA C 54 24.15 19.77 -11.44
N VAL C 55 22.84 19.93 -11.25
CA VAL C 55 21.90 18.87 -11.61
C VAL C 55 21.62 18.90 -13.11
N TYR C 56 21.35 20.08 -13.67
CA TYR C 56 20.96 20.15 -15.08
C TYR C 56 22.01 19.58 -16.02
N PRO C 57 23.32 19.86 -15.88
CA PRO C 57 24.28 19.21 -16.78
C PRO C 57 24.28 17.70 -16.66
N LEU C 58 24.10 17.16 -15.44
CA LEU C 58 24.09 15.71 -15.27
C LEU C 58 22.82 15.08 -15.82
N VAL C 59 21.69 15.81 -15.76
CA VAL C 59 20.49 15.33 -16.43
C VAL C 59 20.75 15.16 -17.91
N ASP C 60 21.43 16.14 -18.51
CA ASP C 60 21.79 16.05 -19.92
C ASP C 60 22.66 14.83 -20.22
N GLU C 61 23.66 14.58 -19.37
CA GLU C 61 24.52 13.41 -19.57
C GLU C 61 23.72 12.12 -19.44
N ILE C 62 22.85 12.05 -18.44
CA ILE C 62 22.04 10.84 -18.23
C ILE C 62 21.18 10.57 -19.46
N VAL C 63 20.53 11.61 -19.99
CA VAL C 63 19.65 11.41 -21.15
C VAL C 63 20.45 10.91 -22.34
N ALA C 64 21.65 11.44 -22.55
CA ALA C 64 22.45 11.00 -23.69
C ALA C 64 23.05 9.63 -23.44
N ALA C 65 23.46 9.35 -22.20
CA ALA C 65 24.14 8.10 -21.92
C ALA C 65 23.18 6.91 -21.95
N ARG C 66 21.92 7.11 -21.56
CA ARG C 66 20.98 6.01 -21.59
C ARG C 66 20.70 5.52 -23.00
N LYS C 67 21.19 6.23 -24.02
CA LYS C 67 21.18 5.68 -25.37
C LYS C 67 22.09 4.47 -25.50
N ASN C 68 23.21 4.44 -24.76
CA ASN C 68 24.20 3.37 -24.86
C ASN C 68 24.29 2.47 -23.64
N HIS C 69 23.73 2.88 -22.51
CA HIS C 69 23.99 2.24 -21.22
C HIS C 69 22.68 2.05 -20.46
N LYS C 70 22.56 0.93 -19.76
CA LYS C 70 21.45 0.71 -18.85
C LYS C 70 21.84 1.17 -17.45
N LEU C 71 21.03 2.06 -16.87
CA LEU C 71 21.39 2.84 -15.69
C LEU C 71 20.39 2.60 -14.57
N LEU C 72 20.90 2.28 -13.37
CA LEU C 72 20.14 2.40 -12.14
C LEU C 72 20.72 3.59 -11.39
N ILE C 73 19.92 4.65 -11.26
CA ILE C 73 20.39 5.95 -10.79
C ILE C 73 19.86 6.16 -9.37
N GLY C 74 20.74 6.05 -8.38
CA GLY C 74 20.36 6.23 -6.98
C GLY C 74 20.72 7.63 -6.49
N THR C 75 19.95 8.13 -5.53
CA THR C 75 20.15 9.48 -5.03
C THR C 75 20.69 9.45 -3.60
N GLY C 76 21.61 10.36 -3.31
CA GLY C 76 21.97 10.64 -1.93
C GLY C 76 20.91 11.45 -1.22
N ALA C 77 21.14 11.68 0.08
CA ALA C 77 20.20 12.45 0.88
C ALA C 77 20.71 13.85 1.12
N GLY C 78 21.80 13.98 1.87
CA GLY C 78 22.46 15.27 2.01
C GLY C 78 22.04 16.13 3.19
N THR C 79 22.04 17.44 2.98
CA THR C 79 22.05 18.35 4.13
C THR C 79 20.75 18.27 4.95
N ARG C 80 19.61 17.98 4.32
CA ARG C 80 18.38 17.85 5.10
C ARG C 80 18.42 16.61 6.00
N ALA C 81 19.09 15.55 5.54
CA ALA C 81 19.29 14.39 6.39
C ALA C 81 20.23 14.72 7.55
N ARG C 82 21.29 15.49 7.26
CA ARG C 82 22.20 15.93 8.32
C ARG C 82 21.45 16.71 9.40
N HIS C 83 20.49 17.54 8.98
CA HIS C 83 19.72 18.33 9.94
C HIS C 83 18.84 17.41 10.78
N LEU C 84 18.16 16.46 10.13
CA LEU C 84 17.31 15.52 10.86
C LEU C 84 18.11 14.69 11.84
N TYR C 85 19.29 14.21 11.41
CA TYR C 85 20.14 13.44 12.31
C TYR C 85 20.56 14.26 13.52
N SER C 86 20.89 15.54 13.31
CA SER C 86 21.30 16.38 14.42
CA SER C 86 21.30 16.38 14.42
C SER C 86 20.15 16.61 15.40
N ILE C 87 18.93 16.85 14.88
CA ILE C 87 17.78 16.99 15.77
C ILE C 87 17.54 15.69 16.53
N ALA C 88 17.53 14.57 15.82
CA ALA C 88 17.15 13.30 16.43
C ALA C 88 18.22 12.80 17.38
N ALA C 89 19.51 13.00 17.03
CA ALA C 89 20.58 12.57 17.92
C ALA C 89 20.58 13.39 19.21
N GLY C 90 20.32 14.69 19.10
CA GLY C 90 20.26 15.51 20.31
C GLY C 90 19.17 15.09 21.26
N LEU C 91 18.12 14.45 20.75
CA LEU C 91 17.03 13.89 21.54
C LEU C 91 17.35 12.52 22.11
N GLY C 92 18.51 11.95 21.79
CA GLY C 92 18.83 10.62 22.25
C GLY C 92 18.12 9.52 21.48
N LEU C 93 17.70 9.79 20.26
CA LEU C 93 17.06 8.74 19.48
C LEU C 93 18.12 7.80 18.91
N PRO C 94 17.78 6.52 18.73
CA PRO C 94 18.76 5.54 18.26
C PRO C 94 18.87 5.51 16.74
N ALA C 95 19.92 4.82 16.28
CA ALA C 95 20.20 4.77 14.85
C ALA C 95 19.01 4.24 14.06
N GLY C 96 18.29 3.27 14.61
CA GLY C 96 17.15 2.72 13.89
C GLY C 96 16.03 3.72 13.67
N VAL C 97 15.92 4.72 14.56
CA VAL C 97 14.93 5.78 14.32
C VAL C 97 15.45 6.78 13.30
N LEU C 98 16.74 7.14 13.37
CA LEU C 98 17.30 8.09 12.41
C LEU C 98 17.26 7.54 10.98
N ALA C 99 17.39 6.22 10.82
CA ALA C 99 17.48 5.64 9.48
C ALA C 99 16.29 6.04 8.62
N GLN C 100 15.09 5.97 9.19
CA GLN C 100 13.87 6.30 8.46
C GLN C 100 13.85 7.79 8.07
N LEU C 101 14.47 8.65 8.89
CA LEU C 101 14.53 10.08 8.56
C LEU C 101 15.41 10.34 7.34
N GLY C 102 16.57 9.67 7.27
CA GLY C 102 17.42 9.81 6.11
C GLY C 102 16.77 9.29 4.84
N SER C 103 16.00 8.20 4.96
N SER C 103 15.98 8.22 4.96
CA SER C 103 15.31 7.62 3.81
CA SER C 103 15.35 7.64 3.77
C SER C 103 14.39 8.64 3.16
C SER C 103 14.37 8.64 3.14
N SER C 104 13.68 9.42 3.97
CA SER C 104 12.74 10.39 3.41
C SER C 104 13.47 11.44 2.57
N VAL C 105 14.67 11.84 3.01
CA VAL C 105 15.40 12.88 2.28
C VAL C 105 15.89 12.34 0.94
N ALA C 106 16.44 11.12 0.93
CA ALA C 106 16.81 10.49 -0.34
C ALA C 106 15.61 10.34 -1.25
N ASP C 107 14.42 10.05 -0.69
CA ASP C 107 13.19 10.00 -1.49
C ASP C 107 12.91 11.34 -2.16
N GLN C 108 13.03 12.43 -1.40
CA GLN C 108 12.82 13.76 -1.96
C GLN C 108 13.75 14.01 -3.14
N ASN C 109 15.01 13.63 -3.01
CA ASN C 109 15.97 13.90 -4.08
C ASN C 109 15.67 13.04 -5.30
N ALA C 110 15.22 11.80 -5.10
CA ALA C 110 14.85 10.97 -6.24
C ALA C 110 13.63 11.54 -6.94
N ALA C 111 12.68 12.09 -6.18
CA ALA C 111 11.50 12.69 -6.78
C ALA C 111 11.87 13.91 -7.63
N MET C 112 12.78 14.76 -7.13
CA MET C 112 13.16 15.94 -7.89
C MET C 112 13.94 15.58 -9.15
N LEU C 113 14.92 14.68 -9.00
CA LEU C 113 15.66 14.24 -10.17
C LEU C 113 14.75 13.53 -11.17
N GLY C 114 13.82 12.73 -10.66
CA GLY C 114 12.91 12.02 -11.54
C GLY C 114 12.04 12.96 -12.37
N GLN C 115 11.57 14.05 -11.76
CA GLN C 115 10.69 14.94 -12.49
C GLN C 115 11.43 15.64 -13.62
N LEU C 116 12.74 15.84 -13.49
CA LEU C 116 13.53 16.37 -14.60
C LEU C 116 13.70 15.35 -15.71
N LEU C 117 13.58 14.07 -15.40
CA LEU C 117 13.79 13.01 -16.38
C LEU C 117 12.49 12.43 -16.91
N ALA C 118 11.34 12.85 -16.36
CA ALA C 118 10.06 12.24 -16.69
C ALA C 118 9.76 12.31 -18.19
N LYS C 119 10.05 13.45 -18.82
CA LYS C 119 9.70 13.60 -20.22
C LYS C 119 10.56 12.72 -21.12
N HIS C 120 11.60 12.10 -20.58
CA HIS C 120 12.41 11.14 -21.31
C HIS C 120 11.98 9.71 -21.04
N GLY C 121 10.87 9.52 -20.34
CA GLY C 121 10.33 8.21 -20.04
C GLY C 121 10.94 7.52 -18.84
N ILE C 122 11.85 8.19 -18.13
CA ILE C 122 12.62 7.57 -17.06
C ILE C 122 11.80 7.67 -15.77
N PRO C 123 11.47 6.55 -15.14
CA PRO C 123 10.63 6.61 -13.93
C PRO C 123 11.45 6.60 -12.66
N VAL C 124 10.80 7.00 -11.58
CA VAL C 124 11.29 6.79 -10.22
C VAL C 124 10.66 5.50 -9.72
N VAL C 125 11.48 4.60 -9.21
CA VAL C 125 11.00 3.29 -8.80
C VAL C 125 11.30 3.10 -7.32
N GLY C 126 10.42 2.38 -6.65
CA GLY C 126 10.56 2.13 -5.24
C GLY C 126 9.84 0.87 -4.86
N GLY C 127 9.51 0.78 -3.58
CA GLY C 127 8.90 -0.45 -3.11
C GLY C 127 9.95 -1.50 -2.78
N ALA C 128 9.62 -2.35 -1.80
CA ALA C 128 10.57 -3.30 -1.24
C ALA C 128 11.22 -4.16 -2.33
N GLY C 129 10.47 -4.50 -3.37
CA GLY C 129 10.98 -5.36 -4.41
C GLY C 129 11.54 -4.64 -5.62
N LEU C 130 11.28 -3.34 -5.73
CA LEU C 130 11.66 -2.56 -6.92
C LEU C 130 11.10 -3.22 -8.17
N SER C 131 9.81 -3.53 -8.13
CA SER C 131 9.18 -4.32 -9.18
C SER C 131 9.26 -3.64 -10.54
N ALA C 132 9.35 -2.32 -10.57
CA ALA C 132 9.31 -1.60 -11.85
C ALA C 132 10.66 -1.57 -12.57
N VAL C 133 11.71 -2.16 -12.00
CA VAL C 133 13.05 -2.01 -12.59
C VAL C 133 13.16 -2.78 -13.91
N PRO C 134 12.87 -4.09 -13.98
CA PRO C 134 13.13 -4.82 -15.23
C PRO C 134 12.48 -4.23 -16.47
N LEU C 135 11.21 -3.81 -16.37
CA LEU C 135 10.54 -3.27 -17.54
C LEU C 135 11.12 -1.91 -17.91
N SER C 136 11.35 -1.06 -16.92
CA SER C 136 11.85 0.27 -17.23
C SER C 136 13.23 0.21 -17.85
N LEU C 137 14.09 -0.67 -17.33
CA LEU C 137 15.45 -0.81 -17.87
C LEU C 137 15.42 -1.31 -19.31
N ALA C 138 14.54 -2.25 -19.62
CA ALA C 138 14.49 -2.76 -20.99
C ALA C 138 13.99 -1.71 -21.95
N GLU C 139 13.06 -0.86 -21.52
CA GLU C 139 12.33 0.00 -22.45
C GLU C 139 12.92 1.40 -22.58
N VAL C 140 13.39 2.01 -21.50
CA VAL C 140 13.98 3.34 -21.58
C VAL C 140 15.40 3.39 -21.04
N ASN C 141 15.94 2.25 -20.60
CA ASN C 141 17.35 2.07 -20.24
C ASN C 141 17.76 2.81 -18.97
N ALA C 142 16.80 3.26 -18.16
CA ALA C 142 17.19 3.96 -16.94
C ALA C 142 16.02 3.99 -15.96
N VAL C 143 16.37 3.96 -14.67
CA VAL C 143 15.44 4.18 -13.58
C VAL C 143 16.15 5.01 -12.53
N VAL C 144 15.35 5.72 -11.75
CA VAL C 144 15.82 6.48 -10.59
C VAL C 144 15.28 5.80 -9.36
N PHE C 145 16.14 5.63 -8.35
CA PHE C 145 15.71 5.04 -7.10
C PHE C 145 16.29 5.84 -5.94
N SER C 146 15.67 5.68 -4.77
CA SER C 146 16.18 6.32 -3.56
C SER C 146 17.32 5.49 -2.98
N GLY C 147 18.41 6.15 -2.63
CA GLY C 147 19.63 5.43 -2.29
C GLY C 147 19.76 4.86 -0.88
N MET C 148 18.81 5.12 0.03
CA MET C 148 18.95 4.62 1.41
C MET C 148 18.60 3.15 1.48
N PRO C 149 19.34 2.36 2.26
CA PRO C 149 18.91 0.98 2.51
C PRO C 149 17.62 0.94 3.31
N PRO C 150 16.83 -0.12 3.18
CA PRO C 150 15.50 -0.13 3.78
C PRO C 150 15.51 -0.63 5.22
N TYR C 151 16.66 -0.57 5.89
CA TYR C 151 16.81 -1.20 7.20
C TYR C 151 15.88 -0.60 8.25
N LYS C 152 15.56 0.68 8.15
CA LYS C 152 14.62 1.36 9.10
C LYS C 152 15.03 1.04 10.53
N LEU C 153 14.11 0.61 11.39
CA LEU C 153 14.40 0.36 12.80
C LEU C 153 15.39 -0.77 13.00
N TRP C 154 15.60 -1.62 11.99
CA TRP C 154 16.57 -2.71 12.07
C TRP C 154 17.96 -2.30 11.61
N MET C 155 18.19 -1.01 11.38
CA MET C 155 19.50 -0.50 11.02
C MET C 155 20.56 -0.91 12.05
N ARG C 156 21.66 -1.48 11.57
CA ARG C 156 22.76 -1.76 12.50
C ARG C 156 23.44 -0.45 12.90
N PRO C 157 23.65 -0.20 14.18
CA PRO C 157 24.33 1.03 14.60
C PRO C 157 25.84 0.91 14.44
N ALA C 158 26.48 2.08 14.39
CA ALA C 158 27.93 2.12 14.46
C ALA C 158 28.39 1.76 15.88
N ALA C 159 29.70 1.54 16.02
CA ALA C 159 30.25 1.26 17.35
C ALA C 159 30.05 2.45 18.28
N GLU C 160 29.97 3.65 17.74
CA GLU C 160 29.85 4.86 18.54
C GLU C 160 28.82 5.78 17.90
N GLY C 161 27.95 6.37 18.72
CA GLY C 161 27.00 7.34 18.23
C GLY C 161 25.81 6.68 17.55
N VAL C 162 24.85 7.51 17.14
CA VAL C 162 23.57 7.04 16.60
C VAL C 162 23.40 7.37 15.13
N ILE C 163 24.41 7.93 14.47
CA ILE C 163 24.23 8.21 13.05
C ILE C 163 24.19 6.89 12.30
N PRO C 164 23.18 6.64 11.48
CA PRO C 164 23.15 5.39 10.68
C PRO C 164 24.42 5.25 9.87
N PRO C 165 25.12 4.13 10.01
CA PRO C 165 26.42 4.00 9.32
C PRO C 165 26.27 3.51 7.89
N TYR C 166 25.11 2.92 7.55
CA TYR C 166 24.79 2.48 6.19
C TYR C 166 23.82 3.50 5.62
N ARG C 167 24.32 4.36 4.74
CA ARG C 167 23.46 5.38 4.18
C ARG C 167 23.44 5.22 2.66
N THR C 168 23.44 6.32 1.91
CA THR C 168 23.18 6.18 0.48
C THR C 168 24.37 5.66 -0.33
N ASP C 169 25.61 5.77 0.15
CA ASP C 169 26.68 5.03 -0.54
C ASP C 169 26.44 3.52 -0.43
N ALA C 170 26.09 3.06 0.77
CA ALA C 170 25.89 1.64 1.02
C ALA C 170 24.67 1.13 0.29
N GLY C 171 23.58 1.91 0.31
CA GLY C 171 22.37 1.47 -0.38
C GLY C 171 22.59 1.30 -1.88
N CYS C 172 23.29 2.24 -2.51
CA CYS C 172 23.56 2.11 -3.94
C CYS C 172 24.53 0.96 -4.21
N PHE C 173 25.58 0.83 -3.39
CA PHE C 173 26.54 -0.25 -3.61
C PHE C 173 25.88 -1.62 -3.51
N LEU C 174 25.07 -1.83 -2.47
CA LEU C 174 24.48 -3.15 -2.26
C LEU C 174 23.51 -3.51 -3.38
N LEU C 175 22.86 -2.51 -3.97
CA LEU C 175 22.01 -2.80 -5.12
C LEU C 175 22.85 -3.23 -6.31
N ALA C 176 23.97 -2.54 -6.56
CA ALA C 176 24.87 -2.98 -7.63
C ALA C 176 25.33 -4.40 -7.38
N GLU C 177 25.67 -4.71 -6.13
CA GLU C 177 26.14 -6.05 -5.78
C GLU C 177 25.03 -7.09 -5.93
N GLN C 178 23.83 -6.78 -5.44
CA GLN C 178 22.72 -7.73 -5.50
C GLN C 178 22.37 -8.09 -6.94
N PHE C 179 22.32 -7.10 -7.83
CA PHE C 179 21.95 -7.35 -9.22
C PHE C 179 23.13 -7.75 -10.09
N GLY C 180 24.32 -7.89 -9.51
CA GLY C 180 25.47 -8.34 -10.27
C GLY C 180 25.85 -7.40 -11.40
N CYS C 181 25.64 -6.10 -11.19
CA CYS C 181 25.89 -5.10 -12.21
C CYS C 181 27.37 -5.04 -12.57
N LYS C 182 27.65 -4.52 -13.76
CA LYS C 182 29.04 -4.50 -14.21
C LYS C 182 29.87 -3.39 -13.58
N GLN C 183 29.26 -2.29 -13.10
N GLN C 183 29.26 -2.33 -13.04
CA GLN C 183 30.04 -1.23 -12.47
CA GLN C 183 30.06 -1.28 -12.43
C GLN C 183 29.18 -0.49 -11.46
C GLN C 183 29.20 -0.43 -11.51
N MET C 184 29.87 0.16 -10.52
CA MET C 184 29.26 1.05 -9.55
C MET C 184 30.02 2.37 -9.64
N ILE C 185 29.31 3.45 -9.96
CA ILE C 185 29.94 4.75 -10.12
C ILE C 185 29.31 5.72 -9.14
N PHE C 186 30.14 6.33 -8.28
CA PHE C 186 29.71 7.36 -7.36
C PHE C 186 29.99 8.72 -8.00
N VAL C 187 28.95 9.53 -8.17
CA VAL C 187 29.08 10.86 -8.78
C VAL C 187 29.06 11.89 -7.66
N LYS C 188 30.19 12.56 -7.47
CA LYS C 188 30.36 13.48 -6.34
C LYS C 188 30.80 14.83 -6.91
N ASP C 189 31.46 15.65 -6.09
CA ASP C 189 31.83 17.00 -6.48
C ASP C 189 33.33 17.24 -6.39
N GLU C 190 34.12 16.17 -6.35
CA GLU C 190 35.58 16.25 -6.44
C GLU C 190 36.04 15.19 -7.42
N ASP C 191 37.25 15.35 -7.95
CA ASP C 191 37.74 14.42 -8.98
C ASP C 191 37.82 12.98 -8.47
N GLY C 192 37.92 12.80 -7.17
CA GLY C 192 37.94 11.47 -6.57
C GLY C 192 38.51 11.58 -5.17
N LEU C 193 39.24 10.53 -4.76
CA LEU C 193 39.88 10.51 -3.46
C LEU C 193 41.16 11.36 -3.47
N TYR C 194 41.37 12.10 -2.38
CA TYR C 194 42.63 12.79 -2.13
C TYR C 194 43.21 12.31 -0.81
N THR C 195 44.47 12.68 -0.57
CA THR C 195 45.10 12.33 0.70
C THR C 195 44.43 13.04 1.88
N ALA C 196 43.67 14.11 1.62
CA ALA C 196 42.90 14.79 2.65
C ALA C 196 41.73 15.48 1.95
N ASN C 197 40.77 15.95 2.74
CA ASN C 197 39.64 16.65 2.17
C ASN C 197 40.14 17.85 1.38
N PRO C 198 39.97 17.88 0.05
CA PRO C 198 40.51 19.01 -0.73
C PRO C 198 39.83 20.34 -0.44
N LYS C 199 38.62 20.33 0.14
CA LYS C 199 37.99 21.61 0.50
C LYS C 199 38.65 22.26 1.71
N THR C 200 39.32 21.50 2.57
CA THR C 200 39.92 22.04 3.79
C THR C 200 41.44 21.97 3.83
N SER C 201 42.09 21.34 2.85
CA SER C 201 43.51 21.04 2.95
C SER C 201 44.20 21.41 1.63
N LYS C 202 45.03 22.46 1.68
CA LYS C 202 45.80 22.83 0.50
C LYS C 202 46.73 21.71 0.06
N ASP C 203 47.21 20.89 1.00
CA ASP C 203 48.18 19.83 0.77
C ASP C 203 47.58 18.63 0.04
N ALA C 204 46.26 18.56 -0.08
CA ALA C 204 45.62 17.33 -0.55
C ALA C 204 46.11 16.98 -1.95
N THR C 205 46.53 15.73 -2.14
CA THR C 205 46.96 15.26 -3.46
C THR C 205 46.06 14.14 -3.93
N PHE C 206 45.82 14.11 -5.24
CA PHE C 206 44.85 13.21 -5.82
C PHE C 206 45.35 11.76 -5.81
N ILE C 207 44.43 10.82 -5.58
CA ILE C 207 44.74 9.41 -5.57
C ILE C 207 43.90 8.74 -6.67
N PRO C 208 44.51 8.43 -7.82
CA PRO C 208 43.74 7.82 -8.92
C PRO C 208 43.25 6.41 -8.64
N ARG C 209 44.01 5.61 -7.90
CA ARG C 209 43.68 4.19 -7.74
C ARG C 209 44.24 3.68 -6.43
N ILE C 210 43.43 2.93 -5.68
CA ILE C 210 43.82 2.52 -4.34
C ILE C 210 42.97 1.32 -3.92
N SER C 211 43.53 0.46 -3.07
CA SER C 211 42.78 -0.64 -2.49
C SER C 211 42.10 -0.21 -1.19
N VAL C 212 41.10 -0.99 -0.78
CA VAL C 212 40.47 -0.77 0.53
C VAL C 212 41.51 -0.74 1.64
N ASP C 213 42.37 -1.77 1.68
CA ASP C 213 43.34 -1.86 2.77
C ASP C 213 44.31 -0.69 2.77
N GLU C 214 44.68 -0.19 1.58
CA GLU C 214 45.55 0.98 1.53
C GLU C 214 44.83 2.23 2.02
N MET C 215 43.54 2.38 1.70
CA MET C 215 42.76 3.50 2.24
C MET C 215 42.73 3.46 3.75
N LYS C 216 42.50 2.28 4.32
CA LYS C 216 42.45 2.16 5.78
C LYS C 216 43.79 2.50 6.39
N ALA C 217 44.89 2.04 5.77
CA ALA C 217 46.22 2.33 6.30
C ALA C 217 46.56 3.81 6.23
N LYS C 218 45.96 4.54 5.30
CA LYS C 218 46.19 5.97 5.20
C LYS C 218 45.21 6.79 6.04
N GLY C 219 44.36 6.13 6.83
CA GLY C 219 43.37 6.82 7.63
C GLY C 219 42.20 7.35 6.82
N LEU C 220 41.98 6.82 5.62
CA LEU C 220 40.98 7.34 4.70
C LEU C 220 39.72 6.48 4.67
N HIS C 221 39.51 5.64 5.69
CA HIS C 221 38.41 4.69 5.66
C HIS C 221 37.05 5.38 5.68
N ASP C 222 36.96 6.57 6.26
CA ASP C 222 35.69 7.31 6.29
C ASP C 222 35.87 8.68 5.64
N SER C 223 36.29 8.69 4.37
CA SER C 223 36.67 9.92 3.71
C SER C 223 35.67 10.18 2.59
N ILE C 224 35.88 9.64 1.40
CA ILE C 224 35.01 9.93 0.26
C ILE C 224 33.75 9.04 0.25
N LEU C 225 33.78 7.89 0.90
CA LEU C 225 32.64 7.01 1.01
C LEU C 225 32.38 6.68 2.47
N GLU C 226 31.10 6.40 2.79
CA GLU C 226 30.75 5.79 4.07
C GLU C 226 31.64 4.57 4.33
N PHE C 227 32.25 4.54 5.51
CA PHE C 227 33.27 3.52 5.78
C PHE C 227 32.78 2.09 5.64
N PRO C 228 31.54 1.73 6.00
CA PRO C 228 31.13 0.33 5.80
C PRO C 228 31.15 -0.11 4.35
N VAL C 229 31.06 0.83 3.40
CA VAL C 229 31.12 0.48 1.98
C VAL C 229 32.44 -0.21 1.66
N LEU C 230 33.53 0.21 2.31
CA LEU C 230 34.81 -0.42 2.04
C LEU C 230 34.81 -1.89 2.46
N ASP C 231 34.15 -2.21 3.58
CA ASP C 231 34.06 -3.60 4.00
C ASP C 231 33.09 -4.38 3.14
N LEU C 232 31.95 -3.79 2.79
CA LEU C 232 31.01 -4.45 1.89
C LEU C 232 31.69 -4.78 0.56
N LEU C 233 32.54 -3.86 0.08
CA LEU C 233 33.31 -4.08 -1.14
C LEU C 233 34.23 -5.29 -1.01
N GLN C 234 34.87 -5.45 0.15
CA GLN C 234 35.74 -6.61 0.30
C GLN C 234 34.96 -7.90 0.44
N SER C 235 33.68 -7.83 0.80
CA SER C 235 32.85 -9.01 0.91
C SER C 235 32.08 -9.30 -0.38
N ALA C 236 32.11 -8.39 -1.34
CA ALA C 236 31.20 -8.47 -2.48
C ALA C 236 31.57 -9.65 -3.38
N GLN C 237 30.54 -10.26 -3.96
CA GLN C 237 30.73 -11.35 -4.92
C GLN C 237 30.91 -10.81 -6.34
N HIS C 238 30.22 -9.72 -6.67
CA HIS C 238 30.07 -9.26 -8.05
C HIS C 238 30.79 -7.95 -8.31
N VAL C 239 30.67 -6.97 -7.42
CA VAL C 239 31.22 -5.64 -7.65
C VAL C 239 32.47 -5.53 -6.79
N ARG C 240 33.64 -5.75 -7.41
CA ARG C 240 34.91 -5.82 -6.69
C ARG C 240 35.71 -4.53 -6.76
N GLU C 241 35.17 -3.50 -7.41
CA GLU C 241 35.76 -2.17 -7.43
C GLU C 241 34.65 -1.18 -7.63
N VAL C 242 34.94 0.09 -7.31
CA VAL C 242 34.02 1.19 -7.58
C VAL C 242 34.82 2.35 -8.14
N GLN C 243 34.14 3.24 -8.85
CA GLN C 243 34.78 4.45 -9.33
C GLN C 243 34.04 5.67 -8.77
N VAL C 244 34.81 6.66 -8.32
CA VAL C 244 34.26 7.94 -7.88
C VAL C 244 34.70 8.99 -8.88
N VAL C 245 33.75 9.78 -9.38
CA VAL C 245 34.05 10.78 -10.39
C VAL C 245 33.42 12.10 -10.00
N ASN C 246 33.93 13.16 -10.61
CA ASN C 246 33.44 14.52 -10.38
C ASN C 246 32.31 14.79 -11.36
N GLY C 247 31.07 14.79 -10.86
CA GLY C 247 29.92 15.14 -11.67
C GLY C 247 29.80 16.60 -12.00
N LEU C 248 30.62 17.47 -11.40
CA LEU C 248 30.61 18.88 -11.78
C LEU C 248 31.43 19.17 -13.02
N VAL C 249 32.10 18.17 -13.57
CA VAL C 249 32.89 18.30 -14.79
C VAL C 249 32.18 17.55 -15.90
N PRO C 250 31.69 18.22 -16.94
CA PRO C 250 30.91 17.52 -17.97
C PRO C 250 31.73 16.42 -18.62
N GLY C 251 31.08 15.29 -18.86
CA GLY C 251 31.66 14.18 -19.58
C GLY C 251 32.26 13.11 -18.68
N ASN C 252 32.55 13.42 -17.42
CA ASN C 252 33.15 12.44 -16.52
C ASN C 252 32.25 11.24 -16.33
N LEU C 253 30.96 11.48 -16.06
CA LEU C 253 30.02 10.37 -15.93
C LEU C 253 29.94 9.57 -17.21
N THR C 254 29.79 10.26 -18.35
CA THR C 254 29.67 9.58 -19.64
C THR C 254 30.89 8.69 -19.91
N ARG C 255 32.09 9.20 -19.66
CA ARG C 255 33.28 8.40 -19.93
C ARG C 255 33.40 7.25 -18.93
N ALA C 256 33.08 7.50 -17.65
CA ALA C 256 33.12 6.43 -16.66
C ALA C 256 32.14 5.30 -17.02
N LEU C 257 30.97 5.65 -17.58
CA LEU C 257 29.99 4.63 -17.94
C LEU C 257 30.52 3.70 -19.03
N ALA C 258 31.33 4.23 -19.95
CA ALA C 258 31.96 3.38 -20.98
C ALA C 258 33.15 2.60 -20.42
N GLY C 259 33.42 2.70 -19.13
CA GLY C 259 34.45 1.95 -18.45
C GLY C 259 35.73 2.73 -18.19
N GLU C 260 35.85 3.94 -18.71
CA GLU C 260 37.12 4.65 -18.63
C GLU C 260 37.43 5.07 -17.19
N HIS C 261 38.70 5.00 -16.83
CA HIS C 261 39.19 5.47 -15.54
C HIS C 261 39.34 6.99 -15.61
N VAL C 262 38.39 7.72 -15.04
CA VAL C 262 38.48 9.18 -15.07
C VAL C 262 38.64 9.80 -13.69
N GLY C 263 38.20 9.13 -12.63
CA GLY C 263 38.32 9.64 -11.27
C GLY C 263 39.18 8.70 -10.45
N THR C 264 38.67 8.27 -9.30
CA THR C 264 39.39 7.33 -8.45
C THR C 264 38.72 5.96 -8.55
N ILE C 265 39.52 4.93 -8.80
CA ILE C 265 39.07 3.56 -8.74
C ILE C 265 39.53 2.98 -7.39
N ILE C 266 38.57 2.47 -6.61
CA ILE C 266 38.84 1.83 -5.34
C ILE C 266 38.58 0.35 -5.51
N THR C 267 39.57 -0.48 -5.19
CA THR C 267 39.45 -1.92 -5.41
C THR C 267 39.36 -2.66 -4.09
N ALA C 268 38.58 -3.77 -4.10
CA ALA C 268 38.47 -4.62 -2.91
C ALA C 268 39.83 -5.14 -2.47
N SER C 269 40.68 -5.51 -3.42
CA SER C 269 41.99 -6.07 -3.10
C SER C 269 43.09 -5.48 -3.97
N ARG D 32 23.65 7.22 26.32
CA ARG D 32 23.01 6.21 25.47
C ARG D 32 21.62 6.64 25.05
N PRO D 33 21.10 6.06 23.96
CA PRO D 33 19.79 6.45 23.46
C PRO D 33 18.68 6.21 24.48
N ILE D 34 17.62 7.00 24.37
CA ILE D 34 16.43 6.74 25.16
C ILE D 34 15.87 5.36 24.81
N ARG D 35 15.15 4.76 25.76
CA ARG D 35 14.39 3.55 25.47
C ARG D 35 13.02 3.95 24.92
N LEU D 36 12.65 3.36 23.78
CA LEU D 36 11.35 3.68 23.18
C LEU D 36 10.22 2.96 23.88
N LEU D 37 10.40 1.66 24.15
CA LEU D 37 9.38 0.83 24.78
C LEU D 37 10.03 0.05 25.91
N PRO D 38 10.33 0.73 27.03
CA PRO D 38 11.11 0.08 28.11
C PRO D 38 10.37 -1.04 28.81
N TRP D 39 9.04 -1.09 28.70
CA TRP D 39 8.23 -2.09 29.40
C TRP D 39 7.95 -3.31 28.54
N LEU D 40 8.50 -3.34 27.32
CA LEU D 40 8.20 -4.41 26.38
C LEU D 40 9.08 -5.63 26.63
N GLN D 41 8.47 -6.81 26.56
CA GLN D 41 9.21 -8.06 26.51
C GLN D 41 9.14 -8.60 25.09
N VAL D 42 10.31 -8.89 24.50
CA VAL D 42 10.38 -9.44 23.15
C VAL D 42 10.66 -10.94 23.25
N VAL D 43 9.88 -11.75 22.56
CA VAL D 43 9.99 -13.20 22.61
C VAL D 43 10.15 -13.71 21.19
N LYS D 44 11.29 -14.32 20.90
CA LYS D 44 11.52 -14.85 19.55
C LYS D 44 11.25 -16.34 19.58
N ILE D 45 10.39 -16.81 18.67
CA ILE D 45 9.98 -18.21 18.60
C ILE D 45 10.70 -18.86 17.42
N GLY D 46 11.46 -19.90 17.69
CA GLY D 46 12.27 -20.51 16.64
C GLY D 46 11.39 -21.14 15.57
N GLY D 47 11.79 -20.96 14.32
CA GLY D 47 11.07 -21.61 13.23
C GLY D 47 11.05 -23.12 13.37
N ARG D 48 12.13 -23.71 13.89
CA ARG D 48 12.16 -25.15 14.05
C ARG D 48 11.24 -25.61 15.17
N VAL D 49 10.89 -24.73 16.10
CA VAL D 49 9.84 -25.07 17.07
C VAL D 49 8.49 -25.11 16.38
N MET D 50 8.20 -24.10 15.55
CA MET D 50 6.96 -24.09 14.78
C MET D 50 6.88 -25.32 13.86
N ASP D 51 8.03 -25.74 13.32
CA ASP D 51 8.05 -26.88 12.39
C ASP D 51 7.56 -28.17 13.03
N ARG D 52 7.58 -28.25 14.37
CA ARG D 52 7.11 -29.49 15.00
C ARG D 52 5.60 -29.61 15.01
N GLY D 53 4.87 -28.57 14.63
CA GLY D 53 3.44 -28.66 14.54
C GLY D 53 2.77 -28.61 15.90
N ALA D 54 1.53 -29.12 15.93
CA ALA D 54 0.67 -28.97 17.09
C ALA D 54 1.30 -29.53 18.35
N ASP D 55 2.07 -30.61 18.24
CA ASP D 55 2.70 -31.20 19.42
C ASP D 55 3.51 -30.16 20.20
N ALA D 56 4.20 -29.26 19.49
CA ALA D 56 4.95 -28.19 20.16
C ALA D 56 4.14 -26.91 20.29
N ILE D 57 3.34 -26.59 19.27
CA ILE D 57 2.71 -25.28 19.19
C ILE D 57 1.58 -25.15 20.21
N LEU D 58 0.75 -26.20 20.35
CA LEU D 58 -0.39 -26.09 21.26
C LEU D 58 0.05 -25.81 22.69
N PRO D 59 1.04 -26.51 23.27
CA PRO D 59 1.48 -26.12 24.63
C PRO D 59 2.10 -24.74 24.69
N LEU D 60 2.87 -24.36 23.67
CA LEU D 60 3.43 -23.02 23.62
C LEU D 60 2.32 -21.96 23.59
N VAL D 61 1.26 -22.23 22.83
CA VAL D 61 0.15 -21.29 22.74
C VAL D 61 -0.55 -21.15 24.08
N GLU D 62 -0.69 -22.25 24.82
CA GLU D 62 -1.28 -22.15 26.15
C GLU D 62 -0.38 -21.38 27.10
N GLU D 63 0.95 -21.54 26.97
CA GLU D 63 1.84 -20.78 27.84
C GLU D 63 1.79 -19.29 27.48
N LEU D 64 1.81 -18.97 26.19
CA LEU D 64 1.68 -17.58 25.75
C LEU D 64 0.36 -16.98 26.22
N ARG D 65 -0.74 -17.75 26.14
CA ARG D 65 -2.03 -17.27 26.62
C ARG D 65 -1.96 -16.83 28.08
N LYS D 66 -1.34 -17.67 28.93
CA LYS D 66 -1.29 -17.32 30.35
C LYS D 66 -0.30 -16.20 30.64
N LEU D 67 0.59 -15.89 29.70
CA LEU D 67 1.53 -14.79 29.87
C LEU D 67 0.93 -13.43 29.53
N LEU D 68 -0.10 -13.40 28.69
CA LEU D 68 -0.69 -12.13 28.26
C LEU D 68 -1.10 -11.20 29.41
N PRO D 69 -1.74 -11.67 30.50
CA PRO D 69 -2.07 -10.72 31.58
C PRO D 69 -0.89 -10.30 32.41
N GLU D 70 0.27 -10.93 32.24
CA GLU D 70 1.45 -10.60 33.02
C GLU D 70 2.41 -9.65 32.31
N HIS D 71 2.54 -9.75 30.99
CA HIS D 71 3.53 -9.00 30.23
C HIS D 71 2.88 -8.44 28.99
N ARG D 72 3.49 -7.39 28.45
CA ARG D 72 3.16 -6.99 27.10
C ARG D 72 4.26 -7.48 26.16
N LEU D 73 3.84 -8.21 25.14
CA LEU D 73 4.70 -9.09 24.37
C LEU D 73 4.74 -8.66 22.92
N LEU D 74 5.96 -8.55 22.39
CA LEU D 74 6.18 -8.59 20.95
C LEU D 74 6.74 -9.98 20.67
N ILE D 75 5.92 -10.82 20.03
CA ILE D 75 6.25 -12.21 19.69
C ILE D 75 6.73 -12.24 18.25
N LEU D 76 7.96 -12.71 18.02
CA LEU D 76 8.57 -12.69 16.70
C LEU D 76 8.94 -14.12 16.30
N THR D 77 8.49 -14.53 15.11
CA THR D 77 8.72 -15.89 14.67
C THR D 77 9.90 -15.98 13.71
N GLY D 78 10.70 -17.02 13.88
CA GLY D 78 11.72 -17.39 12.93
C GLY D 78 11.14 -18.19 11.77
N ALA D 79 12.03 -18.79 10.98
CA ALA D 79 11.67 -19.36 9.68
C ALA D 79 11.61 -20.89 9.66
N GLY D 80 12.68 -21.57 10.10
CA GLY D 80 12.65 -23.01 10.14
C GLY D 80 12.92 -23.67 8.79
N VAL D 81 12.44 -24.91 8.68
CA VAL D 81 12.90 -25.81 7.62
C VAL D 81 12.49 -25.31 6.24
N ARG D 82 11.35 -24.64 6.11
CA ARG D 82 10.94 -24.17 4.80
C ARG D 82 11.95 -23.18 4.22
N ALA D 83 12.59 -22.35 5.06
CA ALA D 83 13.63 -21.49 4.53
C ALA D 83 14.80 -22.30 3.99
N ARG D 84 15.10 -23.43 4.61
CA ARG D 84 16.14 -24.31 4.09
C ARG D 84 15.77 -24.79 2.70
N HIS D 85 14.50 -25.14 2.50
CA HIS D 85 14.10 -25.61 1.18
C HIS D 85 14.20 -24.50 0.14
N VAL D 86 13.75 -23.29 0.47
CA VAL D 86 13.81 -22.23 -0.53
C VAL D 86 15.27 -21.83 -0.78
N PHE D 87 16.14 -21.94 0.23
CA PHE D 87 17.58 -21.80 -0.01
C PHE D 87 18.10 -22.87 -0.96
N SER D 88 17.67 -24.12 -0.76
CA SER D 88 18.13 -25.19 -1.64
C SER D 88 17.77 -24.89 -3.09
N VAL D 89 16.53 -24.50 -3.34
CA VAL D 89 16.10 -24.16 -4.70
C VAL D 89 16.82 -22.92 -5.20
N GLY D 90 16.84 -21.86 -4.39
CA GLY D 90 17.42 -20.60 -4.84
C GLY D 90 18.91 -20.69 -5.12
N LEU D 91 19.63 -21.42 -4.26
CA LEU D 91 21.06 -21.62 -4.52
C LEU D 91 21.29 -22.48 -5.75
N ASP D 92 20.45 -23.50 -5.97
CA ASP D 92 20.53 -24.29 -7.20
C ASP D 92 20.30 -23.41 -8.44
N LEU D 93 19.39 -22.44 -8.33
CA LEU D 93 19.19 -21.47 -9.40
C LEU D 93 20.26 -20.39 -9.43
N GLY D 94 21.20 -20.40 -8.48
CA GLY D 94 22.29 -19.44 -8.47
C GLY D 94 22.01 -18.08 -7.85
N LEU D 95 20.89 -17.93 -7.15
CA LEU D 95 20.45 -16.60 -6.74
C LEU D 95 21.32 -16.05 -5.62
N PRO D 96 21.59 -14.75 -5.62
CA PRO D 96 22.49 -14.16 -4.63
C PRO D 96 21.81 -14.01 -3.27
N VAL D 97 22.59 -13.54 -2.30
CA VAL D 97 22.14 -13.59 -0.92
C VAL D 97 20.99 -12.61 -0.69
N GLY D 98 20.99 -11.46 -1.38
CA GLY D 98 19.87 -10.54 -1.28
C GLY D 98 18.63 -11.01 -1.99
N SER D 99 18.72 -12.08 -2.77
CA SER D 99 17.53 -12.76 -3.27
C SER D 99 16.99 -13.75 -2.23
N LEU D 100 17.89 -14.48 -1.58
CA LEU D 100 17.47 -15.49 -0.61
C LEU D 100 16.93 -14.85 0.66
N ALA D 101 17.43 -13.67 1.04
CA ALA D 101 17.00 -13.07 2.30
C ALA D 101 15.49 -12.87 2.38
N PRO D 102 14.83 -12.19 1.44
CA PRO D 102 13.38 -12.02 1.60
C PRO D 102 12.60 -13.31 1.40
N LEU D 103 13.14 -14.28 0.65
CA LEU D 103 12.47 -15.56 0.52
C LEU D 103 12.40 -16.28 1.85
N ALA D 104 13.49 -16.22 2.63
CA ALA D 104 13.47 -16.79 3.98
C ALA D 104 12.57 -15.99 4.89
N ALA D 105 12.65 -14.65 4.82
CA ALA D 105 11.82 -13.81 5.69
C ALA D 105 10.34 -14.13 5.49
N SER D 106 9.95 -14.47 4.26
CA SER D 106 8.57 -14.86 3.98
CA SER D 106 8.57 -14.86 3.98
C SER D 106 8.14 -16.05 4.84
N GLU D 107 9.04 -17.02 5.06
CA GLU D 107 8.69 -18.18 5.87
C GLU D 107 8.52 -17.82 7.35
N ALA D 108 9.32 -16.87 7.83
CA ALA D 108 9.11 -16.38 9.18
C ALA D 108 7.76 -15.67 9.30
N GLY D 109 7.40 -14.90 8.27
CA GLY D 109 6.08 -14.30 8.24
C GLY D 109 4.96 -15.33 8.32
N GLN D 110 5.09 -16.43 7.56
CA GLN D 110 4.03 -17.44 7.57
C GLN D 110 3.89 -18.09 8.94
N ASN D 111 5.03 -18.36 9.61
CA ASN D 111 4.96 -18.85 10.98
C ASN D 111 4.26 -17.83 11.88
N GLY D 112 4.47 -16.55 11.63
CA GLY D 112 3.81 -15.54 12.44
C GLY D 112 2.31 -15.53 12.21
N HIS D 113 1.88 -15.70 10.94
CA HIS D 113 0.45 -15.79 10.65
C HIS D 113 -0.17 -16.97 11.37
N ILE D 114 0.51 -18.12 11.37
CA ILE D 114 -0.02 -19.31 12.03
C ILE D 114 -0.14 -19.08 13.52
N LEU D 115 0.94 -18.60 14.15
CA LEU D 115 0.93 -18.40 15.59
C LEU D 115 -0.13 -17.38 15.99
N ALA D 116 -0.25 -16.28 15.23
CA ALA D 116 -1.23 -15.24 15.56
C ALA D 116 -2.66 -15.76 15.47
N ALA D 117 -2.95 -16.61 14.47
CA ALA D 117 -4.31 -17.15 14.35
C ALA D 117 -4.67 -17.99 15.58
N MET D 118 -3.70 -18.72 16.13
CA MET D 118 -3.97 -19.51 17.33
C MET D 118 -4.30 -18.61 18.53
N LEU D 119 -3.80 -17.39 18.54
CA LEU D 119 -4.01 -16.45 19.64
C LEU D 119 -5.04 -15.36 19.30
N ALA D 120 -5.74 -15.48 18.17
CA ALA D 120 -6.65 -14.42 17.71
C ALA D 120 -7.74 -14.12 18.73
N SER D 121 -8.30 -15.17 19.36
CA SER D 121 -9.38 -14.95 20.32
C SER D 121 -8.93 -14.19 21.55
N GLU D 122 -7.62 -14.08 21.77
CA GLU D 122 -7.06 -13.23 22.81
C GLU D 122 -6.80 -11.80 22.35
N GLY D 123 -7.17 -11.47 21.10
CA GLY D 123 -6.90 -10.15 20.57
C GLY D 123 -5.55 -9.98 19.92
N VAL D 124 -4.89 -11.08 19.56
CA VAL D 124 -3.54 -11.05 19.02
C VAL D 124 -3.61 -11.20 17.50
N SER D 125 -2.93 -10.30 16.79
CA SER D 125 -2.80 -10.37 15.33
C SER D 125 -1.34 -10.31 14.93
N TYR D 126 -1.06 -10.87 13.75
CA TYR D 126 0.20 -10.68 13.06
C TYR D 126 0.21 -9.29 12.41
N VAL D 127 1.33 -8.57 12.54
CA VAL D 127 1.47 -7.27 11.88
C VAL D 127 2.72 -7.28 11.00
N GLU D 128 2.61 -6.63 9.83
CA GLU D 128 3.70 -6.52 8.86
C GLU D 128 4.81 -5.64 9.40
N HIS D 129 5.97 -5.67 8.73
CA HIS D 129 7.13 -4.97 9.26
C HIS D 129 6.96 -3.44 9.31
N PRO D 130 6.27 -2.76 8.38
CA PRO D 130 6.08 -1.31 8.57
C PRO D 130 5.34 -1.00 9.86
N THR D 131 4.37 -1.84 10.22
CA THR D 131 3.63 -1.64 11.46
C THR D 131 4.50 -1.86 12.68
N VAL D 132 5.29 -2.93 12.68
CA VAL D 132 6.25 -3.15 13.77
C VAL D 132 7.13 -1.94 13.94
N ALA D 133 7.63 -1.37 12.83
CA ALA D 133 8.61 -0.30 12.90
C ALA D 133 7.98 1.01 13.40
N ASP D 134 6.74 1.31 13.03
CA ASP D 134 6.19 2.65 13.22
C ASP D 134 4.98 2.74 14.14
N GLN D 135 4.19 1.66 14.27
CA GLN D 135 2.93 1.75 14.98
C GLN D 135 2.82 0.73 16.11
N LEU D 136 3.92 0.16 16.56
CA LEU D 136 3.82 -0.84 17.61
C LEU D 136 3.24 -0.25 18.91
N ALA D 137 3.52 1.02 19.19
CA ALA D 137 3.07 1.60 20.45
C ALA D 137 1.55 1.67 20.50
N ILE D 138 0.90 2.11 19.41
N ILE D 138 0.90 2.07 19.40
CA ILE D 138 -0.56 2.14 19.40
CA ILE D 138 -0.56 2.17 19.42
C ILE D 138 -1.13 0.75 19.57
C ILE D 138 -1.21 0.78 19.44
N HIS D 139 -0.56 -0.23 18.86
CA HIS D 139 -1.16 -1.56 18.87
C HIS D 139 -0.98 -2.23 20.23
N LEU D 140 0.14 -2.03 20.89
CA LEU D 140 0.29 -2.57 22.24
C LEU D 140 -0.46 -1.78 23.30
N SER D 141 -1.04 -0.63 22.95
CA SER D 141 -2.04 -0.01 23.82
C SER D 141 -3.40 -0.65 23.62
N ALA D 142 -3.66 -1.22 22.45
CA ALA D 142 -4.94 -1.86 22.15
C ALA D 142 -5.02 -3.29 22.66
N THR D 143 -3.89 -3.98 22.68
CA THR D 143 -3.92 -5.41 22.94
C THR D 143 -2.65 -5.78 23.69
N ARG D 144 -2.67 -6.95 24.29
N ARG D 144 -2.67 -6.95 24.33
CA ARG D 144 -1.57 -7.37 25.16
CA ARG D 144 -1.54 -7.33 25.17
C ARG D 144 -0.38 -7.93 24.40
C ARG D 144 -0.35 -7.83 24.36
N ALA D 145 -0.56 -8.36 23.15
CA ALA D 145 0.56 -8.89 22.37
C ALA D 145 0.26 -8.78 20.89
N VAL D 146 1.33 -8.59 20.10
CA VAL D 146 1.23 -8.74 18.65
C VAL D 146 2.34 -9.67 18.20
N VAL D 147 2.15 -10.25 17.02
CA VAL D 147 3.11 -11.15 16.42
C VAL D 147 3.70 -10.48 15.19
N GLY D 148 4.99 -10.65 14.99
CA GLY D 148 5.64 -10.17 13.79
C GLY D 148 6.70 -11.14 13.32
N SER D 149 7.25 -10.85 12.16
CA SER D 149 8.36 -11.64 11.66
C SER D 149 9.63 -11.24 12.38
N ALA D 150 10.41 -12.24 12.80
CA ALA D 150 11.71 -11.94 13.41
C ALA D 150 12.78 -11.56 12.38
N PHE D 151 12.64 -11.96 11.12
CA PHE D 151 13.61 -11.53 10.11
C PHE D 151 13.52 -10.02 9.89
N PRO D 152 14.64 -9.34 9.71
CA PRO D 152 14.60 -7.91 9.35
C PRO D 152 14.33 -7.75 7.87
N PRO D 153 13.79 -6.59 7.44
CA PRO D 153 13.46 -6.34 6.03
C PRO D 153 14.66 -5.88 5.19
N TYR D 154 15.77 -6.63 5.29
CA TYR D 154 16.98 -6.27 4.58
C TYR D 154 16.83 -6.50 3.08
N HIS D 155 16.10 -7.55 2.68
CA HIS D 155 15.67 -7.76 1.28
C HIS D 155 16.92 -7.68 0.40
N HIS D 156 16.92 -6.89 -0.67
CA HIS D 156 18.02 -6.84 -1.62
C HIS D 156 19.28 -6.21 -1.04
N HIS D 157 19.19 -5.59 0.14
CA HIS D 157 20.32 -4.95 0.77
C HIS D 157 20.94 -5.80 1.86
N GLU D 158 20.70 -7.12 1.82
CA GLU D 158 21.41 -8.02 2.72
C GLU D 158 22.90 -7.97 2.42
N PHE D 159 23.73 -8.19 3.44
CA PHE D 159 25.16 -8.06 3.27
C PHE D 159 25.70 -9.24 2.46
N PRO D 160 26.63 -9.00 1.54
CA PRO D 160 27.29 -10.12 0.84
C PRO D 160 28.38 -10.75 1.69
N GLY D 161 28.90 -11.85 1.20
CA GLY D 161 29.95 -12.58 1.89
C GLY D 161 29.62 -14.05 1.96
N SER D 162 28.67 -14.39 2.81
CA SER D 162 28.08 -15.71 2.80
C SER D 162 26.99 -15.78 1.74
N ARG D 163 26.80 -16.96 1.17
CA ARG D 163 25.64 -17.16 0.32
C ARG D 163 24.36 -17.39 1.13
N ILE D 164 24.48 -17.54 2.44
CA ILE D 164 23.34 -17.69 3.33
C ILE D 164 23.08 -16.34 3.98
N PRO D 165 21.87 -15.79 3.92
CA PRO D 165 21.59 -14.50 4.55
C PRO D 165 22.04 -14.47 6.00
N PRO D 166 22.93 -13.54 6.36
CA PRO D 166 23.41 -13.49 7.76
C PRO D 166 22.41 -12.92 8.76
N HIS D 167 21.57 -11.96 8.36
CA HIS D 167 20.74 -11.24 9.34
C HIS D 167 19.39 -11.94 9.40
N ARG D 168 19.32 -12.96 10.24
CA ARG D 168 18.13 -13.80 10.29
C ARG D 168 17.27 -13.48 11.51
N ALA D 169 16.57 -14.50 12.03
CA ALA D 169 15.50 -14.25 12.99
C ALA D 169 16.04 -13.80 14.33
N ASP D 170 17.07 -14.48 14.84
CA ASP D 170 17.67 -14.05 16.11
C ASP D 170 18.17 -12.63 16.01
N THR D 171 18.90 -12.35 14.92
CA THR D 171 19.49 -11.02 14.72
C THR D 171 18.43 -9.95 14.61
N GLY D 172 17.40 -10.19 13.80
CA GLY D 172 16.35 -9.20 13.63
C GLY D 172 15.62 -8.90 14.93
N ALA D 173 15.32 -9.96 15.69
CA ALA D 173 14.64 -9.78 16.97
C ALA D 173 15.51 -9.00 17.94
N PHE D 174 16.82 -9.21 17.90
CA PHE D 174 17.66 -8.47 18.86
C PHE D 174 17.79 -7.00 18.47
N LEU D 175 17.95 -6.72 17.16
CA LEU D 175 18.00 -5.34 16.72
C LEU D 175 16.77 -4.58 17.16
N LEU D 176 15.60 -5.20 17.03
CA LEU D 176 14.36 -4.55 17.46
C LEU D 176 14.34 -4.38 18.97
N ALA D 177 14.61 -5.46 19.71
CA ALA D 177 14.59 -5.39 21.17
C ALA D 177 15.55 -4.32 21.69
N ASP D 178 16.73 -4.22 21.08
CA ASP D 178 17.70 -3.24 21.55
C ASP D 178 17.34 -1.84 21.08
N ALA D 179 16.82 -1.68 19.87
CA ALA D 179 16.40 -0.37 19.42
C ALA D 179 15.26 0.14 20.29
N PHE D 180 14.32 -0.74 20.63
CA PHE D 180 13.24 -0.37 21.53
C PHE D 180 13.71 -0.12 22.95
N GLY D 181 14.91 -0.59 23.32
CA GLY D 181 15.29 -0.55 24.71
C GLY D 181 14.36 -1.38 25.56
N ALA D 182 13.92 -2.53 25.02
CA ALA D 182 12.95 -3.39 25.67
C ALA D 182 13.52 -4.00 26.95
N ALA D 183 12.61 -4.45 27.82
CA ALA D 183 13.00 -5.05 29.08
C ALA D 183 13.73 -6.38 28.88
N GLY D 184 13.49 -7.08 27.79
CA GLY D 184 14.19 -8.31 27.58
C GLY D 184 13.99 -8.84 26.18
N LEU D 185 14.89 -9.76 25.79
CA LEU D 185 14.71 -10.60 24.62
C LEU D 185 14.96 -12.04 25.04
N THR D 186 13.98 -12.90 24.83
CA THR D 186 14.06 -14.32 25.16
C THR D 186 13.96 -15.12 23.88
N ILE D 187 14.90 -16.02 23.65
CA ILE D 187 14.96 -16.82 22.43
C ILE D 187 14.47 -18.22 22.77
N VAL D 188 13.42 -18.66 22.09
CA VAL D 188 12.72 -19.90 22.42
C VAL D 188 13.13 -20.95 21.40
N GLU D 189 13.90 -21.94 21.84
CA GLU D 189 14.62 -22.87 20.98
C GLU D 189 14.03 -24.28 21.10
N ASN D 190 14.48 -25.18 20.23
CA ASN D 190 14.11 -26.58 20.33
C ASN D 190 15.15 -27.40 21.08
N VAL D 191 16.10 -26.74 21.75
CA VAL D 191 17.08 -27.39 22.63
C VAL D 191 17.17 -26.57 23.91
N ASP D 192 17.89 -27.12 24.89
CA ASP D 192 18.00 -26.46 26.20
C ASP D 192 18.74 -25.14 26.15
N GLY D 193 19.62 -24.94 25.18
CA GLY D 193 20.48 -23.77 25.16
C GLY D 193 21.63 -23.98 24.20
N ILE D 194 22.76 -23.34 24.50
CA ILE D 194 23.96 -23.45 23.68
C ILE D 194 24.84 -24.56 24.24
N TYR D 195 25.32 -25.43 23.36
CA TYR D 195 26.28 -26.47 23.73
C TYR D 195 27.61 -26.20 23.04
N THR D 196 28.65 -26.93 23.49
CA THR D 196 29.97 -26.81 22.88
C THR D 196 30.03 -27.44 21.50
N ALA D 197 29.01 -28.20 21.12
CA ALA D 197 28.87 -28.72 19.77
C ALA D 197 27.38 -28.92 19.52
N ASP D 198 27.03 -29.21 18.27
CA ASP D 198 25.63 -29.43 17.93
C ASP D 198 25.14 -30.69 18.65
N PRO D 199 24.21 -30.55 19.61
CA PRO D 199 23.75 -31.72 20.37
C PRO D 199 22.93 -32.69 19.56
N ASN D 200 22.56 -32.34 18.33
CA ASN D 200 21.93 -33.27 17.38
C ASN D 200 22.82 -33.57 16.19
N GLY D 201 24.09 -33.17 16.23
CA GLY D 201 24.97 -33.32 15.10
C GLY D 201 25.99 -34.44 15.27
N PRO D 202 26.96 -34.52 14.35
CA PRO D 202 27.88 -35.67 14.36
C PRO D 202 28.73 -35.79 15.60
N ASP D 203 29.04 -34.67 16.27
CA ASP D 203 29.84 -34.69 17.49
C ASP D 203 28.98 -34.54 18.75
N ARG D 204 27.74 -35.02 18.69
CA ARG D 204 26.81 -34.86 19.82
C ARG D 204 27.35 -35.47 21.10
N GLY D 205 28.11 -36.57 21.00
CA GLY D 205 28.68 -37.18 22.18
C GLY D 205 29.61 -36.28 22.97
N GLN D 206 30.17 -35.25 22.33
CA GLN D 206 31.09 -34.31 22.96
C GLN D 206 30.42 -32.97 23.25
N ALA D 207 29.11 -32.87 23.12
CA ALA D 207 28.42 -31.59 23.33
C ALA D 207 28.18 -31.37 24.83
N ARG D 208 28.81 -30.34 25.36
CA ARG D 208 28.64 -29.98 26.79
C ARG D 208 27.76 -28.73 26.90
N PHE D 209 26.84 -28.73 27.85
CA PHE D 209 25.91 -27.61 27.98
C PHE D 209 26.59 -26.38 28.58
N LEU D 210 26.27 -25.20 28.04
CA LEU D 210 26.81 -23.93 28.52
C LEU D 210 25.72 -23.15 29.23
N PRO D 211 25.69 -23.13 30.56
CA PRO D 211 24.65 -22.37 31.26
C PRO D 211 24.74 -20.86 31.02
N GLU D 212 25.95 -20.34 30.83
CA GLU D 212 26.14 -18.91 30.69
C GLU D 212 27.33 -18.67 29.77
N THR D 213 27.26 -17.60 28.98
CA THR D 213 28.36 -17.26 28.10
C THR D 213 28.26 -15.79 27.73
N SER D 214 29.37 -15.27 27.22
CA SER D 214 29.39 -13.92 26.67
C SER D 214 29.33 -14.00 25.16
N ALA D 215 28.78 -12.96 24.54
CA ALA D 215 28.77 -12.89 23.09
C ALA D 215 30.19 -12.82 22.53
N THR D 216 31.09 -12.13 23.23
CA THR D 216 32.45 -12.02 22.70
C THR D 216 33.15 -13.38 22.66
N ASP D 217 32.96 -14.20 23.70
CA ASP D 217 33.55 -15.54 23.69
C ASP D 217 32.93 -16.40 22.60
N LEU D 218 31.60 -16.41 22.50
CA LEU D 218 30.93 -17.15 21.43
C LEU D 218 31.42 -16.72 20.06
N ALA D 219 31.61 -15.41 19.86
CA ALA D 219 32.08 -14.92 18.58
C ALA D 219 33.49 -15.42 18.29
N LYS D 220 34.28 -15.67 19.32
CA LYS D 220 35.63 -16.19 19.14
C LYS D 220 35.63 -17.66 18.76
N SER D 221 34.61 -18.41 19.17
CA SER D 221 34.55 -19.83 18.90
C SER D 221 34.17 -20.09 17.45
N GLU D 222 34.72 -21.17 16.90
CA GLU D 222 34.29 -21.69 15.62
C GLU D 222 33.33 -22.85 15.85
N GLY D 223 32.41 -23.04 14.92
CA GLY D 223 31.49 -24.13 15.01
C GLY D 223 30.05 -23.64 14.98
N PRO D 224 29.11 -24.57 14.91
CA PRO D 224 27.70 -24.20 14.86
C PRO D 224 27.18 -23.73 16.23
N LEU D 225 26.13 -22.91 16.17
CA LEU D 225 25.44 -22.34 17.30
C LEU D 225 23.95 -22.46 17.02
N PRO D 226 23.10 -22.46 18.05
CA PRO D 226 21.65 -22.39 17.82
C PRO D 226 21.16 -20.98 17.54
N VAL D 227 22.05 -19.99 17.50
CA VAL D 227 21.70 -18.61 17.20
C VAL D 227 22.60 -18.10 16.08
N ASP D 228 22.09 -17.13 15.32
CA ASP D 228 22.85 -16.49 14.24
C ASP D 228 24.19 -16.00 14.75
N ARG D 229 25.23 -16.16 13.93
CA ARG D 229 26.49 -15.51 14.30
C ARG D 229 26.38 -13.99 14.24
N ALA D 230 25.54 -13.47 13.35
CA ALA D 230 25.32 -12.03 13.31
C ALA D 230 24.72 -11.52 14.61
N LEU D 231 24.00 -12.38 15.34
CA LEU D 231 23.46 -11.97 16.64
C LEU D 231 24.57 -11.47 17.54
N LEU D 232 25.70 -12.20 17.58
CA LEU D 232 26.83 -11.79 18.41
C LEU D 232 27.41 -10.46 17.96
N ASP D 233 27.40 -10.20 16.64
CA ASP D 233 27.93 -8.95 16.13
C ASP D 233 27.07 -7.76 16.54
N VAL D 234 25.74 -7.89 16.45
CA VAL D 234 24.90 -6.78 16.88
C VAL D 234 24.83 -6.68 18.40
N MET D 235 25.15 -7.77 19.12
CA MET D 235 25.29 -7.64 20.57
C MET D 235 26.49 -6.78 20.93
N ALA D 236 27.53 -6.78 20.09
CA ALA D 236 28.71 -5.98 20.39
C ALA D 236 28.42 -4.50 20.33
N THR D 237 27.46 -4.08 19.50
CA THR D 237 27.11 -2.67 19.38
C THR D 237 25.83 -2.30 20.10
N ALA D 238 25.31 -3.19 20.95
CA ALA D 238 24.03 -2.95 21.62
C ALA D 238 24.13 -1.80 22.62
N ARG D 239 23.00 -1.13 22.85
CA ARG D 239 22.97 -0.02 23.79
C ARG D 239 22.22 -0.32 25.08
N HIS D 240 21.33 -1.32 25.10
CA HIS D 240 20.44 -1.50 26.24
C HIS D 240 20.40 -2.93 26.78
N ILE D 241 20.18 -3.90 25.90
CA ILE D 241 19.98 -5.27 26.34
C ILE D 241 21.28 -5.82 26.89
N GLU D 242 21.28 -6.20 28.17
CA GLU D 242 22.47 -6.75 28.81
C GLU D 242 22.58 -8.25 28.68
N ARG D 243 21.46 -8.95 28.51
CA ARG D 243 21.51 -10.41 28.45
C ARG D 243 20.32 -10.91 27.65
N VAL D 244 20.53 -12.04 26.97
CA VAL D 244 19.51 -12.74 26.20
C VAL D 244 19.54 -14.19 26.65
N GLN D 245 18.38 -14.74 27.00
CA GLN D 245 18.33 -16.13 27.42
C GLN D 245 17.76 -17.01 26.30
N VAL D 246 18.45 -18.11 26.02
CA VAL D 246 17.96 -19.15 25.11
C VAL D 246 17.41 -20.28 25.98
N VAL D 247 16.12 -20.58 25.79
CA VAL D 247 15.44 -21.59 26.60
C VAL D 247 14.69 -22.56 25.69
N ASN D 248 14.40 -23.73 26.22
CA ASN D 248 13.79 -24.82 25.45
C ASN D 248 12.27 -24.65 25.49
N GLY D 249 11.70 -24.18 24.38
CA GLY D 249 10.26 -24.03 24.28
C GLY D 249 9.50 -25.32 24.21
N LEU D 250 10.19 -26.46 24.09
CA LEU D 250 9.52 -27.76 24.19
C LEU D 250 9.27 -28.19 25.63
N VAL D 251 9.82 -27.48 26.61
CA VAL D 251 9.59 -27.78 28.01
C VAL D 251 8.63 -26.72 28.56
N PRO D 252 7.38 -27.07 28.83
CA PRO D 252 6.41 -26.05 29.28
C PRO D 252 6.89 -25.39 30.56
N GLY D 253 6.72 -24.07 30.64
CA GLY D 253 7.09 -23.33 31.83
C GLY D 253 8.43 -22.61 31.72
N ARG D 254 9.29 -23.03 30.81
CA ARG D 254 10.62 -22.41 30.72
C ARG D 254 10.53 -21.00 30.18
N LEU D 255 9.62 -20.75 29.23
CA LEU D 255 9.43 -19.38 28.76
C LEU D 255 8.90 -18.48 29.87
N THR D 256 7.91 -18.97 30.61
CA THR D 256 7.37 -18.20 31.73
C THR D 256 8.45 -17.84 32.75
N ALA D 257 9.30 -18.81 33.08
CA ALA D 257 10.33 -18.58 34.08
C ALA D 257 11.40 -17.62 33.57
N ALA D 258 11.80 -17.76 32.30
CA ALA D 258 12.76 -16.84 31.71
C ALA D 258 12.23 -15.41 31.70
N LEU D 259 10.93 -15.23 31.44
CA LEU D 259 10.36 -13.88 31.44
C LEU D 259 10.33 -13.28 32.83
N ARG D 260 10.53 -14.08 33.87
CA ARG D 260 10.70 -13.59 35.22
C ARG D 260 12.17 -13.57 35.65
N GLY D 261 13.08 -13.82 34.73
CA GLY D 261 14.49 -13.78 35.04
C GLY D 261 15.07 -15.05 35.61
N GLU D 262 14.30 -16.12 35.71
CA GLU D 262 14.85 -17.40 36.17
C GLU D 262 15.79 -17.98 35.14
N HIS D 263 16.89 -18.56 35.62
CA HIS D 263 17.92 -19.13 34.75
C HIS D 263 17.53 -20.58 34.46
N VAL D 264 16.94 -20.82 33.28
CA VAL D 264 16.50 -22.16 32.90
C VAL D 264 17.08 -22.58 31.55
N GLY D 265 17.86 -21.73 30.89
CA GLY D 265 18.57 -22.11 29.68
C GLY D 265 19.98 -21.54 29.66
N THR D 266 20.40 -21.02 28.51
CA THR D 266 21.70 -20.40 28.35
C THR D 266 21.52 -18.89 28.40
N LEU D 267 22.24 -18.24 29.31
CA LEU D 267 22.32 -16.79 29.33
C LEU D 267 23.47 -16.34 28.42
N ILE D 268 23.18 -15.41 27.51
CA ILE D 268 24.20 -14.78 26.68
C ILE D 268 24.35 -13.35 27.16
N ARG D 269 25.53 -13.00 27.67
CA ARG D 269 25.82 -11.63 28.06
C ARG D 269 26.23 -10.83 26.83
N THR D 270 25.60 -9.68 26.62
CA THR D 270 25.86 -8.87 25.43
C THR D 270 27.10 -8.01 25.54
N GLY D 271 27.56 -7.71 26.74
CA GLY D 271 28.62 -6.74 26.93
C GLY D 271 28.14 -5.33 27.22
N VAL D 272 26.84 -5.08 27.18
CA VAL D 272 26.31 -3.83 27.70
C VAL D 272 26.47 -3.84 29.21
N ARG D 273 27.00 -2.75 29.75
CA ARG D 273 27.04 -2.73 31.20
C ARG D 273 25.99 -1.75 31.73
N PRO D 274 25.56 -1.92 32.98
CA PRO D 274 24.82 -0.84 33.68
C PRO D 274 25.34 0.57 33.41
N ALA D 275 24.41 1.53 33.31
CA ALA D 275 24.73 2.92 32.94
C ALA D 275 25.40 3.72 34.07
N SER E 3 18.57 36.25 -8.62
CA SER E 3 19.43 35.99 -7.46
C SER E 3 18.96 34.74 -6.71
N THR E 4 19.71 33.64 -6.88
CA THR E 4 19.44 32.45 -6.08
C THR E 4 19.81 32.67 -4.62
N ALA E 5 20.73 33.60 -4.34
CA ALA E 5 21.16 33.85 -2.97
C ALA E 5 20.15 34.67 -2.19
N GLU E 6 19.51 35.66 -2.83
CA GLU E 6 18.50 36.45 -2.13
C GLU E 6 17.24 35.62 -1.86
N LEU E 7 16.85 34.79 -2.83
CA LEU E 7 15.77 33.84 -2.59
C LEU E 7 16.12 32.85 -1.49
N GLU E 8 17.33 32.27 -1.55
CA GLU E 8 17.75 31.36 -0.50
C GLU E 8 17.74 32.04 0.87
N GLU E 9 18.16 33.31 0.90
CA GLU E 9 18.24 34.05 2.17
C GLU E 9 16.85 34.33 2.72
N LEU E 10 15.91 34.74 1.86
CA LEU E 10 14.55 34.97 2.33
C LEU E 10 13.90 33.67 2.79
N LEU E 11 14.14 32.58 2.07
CA LEU E 11 13.54 31.29 2.42
C LEU E 11 13.96 30.84 3.82
N MET E 12 15.20 31.15 4.21
CA MET E 12 15.68 30.74 5.53
C MET E 12 15.20 31.68 6.64
N GLN E 13 15.03 32.97 6.34
CA GLN E 13 14.89 33.98 7.38
C GLN E 13 13.48 34.55 7.55
N ARG E 14 12.61 34.43 6.55
CA ARG E 14 11.26 34.96 6.64
C ARG E 14 10.24 33.83 6.74
N SER E 15 9.02 34.20 7.14
CA SER E 15 7.88 33.31 6.97
C SER E 15 7.54 33.17 5.48
N LEU E 16 7.05 31.99 5.11
CA LEU E 16 6.61 31.77 3.72
C LEU E 16 5.49 32.71 3.33
N THR E 17 4.81 33.34 4.29
CA THR E 17 3.79 34.34 4.01
C THR E 17 4.36 35.71 3.69
N ASP E 18 5.67 35.89 3.79
CA ASP E 18 6.24 37.22 3.62
C ASP E 18 6.15 37.61 2.15
N PRO E 19 5.57 38.77 1.83
CA PRO E 19 5.42 39.15 0.41
C PRO E 19 6.73 39.20 -0.35
N GLN E 20 7.82 39.55 0.33
CA GLN E 20 9.12 39.62 -0.30
C GLN E 20 9.59 38.24 -0.74
N LEU E 21 9.42 37.24 0.13
CA LEU E 21 9.74 35.86 -0.22
C LEU E 21 8.85 35.38 -1.36
N GLN E 22 7.54 35.67 -1.27
CA GLN E 22 6.60 35.23 -2.30
C GLN E 22 6.97 35.81 -3.67
N ALA E 23 7.35 37.08 -3.71
CA ALA E 23 7.74 37.70 -4.96
C ALA E 23 9.07 37.13 -5.46
N ALA E 24 10.01 36.84 -4.55
CA ALA E 24 11.26 36.23 -4.97
C ALA E 24 11.03 34.83 -5.55
N ALA E 25 10.11 34.05 -4.96
CA ALA E 25 9.83 32.72 -5.48
C ALA E 25 9.15 32.77 -6.85
N ALA E 26 8.37 33.83 -7.10
CA ALA E 26 7.71 33.99 -8.38
C ALA E 26 8.70 34.20 -9.53
N ALA E 27 9.91 34.67 -9.24
CA ALA E 27 10.91 34.86 -10.28
C ALA E 27 11.68 33.59 -10.62
N ALA E 28 11.43 32.49 -9.90
CA ALA E 28 12.14 31.25 -10.16
C ALA E 28 11.86 30.75 -11.56
N ALA E 29 12.78 29.93 -12.07
CA ALA E 29 12.59 29.32 -13.38
C ALA E 29 11.36 28.42 -13.37
N ASP E 30 10.82 28.17 -14.56
CA ASP E 30 9.56 27.45 -14.73
C ASP E 30 9.83 26.23 -15.61
N PHE E 31 9.87 25.05 -14.99
CA PHE E 31 10.13 23.81 -15.70
C PHE E 31 8.81 23.11 -16.00
N ARG E 32 8.64 22.68 -17.25
CA ARG E 32 7.49 21.89 -17.67
C ARG E 32 7.90 20.42 -17.69
N ILE E 33 7.18 19.60 -16.93
CA ILE E 33 7.56 18.20 -16.71
C ILE E 33 7.20 17.33 -17.91
N LEU E 34 5.98 17.49 -18.43
CA LEU E 34 5.51 16.73 -19.61
C LEU E 34 4.96 17.69 -20.65
N PRO E 35 5.83 18.53 -21.22
CA PRO E 35 5.34 19.60 -22.12
C PRO E 35 4.67 19.09 -23.39
N ASP E 36 4.96 17.86 -23.82
CA ASP E 36 4.41 17.34 -25.07
C ASP E 36 3.15 16.52 -24.86
N ALA E 37 2.75 16.29 -23.62
CA ALA E 37 1.56 15.54 -23.31
C ALA E 37 0.33 16.43 -23.31
N THR E 38 -0.83 15.82 -23.53
CA THR E 38 -2.12 16.46 -23.46
C THR E 38 -2.96 15.72 -22.42
N VAL E 39 -3.67 16.47 -21.57
CA VAL E 39 -4.62 15.88 -20.64
C VAL E 39 -6.01 15.95 -21.25
N ILE E 40 -6.70 14.82 -21.26
CA ILE E 40 -8.09 14.71 -21.68
C ILE E 40 -8.92 14.24 -20.50
N LYS E 41 -10.07 14.87 -20.28
CA LYS E 41 -11.06 14.29 -19.38
C LYS E 41 -12.17 13.65 -20.19
N ILE E 42 -12.46 12.39 -19.89
CA ILE E 42 -13.62 11.70 -20.44
C ILE E 42 -14.73 11.82 -19.42
N GLY E 43 -15.78 12.56 -19.78
CA GLY E 43 -16.89 12.81 -18.87
C GLY E 43 -17.47 11.54 -18.28
N GLY E 44 -17.77 11.59 -16.98
CA GLY E 44 -18.41 10.45 -16.35
C GLY E 44 -19.88 10.43 -16.72
N GLN E 45 -20.59 11.49 -16.35
CA GLN E 45 -22.00 11.59 -16.68
C GLN E 45 -22.20 11.73 -18.18
N SER E 46 -21.40 12.56 -18.84
CA SER E 46 -21.66 12.88 -20.23
C SER E 46 -21.18 11.79 -21.20
N VAL E 47 -20.22 10.95 -20.80
CA VAL E 47 -19.68 9.96 -21.72
C VAL E 47 -19.76 8.55 -21.16
N ILE E 48 -19.01 8.27 -20.09
CA ILE E 48 -18.83 6.89 -19.64
C ILE E 48 -20.16 6.30 -19.18
N ASP E 49 -20.98 7.09 -18.48
CA ASP E 49 -22.30 6.62 -18.06
C ASP E 49 -23.19 6.24 -19.24
N ARG E 50 -22.88 6.69 -20.45
CA ARG E 50 -23.68 6.36 -21.63
C ARG E 50 -23.35 5.01 -22.22
N GLY E 51 -22.35 4.31 -21.67
CA GLY E 51 -22.08 2.96 -22.13
C GLY E 51 -21.43 2.89 -23.50
N ARG E 52 -21.71 1.78 -24.18
CA ARG E 52 -20.96 1.39 -25.38
C ARG E 52 -21.08 2.43 -26.49
N ALA E 53 -22.30 2.94 -26.74
CA ALA E 53 -22.50 3.81 -27.90
C ALA E 53 -21.66 5.06 -27.81
N ALA E 54 -21.31 5.49 -26.59
CA ALA E 54 -20.46 6.65 -26.38
C ALA E 54 -18.99 6.26 -26.24
N VAL E 55 -18.69 5.20 -25.49
CA VAL E 55 -17.31 4.90 -25.13
C VAL E 55 -16.55 4.27 -26.29
N TYR E 56 -17.14 3.27 -26.95
CA TYR E 56 -16.42 2.55 -28.00
C TYR E 56 -15.89 3.47 -29.10
N PRO E 57 -16.67 4.41 -29.66
CA PRO E 57 -16.06 5.32 -30.65
C PRO E 57 -14.90 6.14 -30.09
N LEU E 58 -15.00 6.56 -28.83
CA LEU E 58 -13.88 7.32 -28.25
C LEU E 58 -12.68 6.44 -27.99
N VAL E 59 -12.88 5.17 -27.65
CA VAL E 59 -11.76 4.25 -27.54
C VAL E 59 -11.03 4.16 -28.87
N ASP E 60 -11.77 4.06 -29.98
CA ASP E 60 -11.13 4.02 -31.28
C ASP E 60 -10.34 5.30 -31.54
N GLU E 61 -10.91 6.47 -31.19
CA GLU E 61 -10.18 7.71 -31.42
C GLU E 61 -8.91 7.77 -30.59
N ILE E 62 -8.97 7.29 -29.34
CA ILE E 62 -7.81 7.30 -28.47
C ILE E 62 -6.70 6.42 -29.03
N VAL E 63 -7.06 5.22 -29.50
CA VAL E 63 -6.06 4.32 -30.06
C VAL E 63 -5.43 4.94 -31.31
N ALA E 64 -6.25 5.53 -32.17
CA ALA E 64 -5.70 6.20 -33.35
C ALA E 64 -4.87 7.41 -32.95
N ALA E 65 -5.31 8.15 -31.92
CA ALA E 65 -4.65 9.40 -31.58
C ALA E 65 -3.29 9.16 -30.92
N ARG E 66 -3.12 8.04 -30.23
CA ARG E 66 -1.86 7.89 -29.51
C ARG E 66 -0.68 7.57 -30.43
N LYS E 67 -0.87 7.53 -31.74
CA LYS E 67 0.26 7.50 -32.66
C LYS E 67 0.88 8.88 -32.87
N ASN E 68 0.11 9.95 -32.67
CA ASN E 68 0.60 11.30 -32.88
C ASN E 68 0.59 12.18 -31.63
N HIS E 69 0.03 11.71 -30.53
CA HIS E 69 -0.13 12.53 -29.34
C HIS E 69 0.13 11.68 -28.11
N LYS E 70 0.64 12.31 -27.06
CA LYS E 70 0.83 11.66 -25.77
C LYS E 70 -0.31 12.08 -24.85
N LEU E 71 -1.08 11.11 -24.35
CA LEU E 71 -2.35 11.38 -23.71
C LEU E 71 -2.34 10.91 -22.25
N LEU E 72 -2.74 11.80 -21.35
CA LEU E 72 -3.15 11.44 -20.01
C LEU E 72 -4.66 11.56 -19.99
N ILE E 73 -5.35 10.42 -19.84
CA ILE E 73 -6.78 10.33 -20.02
C ILE E 73 -7.42 10.15 -18.65
N GLY E 74 -8.06 11.21 -18.15
CA GLY E 74 -8.72 11.17 -16.86
C GLY E 74 -10.21 10.90 -17.01
N THR E 75 -10.78 10.26 -16.01
CA THR E 75 -12.19 9.90 -16.02
C THR E 75 -12.97 10.75 -15.04
N GLY E 76 -14.17 11.16 -15.45
CA GLY E 76 -15.15 11.69 -14.52
C GLY E 76 -15.78 10.59 -13.72
N ALA E 77 -16.72 10.98 -12.85
CA ALA E 77 -17.39 10.03 -11.98
C ALA E 77 -18.85 9.83 -12.39
N GLY E 78 -19.65 10.89 -12.35
CA GLY E 78 -20.98 10.83 -12.90
C GLY E 78 -22.06 10.34 -11.96
N THR E 79 -23.01 9.56 -12.51
CA THR E 79 -24.28 9.32 -11.83
C THR E 79 -24.10 8.63 -10.49
N ARG E 80 -23.20 7.66 -10.41
CA ARG E 80 -23.05 6.92 -9.15
C ARG E 80 -22.47 7.82 -8.05
N ALA E 81 -21.61 8.77 -8.42
CA ALA E 81 -21.11 9.72 -7.43
C ALA E 81 -22.24 10.66 -6.98
N ARG E 82 -23.10 11.04 -7.91
CA ARG E 82 -24.25 11.86 -7.53
C ARG E 82 -25.14 11.13 -6.53
N HIS E 83 -25.35 9.83 -6.74
CA HIS E 83 -26.14 9.04 -5.79
C HIS E 83 -25.44 8.98 -4.43
N LEU E 84 -24.13 8.76 -4.43
CA LEU E 84 -23.39 8.74 -3.18
C LEU E 84 -23.46 10.08 -2.48
N TYR E 85 -23.34 11.17 -3.23
CA TYR E 85 -23.43 12.49 -2.64
C TYR E 85 -24.80 12.74 -2.04
N SER E 86 -25.86 12.27 -2.71
CA SER E 86 -27.21 12.46 -2.18
CA SER E 86 -27.20 12.48 -2.18
C SER E 86 -27.41 11.71 -0.87
N ILE E 87 -26.90 10.47 -0.79
CA ILE E 87 -27.00 9.73 0.46
C ILE E 87 -26.23 10.45 1.57
N ALA E 88 -24.97 10.80 1.29
CA ALA E 88 -24.09 11.33 2.32
C ALA E 88 -24.49 12.75 2.72
N ALA E 89 -24.89 13.57 1.73
CA ALA E 89 -25.36 14.92 2.07
C ALA E 89 -26.66 14.89 2.85
N GLY E 90 -27.53 13.92 2.57
CA GLY E 90 -28.76 13.79 3.33
C GLY E 90 -28.51 13.44 4.78
N LEU E 91 -27.36 12.83 5.07
CA LEU E 91 -26.93 12.56 6.44
C LEU E 91 -26.19 13.72 7.08
N GLY E 92 -25.85 14.76 6.31
CA GLY E 92 -25.04 15.85 6.83
C GLY E 92 -23.56 15.54 6.96
N LEU E 93 -23.04 14.55 6.24
CA LEU E 93 -21.61 14.27 6.29
C LEU E 93 -20.84 15.39 5.60
N PRO E 94 -19.65 15.75 6.09
CA PRO E 94 -18.95 16.91 5.56
C PRO E 94 -18.30 16.61 4.22
N ALA E 95 -17.93 17.70 3.53
CA ALA E 95 -17.34 17.57 2.19
C ALA E 95 -16.12 16.67 2.19
N GLY E 96 -15.34 16.65 3.27
CA GLY E 96 -14.18 15.78 3.34
C GLY E 96 -14.52 14.30 3.26
N VAL E 97 -15.69 13.91 3.77
CA VAL E 97 -16.12 12.52 3.71
C VAL E 97 -16.68 12.21 2.32
N LEU E 98 -17.42 13.14 1.72
CA LEU E 98 -17.95 12.89 0.39
C LEU E 98 -16.85 12.76 -0.65
N ALA E 99 -15.73 13.47 -0.46
CA ALA E 99 -14.67 13.46 -1.48
C ALA E 99 -14.21 12.03 -1.79
N GLN E 100 -13.93 11.25 -0.74
CA GLN E 100 -13.60 9.84 -0.89
C GLN E 100 -14.63 9.09 -1.73
N LEU E 101 -15.92 9.37 -1.49
CA LEU E 101 -16.97 8.65 -2.19
C LEU E 101 -16.92 8.91 -3.69
N GLY E 102 -16.77 10.17 -4.09
CA GLY E 102 -16.68 10.48 -5.51
C GLY E 102 -15.46 9.88 -6.15
N SER E 103 -14.35 9.82 -5.40
CA SER E 103 -13.12 9.25 -5.92
C SER E 103 -13.29 7.80 -6.34
N SER E 104 -13.99 7.01 -5.52
CA SER E 104 -14.15 5.59 -5.86
C SER E 104 -14.94 5.40 -7.14
N VAL E 105 -15.89 6.30 -7.44
CA VAL E 105 -16.64 6.19 -8.70
C VAL E 105 -15.75 6.54 -9.88
N ALA E 106 -14.98 7.61 -9.77
CA ALA E 106 -14.01 7.92 -10.82
C ALA E 106 -13.04 6.75 -11.03
N ASP E 107 -12.65 6.07 -9.94
CA ASP E 107 -11.82 4.87 -10.06
C ASP E 107 -12.51 3.78 -10.85
N GLN E 108 -13.79 3.52 -10.56
CA GLN E 108 -14.55 2.53 -11.33
C GLN E 108 -14.49 2.83 -12.82
N ASN E 109 -14.71 4.09 -13.19
CA ASN E 109 -14.77 4.46 -14.60
C ASN E 109 -13.39 4.35 -15.27
N ALA E 110 -12.33 4.69 -14.53
CA ALA E 110 -10.98 4.51 -15.07
C ALA E 110 -10.68 3.03 -15.28
N ALA E 111 -11.13 2.18 -14.36
CA ALA E 111 -10.94 0.75 -14.53
C ALA E 111 -11.69 0.23 -15.75
N MET E 112 -12.94 0.68 -15.95
CA MET E 112 -13.71 0.20 -17.10
C MET E 112 -13.10 0.68 -18.40
N LEU E 113 -12.76 1.96 -18.49
CA LEU E 113 -12.11 2.47 -19.68
C LEU E 113 -10.78 1.76 -19.92
N GLY E 114 -10.02 1.58 -18.84
CA GLY E 114 -8.71 0.97 -18.97
C GLY E 114 -8.76 -0.45 -19.51
N GLN E 115 -9.80 -1.21 -19.14
CA GLN E 115 -9.87 -2.58 -19.61
C GLN E 115 -10.18 -2.66 -21.10
N LEU E 116 -10.90 -1.66 -21.63
CA LEU E 116 -11.10 -1.57 -23.08
C LEU E 116 -9.83 -1.21 -23.81
N LEU E 117 -8.84 -0.66 -23.12
CA LEU E 117 -7.61 -0.21 -23.76
C LEU E 117 -6.41 -1.09 -23.44
N ALA E 118 -6.58 -2.07 -22.54
CA ALA E 118 -5.44 -2.86 -22.07
C ALA E 118 -4.73 -3.56 -23.23
N LYS E 119 -5.50 -4.08 -24.20
CA LYS E 119 -4.86 -4.83 -25.28
C LYS E 119 -4.05 -3.95 -26.20
N HIS E 120 -4.17 -2.63 -26.07
CA HIS E 120 -3.34 -1.70 -26.82
C HIS E 120 -2.14 -1.24 -26.00
N GLY E 121 -1.91 -1.84 -24.84
CA GLY E 121 -0.77 -1.52 -24.01
C GLY E 121 -1.00 -0.39 -23.02
N ILE E 122 -2.17 0.23 -23.04
CA ILE E 122 -2.42 1.45 -22.28
C ILE E 122 -2.83 1.07 -20.86
N PRO E 123 -2.12 1.53 -19.82
CA PRO E 123 -2.45 1.13 -18.45
C PRO E 123 -3.34 2.13 -17.73
N VAL E 124 -3.93 1.69 -16.63
CA VAL E 124 -4.50 2.57 -15.63
C VAL E 124 -3.43 2.83 -14.60
N VAL E 125 -3.22 4.10 -14.27
CA VAL E 125 -2.17 4.48 -13.34
C VAL E 125 -2.82 5.15 -12.15
N GLY E 126 -2.21 4.97 -11.00
CA GLY E 126 -2.73 5.53 -9.77
C GLY E 126 -1.61 5.65 -8.75
N GLY E 127 -2.00 5.70 -7.48
CA GLY E 127 -1.02 5.93 -6.44
C GLY E 127 -0.79 7.43 -6.27
N ALA E 128 -0.38 7.84 -5.07
CA ALA E 128 -0.18 9.27 -4.80
C ALA E 128 0.81 9.89 -5.78
N GLY E 129 1.89 9.18 -6.10
CA GLY E 129 2.92 9.72 -6.96
C GLY E 129 2.72 9.56 -8.46
N LEU E 130 1.73 8.77 -8.87
CA LEU E 130 1.50 8.45 -10.29
C LEU E 130 2.79 7.96 -10.94
N SER E 131 3.49 7.07 -10.23
CA SER E 131 4.83 6.65 -10.62
C SER E 131 4.86 5.98 -11.98
N ALA E 132 3.74 5.43 -12.45
CA ALA E 132 3.75 4.67 -13.70
C ALA E 132 3.58 5.55 -14.93
N VAL E 133 3.41 6.85 -14.77
CA VAL E 133 3.13 7.74 -15.91
C VAL E 133 4.33 7.89 -16.84
N PRO E 134 5.54 8.22 -16.37
CA PRO E 134 6.64 8.50 -17.32
C PRO E 134 6.93 7.35 -18.25
N LEU E 135 6.97 6.13 -17.73
CA LEU E 135 7.31 5.00 -18.60
C LEU E 135 6.17 4.68 -19.57
N SER E 136 4.93 4.68 -19.08
CA SER E 136 3.82 4.37 -19.95
C SER E 136 3.71 5.38 -21.08
N LEU E 137 3.86 6.66 -20.75
CA LEU E 137 3.75 7.72 -21.75
C LEU E 137 4.84 7.62 -22.80
N ALA E 138 6.06 7.24 -22.40
CA ALA E 138 7.13 7.11 -23.38
C ALA E 138 6.88 5.95 -24.31
N GLU E 139 6.24 4.90 -23.83
CA GLU E 139 6.23 3.63 -24.54
C GLU E 139 4.94 3.40 -25.33
N VAL E 140 3.78 3.62 -24.71
CA VAL E 140 2.51 3.42 -25.40
C VAL E 140 1.76 4.73 -25.62
N ASN E 141 2.32 5.86 -25.21
CA ASN E 141 1.84 7.20 -25.54
C ASN E 141 0.50 7.55 -24.89
N ALA E 142 0.03 6.75 -23.93
CA ALA E 142 -1.22 7.07 -23.26
C ALA E 142 -1.27 6.36 -21.91
N VAL E 143 -1.94 7.00 -20.94
CA VAL E 143 -2.30 6.40 -19.67
C VAL E 143 -3.72 6.84 -19.30
N VAL E 144 -4.40 6.01 -18.51
CA VAL E 144 -5.69 6.33 -17.95
C VAL E 144 -5.53 6.55 -16.46
N PHE E 145 -6.10 7.65 -15.94
CA PHE E 145 -6.07 7.93 -14.52
C PHE E 145 -7.46 8.33 -14.04
N SER E 146 -7.65 8.22 -12.73
CA SER E 146 -8.90 8.60 -12.10
C SER E 146 -8.91 10.12 -11.87
N GLY E 147 -10.00 10.77 -12.23
CA GLY E 147 -10.02 12.22 -12.27
C GLY E 147 -10.21 12.96 -10.96
N MET E 148 -10.50 12.28 -9.84
CA MET E 148 -10.75 13.04 -8.61
C MET E 148 -9.43 13.54 -8.03
N PRO E 149 -9.39 14.75 -7.48
CA PRO E 149 -8.21 15.16 -6.72
C PRO E 149 -8.10 14.34 -5.45
N PRO E 150 -6.91 14.22 -4.87
CA PRO E 150 -6.72 13.27 -3.76
C PRO E 150 -6.94 13.92 -2.40
N TYR E 151 -7.77 14.98 -2.35
CA TYR E 151 -7.86 15.78 -1.13
C TYR E 151 -8.46 14.98 0.03
N LYS E 152 -9.40 14.09 -0.28
CA LYS E 152 -10.06 13.25 0.74
C LYS E 152 -10.62 14.11 1.88
N LEU E 153 -10.32 13.78 3.13
CA LEU E 153 -10.86 14.54 4.24
C LEU E 153 -10.36 15.98 4.28
N TRP E 154 -9.27 16.29 3.57
CA TRP E 154 -8.76 17.66 3.51
C TRP E 154 -9.35 18.45 2.35
N MET E 155 -10.42 17.95 1.73
CA MET E 155 -11.13 18.70 0.70
C MET E 155 -11.64 20.02 1.25
N ARG E 156 -11.36 21.10 0.52
CA ARG E 156 -11.94 22.39 0.88
C ARG E 156 -13.43 22.41 0.57
N PRO E 157 -14.28 22.75 1.53
CA PRO E 157 -15.71 22.80 1.24
C PRO E 157 -16.09 24.04 0.44
N ALA E 158 -17.25 23.96 -0.20
CA ALA E 158 -17.86 25.16 -0.79
C ALA E 158 -18.33 26.10 0.31
N ALA E 159 -18.70 27.33 -0.09
CA ALA E 159 -19.26 28.28 0.86
C ALA E 159 -20.51 27.74 1.53
N GLU E 160 -21.31 26.96 0.79
CA GLU E 160 -22.54 26.39 1.32
C GLU E 160 -22.64 24.93 0.89
N GLY E 161 -23.14 24.08 1.79
CA GLY E 161 -23.38 22.70 1.48
C GLY E 161 -22.11 21.87 1.56
N VAL E 162 -22.29 20.55 1.45
CA VAL E 162 -21.20 19.60 1.65
C VAL E 162 -20.77 18.93 0.35
N ILE E 163 -21.32 19.32 -0.80
CA ILE E 163 -20.84 18.72 -2.05
C ILE E 163 -19.42 19.20 -2.31
N PRO E 164 -18.47 18.30 -2.54
CA PRO E 164 -17.09 18.73 -2.82
C PRO E 164 -17.04 19.62 -4.04
N PRO E 165 -16.48 20.82 -3.91
CA PRO E 165 -16.44 21.74 -5.06
C PRO E 165 -15.33 21.45 -6.04
N TYR E 166 -14.30 20.71 -5.64
CA TYR E 166 -13.21 20.31 -6.52
C TYR E 166 -13.45 18.85 -6.88
N ARG E 167 -13.96 18.62 -8.09
CA ARG E 167 -14.22 17.24 -8.50
C ARG E 167 -13.37 16.89 -9.72
N THR E 168 -13.90 16.13 -10.67
CA THR E 168 -13.02 15.56 -11.70
C THR E 168 -12.61 16.56 -12.78
N ASP E 169 -13.36 17.65 -13.01
CA ASP E 169 -12.80 18.71 -13.86
C ASP E 169 -11.53 19.26 -13.23
N ALA E 170 -11.61 19.63 -11.94
CA ALA E 170 -10.46 20.18 -11.24
C ALA E 170 -9.32 19.17 -11.18
N GLY E 171 -9.65 17.91 -10.88
CA GLY E 171 -8.62 16.88 -10.81
C GLY E 171 -7.84 16.77 -12.11
N CYS E 172 -8.55 16.77 -13.25
CA CYS E 172 -7.86 16.67 -14.54
C CYS E 172 -7.12 17.96 -14.85
N PHE E 173 -7.76 19.12 -14.64
CA PHE E 173 -7.09 20.38 -14.98
C PHE E 173 -5.80 20.55 -14.18
N LEU E 174 -5.84 20.23 -12.89
CA LEU E 174 -4.66 20.44 -12.05
C LEU E 174 -3.51 19.51 -12.46
N LEU E 175 -3.80 18.31 -12.96
CA LEU E 175 -2.72 17.46 -13.47
C LEU E 175 -2.10 18.06 -14.73
N ALA E 176 -2.93 18.56 -15.65
CA ALA E 176 -2.40 19.24 -16.82
C ALA E 176 -1.51 20.42 -16.42
N GLU E 177 -1.95 21.19 -15.43
CA GLU E 177 -1.18 22.35 -14.98
C GLU E 177 0.11 21.93 -14.30
N GLN E 178 0.03 20.95 -13.39
CA GLN E 178 1.22 20.49 -12.69
C GLN E 178 2.28 19.98 -13.66
N PHE E 179 1.86 19.16 -14.63
CA PHE E 179 2.82 18.61 -15.58
C PHE E 179 3.17 19.58 -16.71
N GLY E 180 2.56 20.76 -16.74
CA GLY E 180 2.88 21.72 -17.78
C GLY E 180 2.54 21.22 -19.17
N CYS E 181 1.44 20.50 -19.29
CA CYS E 181 1.03 19.91 -20.55
C CYS E 181 0.67 20.98 -21.57
N LYS E 182 0.75 20.62 -22.85
CA LYS E 182 0.53 21.61 -23.89
C LYS E 182 -0.95 21.97 -24.02
N GLN E 183 -1.87 21.10 -23.60
CA GLN E 183 -3.28 21.50 -23.61
C GLN E 183 -4.11 20.57 -22.74
N MET E 184 -5.34 21.04 -22.48
CA MET E 184 -6.32 20.40 -21.62
C MET E 184 -7.63 20.38 -22.39
N ILE E 185 -8.14 19.19 -22.67
CA ILE E 185 -9.36 19.04 -23.47
C ILE E 185 -10.40 18.31 -22.61
N PHE E 186 -11.55 18.94 -22.43
CA PHE E 186 -12.68 18.32 -21.74
C PHE E 186 -13.61 17.71 -22.78
N VAL E 187 -13.86 16.40 -22.65
CA VAL E 187 -14.72 15.68 -23.59
C VAL E 187 -16.07 15.46 -22.92
N LYS E 188 -17.12 16.05 -23.48
CA LYS E 188 -18.46 15.98 -22.90
C LYS E 188 -19.42 15.51 -23.98
N ASP E 189 -20.71 15.81 -23.78
CA ASP E 189 -21.78 15.35 -24.65
C ASP E 189 -22.52 16.51 -25.32
N GLU E 190 -21.93 17.70 -25.31
CA GLU E 190 -22.46 18.86 -26.03
C GLU E 190 -21.30 19.53 -26.76
N ASP E 191 -21.65 20.30 -27.80
CA ASP E 191 -20.64 20.96 -28.62
C ASP E 191 -19.72 21.86 -27.80
N GLY E 192 -20.17 22.35 -26.68
CA GLY E 192 -19.42 23.26 -25.85
C GLY E 192 -20.35 24.09 -24.98
N LEU E 193 -19.94 25.33 -24.73
CA LEU E 193 -20.69 26.22 -23.87
C LEU E 193 -21.80 26.91 -24.65
N TYR E 194 -22.98 26.98 -24.04
CA TYR E 194 -24.11 27.73 -24.58
C TYR E 194 -24.50 28.84 -23.60
N THR E 195 -25.37 29.74 -24.04
CA THR E 195 -25.85 30.78 -23.15
C THR E 195 -26.77 30.24 -22.06
N ALA E 196 -27.25 29.01 -22.21
CA ALA E 196 -27.96 28.30 -21.17
C ALA E 196 -27.76 26.81 -21.42
N ASN E 197 -28.13 26.00 -20.42
CA ASN E 197 -28.07 24.54 -20.57
C ASN E 197 -28.79 24.13 -21.84
N PRO E 198 -28.07 23.66 -22.87
CA PRO E 198 -28.73 23.31 -24.13
C PRO E 198 -29.69 22.15 -24.01
N LYS E 199 -29.58 21.36 -22.93
CA LYS E 199 -30.49 20.23 -22.74
C LYS E 199 -31.86 20.68 -22.26
N THR E 200 -31.91 21.75 -21.47
CA THR E 200 -33.21 22.22 -20.93
C THR E 200 -33.62 23.57 -21.53
N SER E 201 -32.81 24.13 -22.41
CA SER E 201 -33.12 25.47 -22.96
C SER E 201 -33.48 25.43 -24.43
N LYS E 202 -34.68 25.92 -24.69
CA LYS E 202 -35.30 26.06 -26.01
C LYS E 202 -34.27 26.64 -26.97
N ASP E 203 -33.85 27.87 -26.74
CA ASP E 203 -32.97 28.47 -27.76
C ASP E 203 -31.73 29.08 -27.13
N ALA E 204 -30.87 28.23 -26.57
CA ALA E 204 -29.58 28.71 -26.04
C ALA E 204 -28.65 28.93 -27.24
N THR E 205 -27.71 29.86 -27.12
CA THR E 205 -26.81 30.20 -28.21
C THR E 205 -25.43 29.60 -27.96
N PHE E 206 -24.88 28.94 -28.97
CA PHE E 206 -23.55 28.37 -28.83
C PHE E 206 -22.50 29.45 -28.70
N ILE E 207 -21.55 29.23 -27.79
CA ILE E 207 -20.43 30.14 -27.56
C ILE E 207 -19.13 29.43 -27.91
N PRO E 208 -18.41 29.86 -28.95
CA PRO E 208 -17.18 29.14 -29.32
C PRO E 208 -15.93 29.62 -28.60
N ARG E 209 -15.94 30.85 -28.08
CA ARG E 209 -14.77 31.36 -27.36
C ARG E 209 -15.24 32.35 -26.31
N ILE E 210 -14.64 32.28 -25.12
CA ILE E 210 -15.03 33.16 -24.02
C ILE E 210 -13.92 33.18 -22.99
N SER E 211 -13.76 34.31 -22.33
CA SER E 211 -12.83 34.40 -21.21
C SER E 211 -13.52 33.99 -19.92
N VAL E 212 -12.71 33.76 -18.89
CA VAL E 212 -13.26 33.45 -17.57
C VAL E 212 -14.11 34.62 -17.07
N ASP E 213 -13.58 35.84 -17.16
CA ASP E 213 -14.32 37.00 -16.70
C ASP E 213 -15.63 37.17 -17.45
N GLU E 214 -15.63 36.86 -18.74
CA GLU E 214 -16.86 36.98 -19.52
C GLU E 214 -17.88 35.94 -19.08
N MET E 215 -17.42 34.72 -18.76
CA MET E 215 -18.32 33.69 -18.26
C MET E 215 -18.99 34.14 -16.96
N LYS E 216 -18.18 34.62 -16.01
CA LYS E 216 -18.73 35.07 -14.73
C LYS E 216 -19.75 36.17 -14.93
N ALA E 217 -19.46 37.15 -15.79
CA ALA E 217 -20.39 38.25 -16.01
C ALA E 217 -21.69 37.78 -16.65
N LYS E 218 -21.66 36.70 -17.41
CA LYS E 218 -22.86 36.15 -18.03
C LYS E 218 -23.58 35.14 -17.13
N GLY E 219 -23.11 34.94 -15.90
CA GLY E 219 -23.72 33.97 -15.01
C GLY E 219 -23.43 32.53 -15.36
N LEU E 220 -22.38 32.27 -16.16
CA LEU E 220 -22.03 30.93 -16.59
C LEU E 220 -20.86 30.35 -15.81
N HIS E 221 -20.66 30.81 -14.57
CA HIS E 221 -19.51 30.37 -13.79
C HIS E 221 -19.56 28.87 -13.51
N ASP E 222 -20.74 28.34 -13.20
CA ASP E 222 -20.90 26.95 -12.82
C ASP E 222 -21.69 26.17 -13.87
N SER E 223 -21.40 26.44 -15.15
CA SER E 223 -22.20 25.89 -16.23
C SER E 223 -21.56 24.65 -16.82
N ILE E 224 -20.54 24.84 -17.66
CA ILE E 224 -19.95 23.73 -18.39
C ILE E 224 -18.82 23.05 -17.61
N LEU E 225 -18.14 23.79 -16.73
CA LEU E 225 -17.10 23.25 -15.87
C LEU E 225 -17.43 23.60 -14.41
N GLU E 226 -16.89 22.80 -13.49
CA GLU E 226 -16.96 23.15 -12.07
C GLU E 226 -16.43 24.56 -11.86
N PHE E 227 -17.23 25.43 -11.24
CA PHE E 227 -16.88 26.84 -11.18
C PHE E 227 -15.49 27.10 -10.60
N PRO E 228 -14.97 26.34 -9.62
CA PRO E 228 -13.60 26.61 -9.16
C PRO E 228 -12.54 26.42 -10.23
N VAL E 229 -12.82 25.64 -11.28
CA VAL E 229 -11.84 25.45 -12.34
C VAL E 229 -11.54 26.76 -13.06
N LEU E 230 -12.52 27.65 -13.15
CA LEU E 230 -12.27 28.95 -13.77
C LEU E 230 -11.26 29.76 -12.97
N ASP E 231 -11.30 29.64 -11.64
CA ASP E 231 -10.34 30.36 -10.82
C ASP E 231 -8.96 29.71 -10.89
N LEU E 232 -8.91 28.38 -10.83
CA LEU E 232 -7.65 27.68 -11.02
C LEU E 232 -7.05 28.05 -12.38
N LEU E 233 -7.89 28.16 -13.41
CA LEU E 233 -7.43 28.53 -14.74
C LEU E 233 -6.76 29.91 -14.72
N GLN E 234 -7.34 30.87 -13.99
CA GLN E 234 -6.76 32.21 -13.95
C GLN E 234 -5.48 32.25 -13.12
N SER E 235 -5.32 31.33 -12.18
CA SER E 235 -4.08 31.21 -11.40
C SER E 235 -3.05 30.32 -12.07
N ALA E 236 -3.40 29.65 -13.16
CA ALA E 236 -2.52 28.63 -13.73
C ALA E 236 -1.26 29.25 -14.32
N GLN E 237 -0.13 28.56 -14.13
CA GLN E 237 1.14 28.97 -14.73
C GLN E 237 1.30 28.46 -16.16
N HIS E 238 0.79 27.27 -16.46
CA HIS E 238 1.11 26.57 -17.70
C HIS E 238 -0.08 26.41 -18.63
N VAL E 239 -1.26 26.11 -18.10
CA VAL E 239 -2.46 25.90 -18.91
C VAL E 239 -3.35 27.12 -18.74
N ARG E 240 -3.26 28.05 -19.68
CA ARG E 240 -3.97 29.33 -19.64
C ARG E 240 -5.27 29.32 -20.45
N GLU E 241 -5.64 28.17 -21.01
CA GLU E 241 -6.92 28.02 -21.69
C GLU E 241 -7.25 26.55 -21.73
N VAL E 242 -8.52 26.25 -22.00
CA VAL E 242 -9.00 24.88 -22.12
C VAL E 242 -9.95 24.81 -23.29
N GLN E 243 -10.17 23.59 -23.80
CA GLN E 243 -11.18 23.38 -24.84
C GLN E 243 -12.15 22.30 -24.40
N VAL E 244 -13.44 22.58 -24.55
CA VAL E 244 -14.51 21.62 -24.31
C VAL E 244 -15.06 21.19 -25.66
N VAL E 245 -15.20 19.88 -25.87
CA VAL E 245 -15.66 19.35 -27.15
C VAL E 245 -16.71 18.29 -26.92
N ASN E 246 -17.44 17.97 -27.99
CA ASN E 246 -18.51 16.98 -27.95
C ASN E 246 -17.93 15.63 -28.35
N GLY E 247 -17.71 14.76 -27.35
CA GLY E 247 -17.18 13.44 -27.64
C GLY E 247 -18.15 12.50 -28.35
N LEU E 248 -19.41 12.88 -28.45
CA LEU E 248 -20.38 12.07 -29.18
C LEU E 248 -20.29 12.26 -30.69
N VAL E 249 -19.59 13.30 -31.13
CA VAL E 249 -19.38 13.56 -32.56
C VAL E 249 -18.03 12.97 -32.95
N PRO E 250 -17.99 12.00 -33.85
CA PRO E 250 -16.70 11.40 -34.22
C PRO E 250 -15.74 12.43 -34.77
N GLY E 251 -14.48 12.35 -34.34
CA GLY E 251 -13.43 13.21 -34.85
C GLY E 251 -13.18 14.47 -34.06
N ASN E 252 -14.11 14.86 -33.18
CA ASN E 252 -13.91 16.09 -32.40
C ASN E 252 -12.66 16.00 -31.53
N LEU E 253 -12.49 14.90 -30.81
CA LEU E 253 -11.31 14.73 -29.98
C LEU E 253 -10.04 14.76 -30.82
N THR E 254 -10.05 14.00 -31.93
CA THR E 254 -8.88 13.94 -32.80
C THR E 254 -8.49 15.33 -33.28
N ARG E 255 -9.46 16.09 -33.77
CA ARG E 255 -9.17 17.43 -34.30
C ARG E 255 -8.68 18.33 -33.18
N ALA E 256 -9.31 18.26 -32.02
CA ALA E 256 -8.89 19.08 -30.88
C ALA E 256 -7.46 18.77 -30.49
N LEU E 257 -7.09 17.48 -30.47
CA LEU E 257 -5.73 17.09 -30.13
C LEU E 257 -4.73 17.73 -31.08
N ALA E 258 -5.08 17.85 -32.35
CA ALA E 258 -4.26 18.50 -33.36
C ALA E 258 -4.30 20.02 -33.25
N GLY E 259 -4.98 20.57 -32.26
CA GLY E 259 -5.04 22.01 -32.09
C GLY E 259 -6.16 22.71 -32.82
N GLU E 260 -7.13 21.98 -33.34
CA GLU E 260 -8.24 22.60 -34.05
C GLU E 260 -9.25 23.17 -33.06
N HIS E 261 -9.83 24.30 -33.42
CA HIS E 261 -10.91 24.93 -32.67
C HIS E 261 -12.22 24.24 -33.08
N VAL E 262 -12.67 23.28 -32.28
CA VAL E 262 -13.85 22.49 -32.64
C VAL E 262 -14.97 22.62 -31.64
N GLY E 263 -14.71 22.97 -30.38
CA GLY E 263 -15.78 23.22 -29.45
C GLY E 263 -15.72 24.62 -28.89
N THR E 264 -15.72 24.75 -27.56
CA THR E 264 -15.56 26.03 -26.89
C THR E 264 -14.17 26.14 -26.29
N ILE E 265 -13.46 27.21 -26.62
CA ILE E 265 -12.19 27.54 -25.99
C ILE E 265 -12.45 28.55 -24.88
N ILE E 266 -12.09 28.21 -23.64
CA ILE E 266 -12.22 29.10 -22.49
C ILE E 266 -10.83 29.56 -22.11
N THR E 267 -10.64 30.88 -22.07
CA THR E 267 -9.33 31.46 -21.82
C THR E 267 -9.30 32.11 -20.44
N ALA E 268 -8.13 32.01 -19.78
CA ALA E 268 -7.95 32.66 -18.48
C ALA E 268 -8.11 34.17 -18.61
N SER E 269 -7.59 34.75 -19.68
CA SER E 269 -7.65 36.20 -19.89
C SER E 269 -8.48 36.55 -21.11
N GLN F 17 -31.40 37.52 20.04
CA GLN F 17 -31.79 38.69 20.84
C GLN F 17 -32.11 39.88 19.93
N THR F 18 -31.71 39.79 18.67
CA THR F 18 -31.95 40.88 17.73
C THR F 18 -33.31 40.73 17.05
N LEU F 19 -33.82 41.86 16.55
CA LEU F 19 -35.10 41.87 15.84
C LEU F 19 -35.09 40.91 14.66
N GLN F 20 -33.95 40.80 13.97
CA GLN F 20 -33.82 39.89 12.83
C GLN F 20 -33.92 38.45 13.27
N ASP F 21 -33.37 38.11 14.44
CA ASP F 21 -33.49 36.76 15.00
C ASP F 21 -34.95 36.36 15.13
N ARG F 22 -35.81 37.29 15.56
CA ARG F 22 -37.21 36.98 15.81
C ARG F 22 -38.02 36.82 14.53
N ASP F 23 -37.49 37.22 13.37
CA ASP F 23 -38.28 37.22 12.15
C ASP F 23 -38.42 35.79 11.64
N LEU F 24 -39.62 35.25 11.78
CA LEU F 24 -39.91 33.87 11.42
C LEU F 24 -39.66 33.58 9.94
N THR F 25 -39.73 34.61 9.09
CA THR F 25 -39.72 34.46 7.65
C THR F 25 -38.35 34.65 7.02
N ARG F 26 -37.32 34.90 7.81
CA ARG F 26 -35.99 35.04 7.22
C ARG F 26 -35.38 33.67 6.95
N PRO F 27 -34.47 33.58 5.99
CA PRO F 27 -33.79 32.30 5.75
C PRO F 27 -33.08 31.83 7.00
N VAL F 28 -33.06 30.52 7.19
CA VAL F 28 -32.45 29.88 8.34
C VAL F 28 -31.15 29.21 7.88
N ALA F 29 -30.10 29.34 8.69
CA ALA F 29 -28.86 28.69 8.38
C ALA F 29 -29.06 27.18 8.27
N GLY F 30 -28.37 26.56 7.33
CA GLY F 30 -28.41 25.12 7.25
C GLY F 30 -27.82 24.49 8.49
N LYS F 31 -28.24 23.26 8.78
CA LYS F 31 -27.62 22.52 9.86
C LYS F 31 -26.13 22.38 9.57
N ARG F 32 -25.36 22.17 10.64
CA ARG F 32 -23.94 21.96 10.45
C ARG F 32 -23.69 20.49 10.10
N PRO F 33 -22.58 20.19 9.42
CA PRO F 33 -22.24 18.78 9.18
C PRO F 33 -22.06 18.04 10.49
N ILE F 34 -22.37 16.74 10.46
CA ILE F 34 -22.22 15.95 11.67
C ILE F 34 -20.75 15.93 12.07
N ARG F 35 -20.50 15.95 13.36
CA ARG F 35 -19.14 15.92 13.87
C ARG F 35 -18.65 14.48 13.96
N LEU F 36 -17.49 14.22 13.35
CA LEU F 36 -16.96 12.87 13.37
C LEU F 36 -16.29 12.55 14.71
N LEU F 37 -15.44 13.46 15.20
CA LEU F 37 -14.71 13.28 16.45
C LEU F 37 -14.91 14.51 17.33
N PRO F 38 -16.12 14.67 17.89
CA PRO F 38 -16.43 15.92 18.63
C PRO F 38 -15.63 16.09 19.91
N TRP F 39 -15.12 15.00 20.49
CA TRP F 39 -14.39 15.03 21.75
C TRP F 39 -12.89 15.22 21.54
N LEU F 40 -12.45 15.42 20.30
CA LEU F 40 -11.03 15.43 20.00
C LEU F 40 -10.46 16.83 20.12
N GLN F 41 -9.24 16.93 20.65
CA GLN F 41 -8.47 18.15 20.63
C GLN F 41 -7.35 18.01 19.61
N VAL F 42 -7.22 18.97 18.71
CA VAL F 42 -6.19 18.94 17.68
C VAL F 42 -5.11 19.96 18.03
N VAL F 43 -3.86 19.52 18.02
CA VAL F 43 -2.74 20.36 18.40
C VAL F 43 -1.72 20.33 17.27
N LYS F 44 -1.43 21.50 16.70
CA LYS F 44 -0.47 21.63 15.62
C LYS F 44 0.83 22.16 16.19
N ILE F 45 1.91 21.40 16.01
CA ILE F 45 3.24 21.78 16.47
C ILE F 45 4.01 22.35 15.28
N GLY F 46 4.49 23.59 15.44
CA GLY F 46 5.21 24.23 14.35
C GLY F 46 6.51 23.53 14.05
N GLY F 47 6.83 23.40 12.75
CA GLY F 47 8.10 22.84 12.35
C GLY F 47 9.29 23.60 12.91
N ARG F 48 9.16 24.93 13.04
CA ARG F 48 10.24 25.74 13.58
C ARG F 48 10.43 25.54 15.08
N VAL F 49 9.38 25.09 15.78
CA VAL F 49 9.55 24.66 17.16
C VAL F 49 10.38 23.39 17.20
N MET F 50 10.01 22.39 16.39
CA MET F 50 10.81 21.16 16.27
C MET F 50 12.25 21.46 15.89
N ASP F 51 12.47 22.46 15.03
CA ASP F 51 13.82 22.81 14.58
C ASP F 51 14.75 23.21 15.72
N ARG F 52 14.20 23.64 16.85
CA ARG F 52 15.07 24.02 17.97
C ARG F 52 15.67 22.82 18.68
N GLY F 53 15.26 21.59 18.33
CA GLY F 53 15.86 20.41 18.93
C GLY F 53 15.47 20.23 20.39
N ALA F 54 16.34 19.50 21.11
CA ALA F 54 16.03 19.03 22.46
C ALA F 54 15.62 20.17 23.40
N ASP F 55 16.26 21.34 23.26
CA ASP F 55 15.97 22.44 24.18
C ASP F 55 14.49 22.80 24.19
N ALA F 56 13.84 22.74 23.02
CA ALA F 56 12.41 23.00 22.92
C ALA F 56 11.58 21.71 23.01
N ILE F 57 12.06 20.63 22.40
CA ILE F 57 11.24 19.44 22.24
C ILE F 57 11.07 18.71 23.58
N LEU F 58 12.14 18.61 24.37
CA LEU F 58 12.03 17.87 25.63
C LEU F 58 11.01 18.48 26.59
N PRO F 59 11.00 19.79 26.84
CA PRO F 59 9.92 20.33 27.70
C PRO F 59 8.55 20.15 27.08
N LEU F 60 8.43 20.28 25.76
CA LEU F 60 7.16 20.08 25.09
C LEU F 60 6.69 18.64 25.21
N VAL F 61 7.62 17.68 25.09
CA VAL F 61 7.27 16.28 25.27
C VAL F 61 6.77 16.02 26.70
N GLU F 62 7.43 16.61 27.70
CA GLU F 62 6.97 16.42 29.08
C GLU F 62 5.59 17.04 29.28
N GLU F 63 5.34 18.20 28.66
CA GLU F 63 4.02 18.81 28.77
C GLU F 63 2.97 17.94 28.09
N LEU F 64 3.26 17.47 26.88
CA LEU F 64 2.35 16.56 26.21
C LEU F 64 2.08 15.31 27.03
N ARG F 65 3.12 14.74 27.65
CA ARG F 65 2.95 13.56 28.49
C ARG F 65 1.90 13.80 29.57
N LYS F 66 1.92 14.96 30.19
CA LYS F 66 0.95 15.25 31.25
C LYS F 66 -0.44 15.56 30.71
N LEU F 67 -0.56 15.95 29.45
CA LEU F 67 -1.86 16.20 28.82
C LEU F 67 -2.58 14.91 28.39
N LEU F 68 -1.83 13.83 28.17
CA LEU F 68 -2.46 12.59 27.69
C LEU F 68 -3.60 12.08 28.56
N PRO F 69 -3.51 12.08 29.90
CA PRO F 69 -4.67 11.63 30.70
C PRO F 69 -5.81 12.65 30.74
N GLU F 70 -5.61 13.86 30.25
CA GLU F 70 -6.62 14.90 30.30
C GLU F 70 -7.38 15.08 29.00
N HIS F 71 -6.72 14.88 27.87
CA HIS F 71 -7.30 15.15 26.56
C HIS F 71 -7.02 13.98 25.65
N ARG F 72 -7.89 13.79 24.68
CA ARG F 72 -7.58 12.93 23.55
C ARG F 72 -7.07 13.81 22.42
N LEU F 73 -5.91 13.45 21.90
CA LEU F 73 -5.12 14.39 21.14
C LEU F 73 -4.78 13.80 19.78
N LEU F 74 -4.98 14.60 18.73
CA LEU F 74 -4.37 14.40 17.44
C LEU F 74 -3.28 15.46 17.34
N ILE F 75 -2.03 15.03 17.35
CA ILE F 75 -0.89 15.93 17.36
C ILE F 75 -0.36 15.97 15.93
N LEU F 76 -0.40 17.15 15.30
CA LEU F 76 -0.03 17.30 13.90
C LEU F 76 1.19 18.20 13.80
N THR F 77 2.26 17.73 13.15
CA THR F 77 3.51 18.48 13.06
C THR F 77 3.63 19.23 11.75
N GLY F 78 4.19 20.44 11.83
CA GLY F 78 4.60 21.20 10.66
C GLY F 78 5.99 20.80 10.17
N ALA F 79 6.51 21.59 9.23
CA ALA F 79 7.71 21.21 8.47
C ALA F 79 8.97 21.94 8.90
N GLY F 80 8.93 23.27 9.04
CA GLY F 80 10.11 23.98 9.49
C GLY F 80 11.16 24.14 8.41
N VAL F 81 12.40 24.38 8.86
CA VAL F 81 13.45 24.91 8.00
C VAL F 81 13.78 23.95 6.85
N ARG F 82 13.65 22.65 7.08
CA ARG F 82 14.06 21.72 6.02
C ARG F 82 13.18 21.89 4.79
N ALA F 83 11.90 22.24 4.97
CA ALA F 83 11.06 22.49 3.81
C ALA F 83 11.52 23.74 3.06
N ARG F 84 12.05 24.73 3.79
CA ARG F 84 12.64 25.89 3.12
C ARG F 84 13.83 25.46 2.26
N HIS F 85 14.63 24.54 2.76
CA HIS F 85 15.76 24.07 1.97
C HIS F 85 15.28 23.32 0.72
N VAL F 86 14.31 22.42 0.87
CA VAL F 86 13.89 21.67 -0.31
C VAL F 86 13.18 22.60 -1.30
N PHE F 87 12.48 23.63 -0.80
CA PHE F 87 11.95 24.66 -1.68
C PHE F 87 13.08 25.37 -2.42
N SER F 88 14.17 25.68 -1.72
CA SER F 88 15.28 26.37 -2.36
C SER F 88 15.86 25.56 -3.50
N VAL F 89 16.08 24.26 -3.27
CA VAL F 89 16.60 23.38 -4.33
C VAL F 89 15.57 23.20 -5.43
N GLY F 90 14.33 22.89 -5.06
CA GLY F 90 13.30 22.65 -6.07
C GLY F 90 13.01 23.88 -6.92
N LEU F 91 12.97 25.06 -6.31
CA LEU F 91 12.77 26.28 -7.10
C LEU F 91 13.95 26.52 -8.02
N ASP F 92 15.16 26.24 -7.54
CA ASP F 92 16.33 26.42 -8.40
C ASP F 92 16.27 25.47 -9.59
N LEU F 93 15.72 24.29 -9.40
CA LEU F 93 15.47 23.35 -10.48
C LEU F 93 14.25 23.70 -11.31
N GLY F 94 13.49 24.73 -10.92
CA GLY F 94 12.34 25.18 -11.68
C GLY F 94 11.03 24.44 -11.43
N LEU F 95 10.96 23.64 -10.37
CA LEU F 95 9.84 22.73 -10.20
C LEU F 95 8.56 23.47 -9.82
N PRO F 96 7.40 23.02 -10.28
CA PRO F 96 6.14 23.72 -10.03
C PRO F 96 5.63 23.44 -8.61
N VAL F 97 4.55 24.16 -8.26
CA VAL F 97 4.11 24.15 -6.87
C VAL F 97 3.60 22.78 -6.47
N GLY F 98 3.03 22.03 -7.41
CA GLY F 98 2.60 20.67 -7.10
C GLY F 98 3.73 19.67 -6.98
N SER F 99 4.95 20.06 -7.36
CA SER F 99 6.11 19.26 -7.00
C SER F 99 6.66 19.63 -5.63
N LEU F 100 6.64 20.93 -5.30
CA LEU F 100 7.15 21.37 -4.01
C LEU F 100 6.28 20.91 -2.85
N ALA F 101 4.96 20.82 -3.06
CA ALA F 101 4.06 20.51 -1.94
C ALA F 101 4.38 19.16 -1.28
N PRO F 102 4.52 18.05 -2.01
CA PRO F 102 4.80 16.80 -1.29
C PRO F 102 6.19 16.73 -0.70
N LEU F 103 7.15 17.46 -1.27
CA LEU F 103 8.50 17.53 -0.69
C LEU F 103 8.47 18.19 0.68
N ALA F 104 7.69 19.26 0.82
CA ALA F 104 7.54 19.90 2.13
C ALA F 104 6.74 19.02 3.08
N ALA F 105 5.65 18.42 2.59
CA ALA F 105 4.85 17.55 3.45
C ALA F 105 5.70 16.44 4.06
N SER F 106 6.70 15.95 3.29
CA SER F 106 7.60 14.94 3.81
CA SER F 106 7.60 14.94 3.81
C SER F 106 8.31 15.40 5.09
N GLU F 107 8.72 16.67 5.13
CA GLU F 107 9.41 17.18 6.31
C GLU F 107 8.50 17.24 7.52
N ALA F 108 7.24 17.61 7.31
CA ALA F 108 6.26 17.55 8.39
C ALA F 108 6.09 16.12 8.89
N GLY F 109 6.13 15.15 7.97
CA GLY F 109 6.09 13.76 8.40
C GLY F 109 7.29 13.36 9.24
N GLN F 110 8.49 13.84 8.87
CA GLN F 110 9.68 13.46 9.63
C GLN F 110 9.62 14.05 11.04
N ASN F 111 9.16 15.29 11.17
CA ASN F 111 8.95 15.85 12.50
C ASN F 111 7.94 15.02 13.29
N GLY F 112 6.91 14.50 12.63
CA GLY F 112 5.96 13.64 13.32
C GLY F 112 6.59 12.35 13.81
N HIS F 113 7.39 11.70 12.96
CA HIS F 113 8.10 10.49 13.39
C HIS F 113 8.97 10.75 14.62
N ILE F 114 9.68 11.88 14.63
CA ILE F 114 10.52 12.21 15.76
C ILE F 114 9.70 12.41 17.02
N LEU F 115 8.64 13.22 16.93
CA LEU F 115 7.84 13.51 18.12
C LEU F 115 7.15 12.26 18.65
N ALA F 116 6.64 11.42 17.75
CA ALA F 116 5.98 10.19 18.20
C ALA F 116 6.95 9.27 18.91
N ALA F 117 8.18 9.16 18.40
CA ALA F 117 9.16 8.29 19.04
C ALA F 117 9.41 8.73 20.47
N MET F 118 9.46 10.05 20.71
CA MET F 118 9.66 10.54 22.07
C MET F 118 8.50 10.16 23.00
N LEU F 119 7.33 9.86 22.44
CA LEU F 119 6.14 9.52 23.21
C LEU F 119 5.77 8.05 23.07
N ALA F 120 6.63 7.24 22.44
CA ALA F 120 6.28 5.84 22.16
C ALA F 120 5.96 5.09 23.45
N SER F 121 6.72 5.35 24.53
CA SER F 121 6.48 4.60 25.76
C SER F 121 5.12 4.92 26.36
N GLU F 122 4.50 6.02 25.95
CA GLU F 122 3.15 6.35 26.37
C GLU F 122 2.09 5.77 25.44
N GLY F 123 2.48 4.94 24.48
CA GLY F 123 1.53 4.37 23.55
C GLY F 123 1.22 5.23 22.35
N VAL F 124 2.06 6.20 22.04
CA VAL F 124 1.81 7.14 20.94
C VAL F 124 2.63 6.71 19.73
N SER F 125 1.99 6.66 18.58
CA SER F 125 2.69 6.40 17.33
C SER F 125 2.28 7.44 16.30
N TYR F 126 3.16 7.64 15.33
CA TYR F 126 2.85 8.41 14.14
C TYR F 126 2.06 7.54 13.17
N VAL F 127 1.04 8.14 12.53
CA VAL F 127 0.27 7.44 11.50
C VAL F 127 0.27 8.26 10.21
N GLU F 128 0.29 7.54 9.08
CA GLU F 128 0.31 8.16 7.75
C GLU F 128 -1.07 8.72 7.39
N HIS F 129 -1.12 9.54 6.35
CA HIS F 129 -2.36 10.25 6.07
C HIS F 129 -3.55 9.37 5.70
N PRO F 130 -3.40 8.19 5.07
CA PRO F 130 -4.59 7.32 4.89
C PRO F 130 -5.20 6.89 6.21
N THR F 131 -4.36 6.58 7.21
CA THR F 131 -4.88 6.22 8.53
C THR F 131 -5.57 7.41 9.20
N VAL F 132 -5.01 8.61 9.04
CA VAL F 132 -5.64 9.81 9.61
C VAL F 132 -7.03 10.02 9.00
N ALA F 133 -7.12 9.88 7.68
CA ALA F 133 -8.40 10.14 6.99
C ALA F 133 -9.46 9.11 7.35
N ASP F 134 -9.08 7.86 7.59
CA ASP F 134 -10.03 6.77 7.61
C ASP F 134 -10.12 5.98 8.91
N GLN F 135 -9.04 5.86 9.66
CA GLN F 135 -9.02 4.94 10.80
C GLN F 135 -8.68 5.65 12.12
N LEU F 136 -8.81 6.97 12.17
CA LEU F 136 -8.41 7.67 13.38
C LEU F 136 -9.27 7.26 14.57
N ALA F 137 -10.56 6.97 14.35
CA ALA F 137 -11.44 6.65 15.47
C ALA F 137 -11.00 5.38 16.18
N ILE F 138 -10.57 4.37 15.42
CA ILE F 138 -10.11 3.13 16.05
C ILE F 138 -8.83 3.36 16.82
N HIS F 139 -7.90 4.12 16.25
CA HIS F 139 -6.62 4.31 16.91
C HIS F 139 -6.77 5.15 18.17
N LEU F 140 -7.63 6.17 18.14
CA LEU F 140 -7.87 6.96 19.34
C LEU F 140 -8.70 6.22 20.38
N SER F 141 -9.37 5.13 20.00
CA SER F 141 -9.92 4.24 21.02
C SER F 141 -8.82 3.37 21.64
N ALA F 142 -7.76 3.08 20.87
CA ALA F 142 -6.66 2.27 21.41
C ALA F 142 -5.79 3.06 22.37
N THR F 143 -5.55 4.33 22.08
CA THR F 143 -4.52 5.09 22.77
C THR F 143 -4.99 6.53 22.90
N ARG F 144 -4.30 7.27 23.78
N ARG F 144 -4.31 7.27 23.81
CA ARG F 144 -4.77 8.60 24.13
CA ARG F 144 -4.77 8.61 24.14
C ARG F 144 -4.39 9.65 23.11
C ARG F 144 -4.41 9.64 23.08
N ALA F 145 -3.28 9.47 22.40
CA ALA F 145 -2.87 10.43 21.37
C ALA F 145 -2.23 9.68 20.20
N VAL F 146 -2.33 10.27 19.01
CA VAL F 146 -1.56 9.84 17.86
C VAL F 146 -1.00 11.10 17.20
N VAL F 147 0.09 10.89 16.46
CA VAL F 147 0.79 11.98 15.79
C VAL F 147 0.59 11.79 14.29
N GLY F 148 0.44 12.90 13.58
CA GLY F 148 0.36 12.85 12.12
C GLY F 148 1.01 14.07 11.51
N SER F 149 1.07 14.08 10.18
CA SER F 149 1.52 15.26 9.46
C SER F 149 0.41 16.29 9.38
N ALA F 150 0.76 17.55 9.63
CA ALA F 150 -0.23 18.62 9.52
C ALA F 150 -0.47 19.03 8.07
N PHE F 151 0.51 18.83 7.20
CA PHE F 151 0.33 19.11 5.78
C PHE F 151 -0.77 18.20 5.22
N PRO F 152 -1.63 18.72 4.35
CA PRO F 152 -2.58 17.87 3.67
C PRO F 152 -1.91 17.17 2.50
N PRO F 153 -2.49 16.07 2.01
CA PRO F 153 -1.87 15.32 0.91
C PRO F 153 -2.28 15.83 -0.48
N TYR F 154 -2.12 17.13 -0.69
CA TYR F 154 -2.57 17.73 -1.95
C TYR F 154 -1.65 17.34 -3.10
N HIS F 155 -0.35 17.17 -2.84
CA HIS F 155 0.61 16.53 -3.76
C HIS F 155 0.54 17.26 -5.11
N HIS F 156 0.37 16.54 -6.23
CA HIS F 156 0.29 17.13 -7.57
C HIS F 156 -0.82 18.13 -7.70
N HIS F 157 -1.85 18.03 -6.88
CA HIS F 157 -3.06 18.82 -7.01
C HIS F 157 -3.05 20.05 -6.12
N GLU F 158 -1.88 20.47 -5.65
CA GLU F 158 -1.77 21.77 -5.00
C GLU F 158 -2.22 22.85 -5.98
N PHE F 159 -2.84 23.92 -5.43
CA PHE F 159 -3.36 24.99 -6.26
C PHE F 159 -2.22 25.82 -6.83
N PRO F 160 -2.29 26.21 -8.11
CA PRO F 160 -1.28 27.10 -8.68
C PRO F 160 -1.53 28.55 -8.25
N GLY F 161 -0.56 29.40 -8.56
CA GLY F 161 -0.67 30.81 -8.29
C GLY F 161 0.60 31.34 -7.67
N SER F 162 0.83 30.97 -6.41
CA SER F 162 2.13 31.13 -5.80
C SER F 162 3.03 29.96 -6.19
N ARG F 163 4.33 30.22 -6.33
CA ARG F 163 5.29 29.13 -6.44
C ARG F 163 5.53 28.43 -5.12
N ILE F 164 5.01 28.97 -4.03
CA ILE F 164 5.13 28.35 -2.70
C ILE F 164 3.81 27.63 -2.41
N PRO F 165 3.84 26.35 -2.05
CA PRO F 165 2.58 25.62 -1.77
C PRO F 165 1.76 26.36 -0.72
N PRO F 166 0.51 26.74 -1.06
CA PRO F 166 -0.31 27.50 -0.12
C PRO F 166 -0.90 26.68 1.02
N HIS F 167 -1.32 25.43 0.77
CA HIS F 167 -2.04 24.65 1.78
C HIS F 167 -1.00 23.92 2.63
N ARG F 168 -0.51 24.59 3.69
CA ARG F 168 0.57 24.00 4.46
C ARG F 168 0.07 23.45 5.79
N ALA F 169 0.90 23.52 6.84
CA ALA F 169 0.63 22.78 8.07
C ALA F 169 -0.55 23.37 8.85
N ASP F 170 -0.57 24.69 9.06
CA ASP F 170 -1.73 25.29 9.70
C ASP F 170 -3.00 24.95 8.95
N THR F 171 -2.94 25.04 7.61
CA THR F 171 -4.14 24.88 6.80
C THR F 171 -4.62 23.44 6.84
N GLY F 172 -3.71 22.48 6.65
CA GLY F 172 -4.09 21.08 6.78
C GLY F 172 -4.71 20.77 8.13
N ALA F 173 -4.06 21.23 9.21
CA ALA F 173 -4.53 20.92 10.56
C ALA F 173 -5.93 21.50 10.78
N PHE F 174 -6.19 22.69 10.26
CA PHE F 174 -7.51 23.27 10.45
C PHE F 174 -8.57 22.53 9.64
N LEU F 175 -8.24 22.19 8.39
CA LEU F 175 -9.18 21.44 7.57
C LEU F 175 -9.60 20.16 8.28
N LEU F 176 -8.61 19.43 8.83
CA LEU F 176 -8.91 18.21 9.58
C LEU F 176 -9.76 18.51 10.81
N ALA F 177 -9.33 19.48 11.62
CA ALA F 177 -10.07 19.79 12.84
C ALA F 177 -11.51 20.16 12.54
N ASP F 178 -11.72 20.97 11.50
CA ASP F 178 -13.08 21.39 11.19
C ASP F 178 -13.90 20.27 10.55
N ALA F 179 -13.25 19.43 9.72
CA ALA F 179 -13.94 18.28 9.15
C ALA F 179 -14.39 17.30 10.23
N PHE F 180 -13.50 17.04 11.21
CA PHE F 180 -13.84 16.21 12.35
C PHE F 180 -14.88 16.84 13.27
N GLY F 181 -15.09 18.15 13.16
CA GLY F 181 -15.89 18.84 14.17
C GLY F 181 -15.26 18.75 15.55
N ALA F 182 -13.93 18.83 15.62
CA ALA F 182 -13.23 18.61 16.87
C ALA F 182 -13.49 19.73 17.86
N ALA F 183 -13.17 19.46 19.13
CA ALA F 183 -13.42 20.45 20.19
C ALA F 183 -12.52 21.67 20.05
N GLY F 184 -11.36 21.53 19.42
CA GLY F 184 -10.54 22.71 19.24
C GLY F 184 -9.34 22.40 18.37
N LEU F 185 -8.69 23.50 17.96
CA LEU F 185 -7.39 23.42 17.29
C LEU F 185 -6.52 24.49 17.91
N THR F 186 -5.38 24.06 18.46
CA THR F 186 -4.41 24.97 19.05
C THR F 186 -3.12 24.91 18.25
N ILE F 187 -2.60 26.07 17.89
CA ILE F 187 -1.39 26.16 17.06
C ILE F 187 -0.25 26.57 17.99
N VAL F 188 0.81 25.76 18.00
CA VAL F 188 1.93 25.92 18.92
C VAL F 188 3.12 26.45 18.13
N GLU F 189 3.51 27.67 18.45
CA GLU F 189 4.42 28.51 17.66
C GLU F 189 5.69 28.77 18.45
N ASN F 190 6.69 29.34 17.77
CA ASN F 190 7.92 29.76 18.42
C ASN F 190 7.89 31.23 18.81
N VAL F 191 6.73 31.88 18.76
CA VAL F 191 6.50 33.25 19.24
C VAL F 191 5.21 33.27 20.05
N ASP F 192 4.95 34.41 20.69
CA ASP F 192 3.80 34.53 21.58
C ASP F 192 2.47 34.50 20.85
N GLY F 193 2.45 34.84 19.57
CA GLY F 193 1.20 34.93 18.82
C GLY F 193 1.43 35.73 17.55
N ILE F 194 0.38 36.42 17.12
CA ILE F 194 0.43 37.24 15.91
C ILE F 194 0.74 38.67 16.30
N TYR F 195 1.73 39.26 15.64
CA TYR F 195 2.05 40.67 15.77
C TYR F 195 1.66 41.41 14.49
N THR F 196 1.67 42.74 14.58
CA THR F 196 1.41 43.60 13.43
C THR F 196 2.53 43.59 12.42
N ALA F 197 3.67 43.01 12.77
CA ALA F 197 4.80 42.85 11.87
C ALA F 197 5.63 41.69 12.40
N ASP F 198 6.53 41.18 11.57
CA ASP F 198 7.38 40.07 11.97
C ASP F 198 8.19 40.47 13.19
N PRO F 199 7.95 39.85 14.36
CA PRO F 199 8.70 40.24 15.57
C PRO F 199 10.16 39.84 15.51
N ASN F 200 10.57 39.03 14.53
CA ASN F 200 11.97 38.73 14.26
C ASN F 200 12.48 39.37 12.98
N GLY F 201 11.66 40.18 12.30
CA GLY F 201 12.02 40.73 11.01
C GLY F 201 12.60 42.13 11.07
N PRO F 202 12.88 42.70 9.90
CA PRO F 202 13.54 44.02 9.87
C PRO F 202 12.74 45.14 10.52
N ASP F 203 11.43 44.96 10.71
CA ASP F 203 10.58 45.97 11.32
C ASP F 203 10.11 45.57 12.71
N ARG F 204 10.88 44.72 13.40
CA ARG F 204 10.44 44.17 14.68
C ARG F 204 10.30 45.26 15.74
N GLY F 205 10.94 46.41 15.52
CA GLY F 205 10.75 47.54 16.42
C GLY F 205 9.33 48.07 16.42
N GLN F 206 8.63 47.90 15.30
CA GLN F 206 7.24 48.36 15.16
C GLN F 206 6.22 47.27 15.48
N ALA F 207 6.66 46.07 15.87
CA ALA F 207 5.75 44.94 16.02
C ALA F 207 4.92 45.09 17.29
N ARG F 208 3.60 45.03 17.14
CA ARG F 208 2.65 45.13 18.24
C ARG F 208 1.91 43.81 18.39
N PHE F 209 1.82 43.31 19.62
CA PHE F 209 1.18 42.02 19.85
C PHE F 209 -0.33 42.16 19.73
N LEU F 210 -0.95 41.18 19.08
CA LEU F 210 -2.41 41.15 18.90
C LEU F 210 -3.00 40.03 19.73
N PRO F 211 -3.56 40.32 20.91
CA PRO F 211 -4.17 39.25 21.71
C PRO F 211 -5.33 38.59 21.02
N GLU F 212 -6.08 39.33 20.22
CA GLU F 212 -7.27 38.78 19.57
C GLU F 212 -7.44 39.40 18.19
N THR F 213 -7.86 38.57 17.24
CA THR F 213 -8.15 39.06 15.90
C THR F 213 -9.14 38.14 15.24
N SER F 214 -9.77 38.65 14.19
CA SER F 214 -10.63 37.86 13.34
C SER F 214 -9.87 37.47 12.07
N ALA F 215 -10.21 36.30 11.51
CA ALA F 215 -9.56 35.88 10.28
C ALA F 215 -9.85 36.83 9.13
N THR F 216 -11.05 37.41 9.08
CA THR F 216 -11.36 38.35 8.00
C THR F 216 -10.46 39.58 8.09
N ASP F 217 -10.20 40.07 9.30
CA ASP F 217 -9.27 41.19 9.47
C ASP F 217 -7.87 40.80 9.02
N LEU F 218 -7.39 39.63 9.43
CA LEU F 218 -6.05 39.20 9.02
C LEU F 218 -5.97 39.04 7.51
N ALA F 219 -7.05 38.56 6.88
CA ALA F 219 -7.04 38.30 5.44
C ALA F 219 -6.91 39.59 4.64
N LYS F 220 -7.55 40.67 5.10
CA LYS F 220 -7.43 41.94 4.39
C LYS F 220 -6.04 42.55 4.54
N SER F 221 -5.38 42.29 5.68
CA SER F 221 -4.05 42.82 5.90
C SER F 221 -3.06 42.27 4.89
N GLU F 222 -1.97 43.01 4.70
CA GLU F 222 -0.83 42.55 3.94
C GLU F 222 0.39 42.53 4.85
N GLY F 223 1.34 41.65 4.53
CA GLY F 223 2.51 41.48 5.36
C GLY F 223 2.54 40.07 5.92
N PRO F 224 3.64 39.71 6.55
CA PRO F 224 3.80 38.33 7.02
C PRO F 224 2.96 38.04 8.26
N LEU F 225 2.65 36.77 8.41
CA LEU F 225 1.92 36.19 9.53
C LEU F 225 2.66 34.96 9.99
N PRO F 226 2.45 34.52 11.24
CA PRO F 226 2.98 33.22 11.65
C PRO F 226 2.12 32.06 11.20
N VAL F 227 1.00 32.32 10.52
CA VAL F 227 0.12 31.26 10.04
C VAL F 227 -0.07 31.41 8.53
N ASP F 228 -0.36 30.27 7.87
CA ASP F 228 -0.62 30.28 6.43
C ASP F 228 -1.72 31.28 6.10
N ARG F 229 -1.59 31.99 4.99
CA ARG F 229 -2.71 32.82 4.58
C ARG F 229 -3.89 31.97 4.12
N ALA F 230 -3.63 30.77 3.57
CA ALA F 230 -4.75 29.88 3.26
C ALA F 230 -5.51 29.45 4.52
N LEU F 231 -4.87 29.46 5.69
CA LEU F 231 -5.61 29.20 6.92
C LEU F 231 -6.82 30.14 7.03
N LEU F 232 -6.62 31.42 6.74
CA LEU F 232 -7.72 32.37 6.86
C LEU F 232 -8.83 32.08 5.84
N ASP F 233 -8.46 31.62 4.64
CA ASP F 233 -9.47 31.30 3.64
C ASP F 233 -10.30 30.10 4.06
N VAL F 234 -9.68 29.05 4.60
CA VAL F 234 -10.45 27.89 5.01
C VAL F 234 -11.23 28.15 6.31
N MET F 235 -10.79 29.12 7.11
CA MET F 235 -11.63 29.56 8.23
C MET F 235 -12.92 30.20 7.75
N ALA F 236 -12.88 30.90 6.62
CA ALA F 236 -14.09 31.55 6.12
C ALA F 236 -15.17 30.55 5.75
N THR F 237 -14.79 29.34 5.32
CA THR F 237 -15.77 28.31 5.02
C THR F 237 -15.89 27.27 6.13
N ALA F 238 -15.34 27.54 7.30
CA ALA F 238 -15.41 26.59 8.40
C ALA F 238 -16.84 26.41 8.88
N ARG F 239 -17.12 25.23 9.43
CA ARG F 239 -18.45 24.93 9.93
C ARG F 239 -18.52 24.77 11.45
N HIS F 240 -17.41 24.42 12.11
CA HIS F 240 -17.47 24.11 13.53
C HIS F 240 -16.50 24.93 14.37
N ILE F 241 -15.22 24.95 14.01
CA ILE F 241 -14.22 25.60 14.85
C ILE F 241 -14.47 27.10 14.86
N GLU F 242 -14.69 27.64 16.05
CA GLU F 242 -15.01 29.06 16.22
C GLU F 242 -13.79 29.91 16.47
N ARG F 243 -12.76 29.33 17.09
CA ARG F 243 -11.55 30.08 17.41
C ARG F 243 -10.39 29.11 17.43
N VAL F 244 -9.21 29.64 17.09
CA VAL F 244 -7.96 28.90 17.10
C VAL F 244 -6.95 29.77 17.84
N GLN F 245 -6.30 29.22 18.86
CA GLN F 245 -5.32 30.02 19.59
C GLN F 245 -3.92 29.67 19.12
N VAL F 246 -3.12 30.69 18.81
CA VAL F 246 -1.70 30.55 18.54
C VAL F 246 -0.95 30.87 19.83
N VAL F 247 -0.22 29.88 20.37
CA VAL F 247 0.49 30.07 21.63
C VAL F 247 1.96 29.72 21.45
N ASN F 248 2.77 30.20 22.38
CA ASN F 248 4.22 30.00 22.35
C ASN F 248 4.57 28.68 23.05
N GLY F 249 4.94 27.67 22.26
CA GLY F 249 5.35 26.41 22.82
C GLY F 249 6.72 26.39 23.47
N LEU F 250 7.47 27.49 23.36
CA LEU F 250 8.72 27.61 24.08
C LEU F 250 8.52 28.08 25.52
N VAL F 251 7.29 28.40 25.91
CA VAL F 251 6.96 28.75 27.28
C VAL F 251 6.15 27.60 27.88
N PRO F 252 6.75 26.78 28.75
CA PRO F 252 6.01 25.62 29.28
C PRO F 252 4.75 26.06 29.99
N GLY F 253 3.67 25.30 29.76
CA GLY F 253 2.39 25.55 30.37
C GLY F 253 1.40 26.30 29.49
N ARG F 254 1.86 26.95 28.42
CA ARG F 254 0.94 27.71 27.58
C ARG F 254 0.08 26.77 26.73
N LEU F 255 0.65 25.68 26.23
CA LEU F 255 -0.17 24.70 25.53
C LEU F 255 -1.23 24.13 26.47
N THR F 256 -0.83 23.78 27.69
CA THR F 256 -1.77 23.25 28.67
C THR F 256 -2.89 24.26 28.96
N ALA F 257 -2.51 25.52 29.17
CA ALA F 257 -3.50 26.56 29.46
C ALA F 257 -4.43 26.78 28.27
N ALA F 258 -3.88 26.72 27.04
CA ALA F 258 -4.71 26.95 25.85
C ALA F 258 -5.72 25.84 25.66
N LEU F 259 -5.34 24.60 25.97
CA LEU F 259 -6.25 23.47 25.81
C LEU F 259 -7.42 23.53 26.78
N ARG F 260 -7.27 24.29 27.86
CA ARG F 260 -8.37 24.57 28.77
C ARG F 260 -9.04 25.90 28.45
N GLY F 261 -8.70 26.51 27.31
CA GLY F 261 -9.36 27.72 26.88
C GLY F 261 -8.86 29.00 27.50
N GLU F 262 -7.77 28.95 28.27
CA GLU F 262 -7.22 30.16 28.83
C GLU F 262 -6.52 30.97 27.75
N HIS F 263 -6.59 32.30 27.86
CA HIS F 263 -6.12 33.20 26.83
C HIS F 263 -4.65 33.52 27.08
N VAL F 264 -3.76 32.79 26.43
CA VAL F 264 -2.33 32.92 26.68
C VAL F 264 -1.54 33.26 25.42
N GLY F 265 -2.22 33.46 24.29
CA GLY F 265 -1.58 33.88 23.05
C GLY F 265 -2.54 34.68 22.21
N THR F 266 -2.53 34.44 20.89
CA THR F 266 -3.42 35.15 19.98
C THR F 266 -4.61 34.26 19.65
N LEU F 267 -5.82 34.76 19.93
CA LEU F 267 -7.05 34.09 19.54
C LEU F 267 -7.48 34.60 18.17
N ILE F 268 -7.61 33.69 17.20
CA ILE F 268 -8.15 34.01 15.88
C ILE F 268 -9.60 33.56 15.83
N ARG F 269 -10.52 34.50 15.60
CA ARG F 269 -11.92 34.15 15.39
C ARG F 269 -12.15 33.74 13.95
N THR F 270 -12.73 32.55 13.75
CA THR F 270 -12.94 32.04 12.39
C THR F 270 -14.13 32.66 11.68
N GLY F 271 -15.05 33.31 12.41
CA GLY F 271 -16.29 33.74 11.82
C GLY F 271 -17.41 32.72 11.83
N VAL F 272 -17.16 31.54 12.38
CA VAL F 272 -18.28 30.59 12.57
C VAL F 272 -19.16 31.17 13.68
N ARG F 273 -20.48 31.20 13.51
CA ARG F 273 -21.43 31.73 14.53
C ARG F 273 -21.57 30.74 15.68
N PRO F 274 -21.69 31.16 16.95
CA PRO F 274 -21.87 30.20 18.03
C PRO F 274 -23.29 29.73 18.40
N ALA F 275 -24.08 30.57 19.06
CA ALA F 275 -25.44 30.24 19.55
C ALA F 275 -25.45 28.85 20.17
PB ADP G . 2.01 -28.51 -10.15
O1B ADP G . 1.93 -27.91 -11.53
O2B ADP G . 0.95 -28.08 -9.19
O3B ADP G . 3.40 -28.52 -9.56
PA ADP G . 1.74 -31.25 -9.37
O1A ADP G . 3.11 -31.33 -8.76
O2A ADP G . 0.50 -31.17 -8.53
O3A ADP G . 1.73 -30.06 -10.46
O5' ADP G . 1.60 -32.54 -10.30
C5' ADP G . 0.31 -33.09 -10.42
C4' ADP G . 0.33 -34.35 -9.60
O4' ADP G . -0.72 -35.17 -10.09
C3' ADP G . 1.61 -35.13 -9.82
O3' ADP G . 1.95 -35.69 -8.54
C2' ADP G . 1.21 -36.23 -10.75
O2' ADP G . 2.04 -37.40 -10.63
C1' ADP G . -0.15 -36.47 -10.16
N9 ADP G . -1.05 -37.33 -10.90
C8 ADP G . -1.96 -38.06 -10.22
N7 ADP G . -2.69 -38.78 -11.08
C5 ADP G . -2.25 -38.52 -12.31
C6 ADP G . -2.61 -38.98 -13.66
N6 ADP G . -3.61 -39.87 -13.77
N1 ADP G . -1.93 -38.50 -14.72
C2 ADP G . -0.94 -37.62 -14.55
N3 ADP G . -0.55 -37.14 -13.34
C4 ADP G . -1.16 -37.56 -12.20
P PO4 H . 2.00 -28.64 -10.08
O1 PO4 H . 1.91 -28.74 -11.58
O2 PO4 H . 1.55 -29.94 -9.45
O3 PO4 H . 3.43 -28.36 -9.68
O4 PO4 H . 1.11 -27.53 -9.61
P PO4 I . -0.17 -25.62 -5.16
O1 PO4 I . -0.88 -26.90 -5.50
O2 PO4 I . -0.87 -24.47 -5.82
O3 PO4 I . 1.24 -25.68 -5.65
O4 PO4 I . -0.21 -25.44 -3.65
P PO4 J . -18.17 -26.24 -26.16
O1 PO4 J . -17.62 -26.80 -27.44
O2 PO4 J . -19.62 -26.65 -26.02
O3 PO4 J . -18.06 -24.73 -26.19
O4 PO4 J . -17.38 -26.77 -24.99
NA NA K . 11.62 -9.88 -13.20
PG ATP L . -26.61 -6.22 -1.33
O1G ATP L . -25.78 -5.39 -2.28
O2G ATP L . -26.24 -5.98 0.13
O3G ATP L . -26.77 -7.68 -1.67
PB ATP L . -29.39 -5.97 -0.54
O1B ATP L . -29.30 -7.33 0.12
O2B ATP L . -29.76 -4.78 0.28
O3B ATP L . -28.09 -5.56 -1.43
PA ATP L . -31.20 -7.25 -2.39
O1A ATP L . -30.76 -7.25 -3.83
O2A ATP L . -31.06 -8.55 -1.61
O3A ATP L . -30.47 -5.99 -1.73
O5' ATP L . -32.71 -6.76 -2.34
C5' ATP L . -33.64 -7.16 -1.34
C4' ATP L . -34.89 -7.31 -2.19
O4' ATP L . -34.85 -8.59 -2.82
C3' ATP L . -36.23 -7.28 -1.47
O3' ATP L . -36.67 -5.94 -1.27
C2' ATP L . -37.11 -8.00 -2.48
O2' ATP L . -37.76 -7.04 -3.30
C1' ATP L . -36.15 -8.84 -3.32
N9 ATP L . -36.49 -10.28 -3.28
C8 ATP L . -36.39 -11.11 -4.35
N7 ATP L . -36.78 -12.35 -4.04
C5 ATP L . -37.15 -12.36 -2.74
C6 ATP L . -37.66 -13.37 -1.80
N6 ATP L . -37.86 -14.64 -2.22
N1 ATP L . -37.93 -12.98 -0.54
C2 ATP L . -37.73 -11.69 -0.13
N3 ATP L . -37.26 -10.72 -0.92
C4 ATP L . -36.96 -10.99 -2.24
MG MG M . -30.13 -9.12 0.14
PB ADP N . 27.60 12.39 -1.48
O1B ADP N . 27.86 11.63 -2.75
O2B ADP N . 26.87 13.69 -1.65
O3B ADP N . 27.16 11.52 -0.35
PA ADP N . 29.59 13.59 0.20
O1A ADP N . 29.03 12.97 1.45
O2A ADP N . 29.52 15.08 -0.01
O3A ADP N . 29.09 12.83 -1.10
O5' ADP N . 31.15 13.19 0.16
C5' ADP N . 31.99 13.80 -0.80
C4' ADP N . 32.83 14.81 -0.03
O4' ADP N . 33.74 14.13 0.85
C3' ADP N . 33.70 15.65 -0.94
O3' ADP N . 33.06 16.86 -1.32
C2' ADP N . 34.90 15.96 -0.07
O2' ADP N . 34.94 17.36 0.25
C1' ADP N . 34.73 15.09 1.18
N9 ADP N . 36.01 14.42 1.53
C8 ADP N . 36.45 14.19 2.78
N7 ADP N . 37.66 13.59 2.78
C5 ADP N . 38.01 13.43 1.50
C6 ADP N . 39.19 12.86 0.81
N6 ADP N . 40.21 12.35 1.54
N1 ADP N . 39.20 12.87 -0.53
C2 ADP N . 38.19 13.39 -1.24
N3 ADP N . 37.08 13.92 -0.68
C4 ADP N . 36.94 13.98 0.67
MG MG O . 27.97 11.25 1.37
P PO4 P . 23.56 10.64 3.09
O1 PO4 P . 23.03 9.33 2.56
O2 PO4 P . 24.99 10.51 3.50
O3 PO4 P . 23.43 11.67 2.02
O4 PO4 P . 22.75 11.02 4.30
PG ATP Q . 15.11 -19.86 12.95
O1G ATP Q . 14.56 -19.91 11.55
O2G ATP Q . 14.13 -19.27 13.93
O3G ATP Q . 16.50 -19.26 13.07
PB ATP Q . 15.47 -22.03 14.85
O1B ATP Q . 16.22 -21.03 15.69
O2B ATP Q . 14.21 -22.67 15.35
O3B ATP Q . 15.18 -21.43 13.37
PA ATP Q . 18.00 -23.32 14.36
O1A ATP Q . 18.30 -23.23 12.86
O2A ATP Q . 18.68 -22.37 15.30
O3A ATP Q . 16.39 -23.30 14.49
O5' ATP Q . 18.32 -24.83 14.78
C5' ATP Q . 18.32 -25.26 16.15
C4' ATP Q . 19.33 -26.39 16.14
O4' ATP Q . 20.65 -25.85 16.08
C3' ATP Q . 19.37 -27.27 17.37
O3' ATP Q . 18.30 -28.22 17.39
C2' ATP Q . 20.74 -27.93 17.21
O2' ATP Q . 20.60 -29.17 16.50
C1' ATP Q . 21.51 -26.95 16.32
N9 ATP Q . 22.80 -26.53 16.90
C8 ATP Q . 23.94 -26.38 16.17
N7 ATP Q . 24.97 -26.02 16.96
C5 ATP Q . 24.50 -25.92 18.23
C6 ATP Q . 25.09 -25.57 19.54
N6 ATP Q . 26.39 -25.25 19.64
N1 ATP Q . 24.27 -25.60 20.61
C2 ATP Q . 22.97 -25.92 20.52
N3 ATP Q . 22.38 -26.24 19.35
C4 ATP Q . 23.08 -26.26 18.19
MG MG R . 18.00 -20.84 16.53
PB ADP S . -27.96 17.83 -14.27
O1B ADP S . -28.40 17.50 -15.69
O2B ADP S . -26.62 17.23 -13.89
O3B ADP S . -29.04 17.59 -13.23
PA ADP S . -26.38 20.25 -14.48
O1A ADP S . -25.28 19.59 -13.67
O2A ADP S . -26.67 21.72 -14.32
O3A ADP S . -27.77 19.44 -14.27
O5' ADP S . -26.07 19.98 -16.05
C5' ADP S . -25.57 18.74 -16.51
C4' ADP S . -24.70 18.93 -17.75
O4' ADP S . -25.17 20.03 -18.53
C3' ADP S . -23.27 19.22 -17.31
O3' ADP S . -22.38 18.34 -17.99
C2' ADP S . -23.05 20.65 -17.75
O2' ADP S . -21.71 20.90 -18.18
C1' ADP S . -24.05 20.84 -18.87
N9 ADP S . -24.39 22.29 -18.94
C8 ADP S . -25.04 23.01 -18.01
N7 ADP S . -25.15 24.31 -18.39
C5 ADP S . -24.55 24.42 -19.59
C6 ADP S . -24.30 25.52 -20.56
N6 ADP S . -24.73 26.79 -20.31
N1 ADP S . -23.63 25.22 -21.70
C2 ADP S . -23.20 23.97 -21.95
N3 ADP S . -23.38 22.93 -21.13
C4 ADP S . -24.04 23.09 -19.95
P PO4 T . -18.07 14.41 -11.18
O1 PO4 T . -18.25 13.41 -12.27
O2 PO4 T . -16.62 14.74 -11.01
O3 PO4 T . -18.74 15.70 -11.58
O4 PO4 T . -18.66 13.85 -9.91
P PO4 U . -19.06 15.59 -17.15
O1 PO4 U . -18.50 15.78 -18.54
O2 PO4 U . -17.93 15.47 -16.18
O3 PO4 U . -19.89 14.35 -17.15
O4 PO4 U . -19.92 16.77 -16.78
PG ATP V . 5.40 25.26 9.78
O1G ATP V . 6.29 24.52 8.80
O2G ATP V . 4.81 24.41 10.90
O3G ATP V . 4.38 26.10 9.06
PB ATP V . 6.16 27.18 11.85
O1B ATP V . 4.69 27.50 11.92
O2B ATP V . 6.86 26.54 13.01
O3B ATP V . 6.45 26.25 10.53
PA ATP V . 6.57 29.73 10.65
O1A ATP V . 7.03 29.47 9.23
O2A ATP V . 5.10 29.99 10.90
O3A ATP V . 7.05 28.47 11.52
O5' ATP V . 7.48 30.88 11.25
C5' ATP V . 7.24 31.43 12.56
C4' ATP V . 7.82 32.84 12.45
O4' ATP V . 6.99 33.66 11.62
C3' ATP V . 7.88 33.63 13.73
O3' ATP V . 9.03 33.28 14.49
C2' ATP V . 8.03 35.05 13.20
O2' ATP V . 9.41 35.36 13.06
C1' ATP V . 7.46 35.00 11.79
N9 ATP V . 6.41 36.01 11.57
C8 ATP V . 6.25 36.70 10.42
N7 ATP V . 5.22 37.58 10.52
C5 ATP V . 4.72 37.47 11.76
C6 ATP V . 3.62 38.13 12.52
N6 ATP V . 2.87 39.08 11.94
N1 ATP V . 3.41 37.73 13.80
C2 ATP V . 4.16 36.78 14.39
N3 ATP V . 5.17 36.14 13.75
C4 ATP V . 5.50 36.45 12.46
MG MG W . 3.49 29.07 11.84
#